data_1DDX
#
_entry.id   1DDX
#
_cell.length_a   180.240
_cell.length_b   134.800
_cell.length_c   122.510
_cell.angle_alpha   90.00
_cell.angle_beta   90.00
_cell.angle_gamma   90.00
#
_symmetry.space_group_name_H-M   'P 21 21 2'
#
loop_
_entity.id
_entity.type
_entity.pdbx_description
1 polymer 'PROTEIN (PROSTAGLANDIN H2 SYNTHASE-2)'
2 branched 2-acetamido-2-deoxy-beta-D-glucopyranose-(1-4)-2-acetamido-2-deoxy-beta-D-glucopyranose
3 non-polymer 2-acetamido-2-deoxy-beta-D-glucopyranose
4 non-polymer 'octyl beta-D-glucopyranoside'
5 non-polymer '7-[6-(3-HYDROPEROXY-OCT-1-ENYL)-2,3-DIOXA-BICYCLO[2.2.1]HEPT-5-YL]-HEPT-5-ENOIC ACID'
6 water water
#
_entity_poly.entity_id   1
_entity_poly.type   'polypeptide(L)'
_entity_poly.pdbx_seq_one_letter_code
;ANPCCSNPCQNRGECMSTGFDQYKCDCTRTGFYGENCTTPEFLTRIKLLLKPTPNTVHYILTHFKGVWNIVNNIPFLRSL
IMKYVLTSRSYLIDSPPTYNVHYGYKSWEAFSNLSYYTRALPPVADDCPTPMGVKGNKELPDSKEVLEKVLLRREFIPDP
QGSNMMFAFFAQHFTHQFFKTDHKRGPGFTRGLGHGVDLNHIYGETLDRQHKLRLFKDGKLKYQVIGGEVYPPTVKDTQV
EMIYPPHIPENLQFAVGQEVFGLVPGLMMYATIWLREHNRVCDILKQEHPEWGDEQLFQTSRLILIGETIKIVIEDYVQH
LSGYHFKLKFDPELLFNQQFQYQNRIASEFNTLYHWHPLLPDTFNIEDQEYSFKQFLYNNSILLEHGLTQFVESFTRQIA
GRVAGGRNVPIAVQAVAKASIDQSREMKYQSLNEYRKRFSLKPYTSFEELTGEKEMAAELKALYSDIDVMELYPALLVEK
PRPDAIFGETMVELGAPFSLKGLMGNPICSPQYWKPSTFGGEVGFKIINTASIQSLICNNVKGCPFTSFNVQ
;
_entity_poly.pdbx_strand_id   A,B,C,D
#
loop_
_chem_comp.id
_chem_comp.type
_chem_comp.name
_chem_comp.formula
BOG D-saccharide 'octyl beta-D-glucopyranoside' 'C14 H28 O6'
NAG D-saccharide, beta linking 2-acetamido-2-deoxy-beta-D-glucopyranose 'C8 H15 N O6'
PGX non-polymer '7-[6-(3-HYDROPEROXY-OCT-1-ENYL)-2,3-DIOXA-BICYCLO[2.2.1]HEPT-5-YL]-HEPT-5-ENOIC ACID' 'C20 H32 O6'
#
# COMPACT_ATOMS: atom_id res chain seq x y z
N ALA A 1 50.06 -16.03 -33.05
CA ALA A 1 50.14 -17.50 -33.38
C ALA A 1 48.90 -18.26 -32.88
N ASN A 2 48.15 -17.63 -31.98
CA ASN A 2 46.96 -18.25 -31.42
C ASN A 2 45.88 -18.58 -32.44
N PRO A 3 45.66 -19.88 -32.68
CA PRO A 3 44.66 -20.38 -33.62
C PRO A 3 43.25 -19.89 -33.31
N CYS A 4 43.07 -19.25 -32.17
CA CYS A 4 41.74 -18.77 -31.80
C CYS A 4 41.60 -17.32 -32.21
N CYS A 5 42.74 -16.67 -32.39
CA CYS A 5 42.81 -15.26 -32.77
C CYS A 5 41.63 -14.82 -33.65
N SER A 6 41.32 -15.62 -34.67
CA SER A 6 40.24 -15.31 -35.60
C SER A 6 38.81 -15.36 -35.04
N ASN A 7 38.66 -15.45 -33.71
CA ASN A 7 37.33 -15.52 -33.09
C ASN A 7 36.38 -16.49 -33.83
N PRO A 8 36.90 -17.66 -34.25
CA PRO A 8 36.11 -18.67 -34.99
C PRO A 8 34.81 -19.18 -34.38
N CYS A 9 34.86 -19.53 -33.10
CA CYS A 9 33.69 -20.08 -32.42
C CYS A 9 32.55 -19.10 -32.34
N GLN A 10 31.40 -19.51 -32.86
CA GLN A 10 30.20 -18.68 -32.87
C GLN A 10 29.15 -19.03 -31.81
N ASN A 11 28.17 -18.14 -31.66
CA ASN A 11 27.07 -18.31 -30.71
C ASN A 11 27.50 -18.63 -29.28
N ARG A 12 28.31 -17.74 -28.71
CA ARG A 12 28.79 -17.92 -27.35
C ARG A 12 29.65 -19.18 -27.21
N GLY A 13 30.01 -19.80 -28.34
CA GLY A 13 30.85 -20.97 -28.31
C GLY A 13 32.19 -20.61 -27.68
N GLU A 14 32.96 -21.59 -27.24
CA GLU A 14 34.25 -21.28 -26.63
C GLU A 14 35.40 -21.86 -27.42
N CYS A 15 36.36 -21.02 -27.77
CA CYS A 15 37.50 -21.48 -28.53
C CYS A 15 38.64 -21.95 -27.63
N MET A 16 39.26 -23.07 -28.00
CA MET A 16 40.36 -23.63 -27.24
C MET A 16 41.46 -24.12 -28.18
N SER A 17 42.69 -23.72 -27.87
CA SER A 17 43.87 -24.09 -28.66
C SER A 17 44.21 -25.56 -28.52
N THR A 18 43.75 -26.36 -29.48
CA THR A 18 44.02 -27.79 -29.45
C THR A 18 45.33 -28.10 -30.12
N GLY A 19 46.36 -27.33 -29.81
CA GLY A 19 47.64 -27.53 -30.42
C GLY A 19 48.13 -26.19 -30.94
N PHE A 20 49.41 -26.09 -31.26
CA PHE A 20 50.01 -24.84 -31.74
C PHE A 20 49.25 -24.09 -32.84
N ASP A 21 48.87 -24.79 -33.90
CA ASP A 21 48.15 -24.15 -35.00
C ASP A 21 46.81 -24.80 -35.31
N GLN A 22 46.06 -25.15 -34.26
CA GLN A 22 44.74 -25.77 -34.38
C GLN A 22 43.91 -25.33 -33.17
N TYR A 23 42.59 -25.35 -33.29
CA TYR A 23 41.74 -24.94 -32.18
C TYR A 23 40.49 -25.82 -32.05
N LYS A 24 39.62 -25.45 -31.13
CA LYS A 24 38.38 -26.20 -30.92
C LYS A 24 37.29 -25.34 -30.30
N CYS A 25 36.05 -25.61 -30.71
CA CYS A 25 34.89 -24.88 -30.25
C CYS A 25 34.00 -25.67 -29.29
N ASP A 26 33.72 -25.06 -28.15
CA ASP A 26 32.91 -25.66 -27.10
C ASP A 26 31.47 -25.18 -27.25
N CYS A 27 30.76 -25.76 -28.21
CA CYS A 27 29.38 -25.40 -28.46
C CYS A 27 28.50 -26.12 -27.43
N THR A 28 28.66 -25.75 -26.17
CA THR A 28 27.92 -26.38 -25.10
C THR A 28 26.72 -25.54 -24.66
N ARG A 29 25.53 -26.13 -24.75
CA ARG A 29 24.31 -25.44 -24.37
C ARG A 29 24.14 -24.20 -25.26
N THR A 30 24.91 -24.17 -26.33
CA THR A 30 24.89 -23.07 -27.30
C THR A 30 23.66 -23.18 -28.21
N GLY A 31 23.46 -24.37 -28.75
CA GLY A 31 22.33 -24.59 -29.64
C GLY A 31 22.84 -24.88 -31.04
N PHE A 32 24.15 -25.00 -31.18
CA PHE A 32 24.75 -25.27 -32.48
C PHE A 32 25.92 -26.21 -32.36
N TYR A 33 26.06 -27.11 -33.33
CA TYR A 33 27.20 -28.01 -33.34
C TYR A 33 28.16 -27.48 -34.42
N GLY A 34 28.79 -28.38 -35.15
CA GLY A 34 29.70 -27.93 -36.17
C GLY A 34 30.97 -27.39 -35.55
N GLU A 35 32.08 -27.56 -36.25
CA GLU A 35 33.37 -27.11 -35.78
C GLU A 35 33.36 -25.67 -35.27
N ASN A 36 32.44 -24.86 -35.80
CA ASN A 36 32.38 -23.45 -35.38
C ASN A 36 31.16 -23.05 -34.57
N CYS A 37 30.36 -24.03 -34.15
CA CYS A 37 29.15 -23.77 -33.36
C CYS A 37 28.14 -23.05 -34.20
N THR A 38 28.06 -23.48 -35.45
CA THR A 38 27.17 -22.89 -36.43
C THR A 38 25.92 -23.75 -36.67
N THR A 39 26.10 -24.98 -37.13
CA THR A 39 24.95 -25.84 -37.37
C THR A 39 24.05 -25.80 -36.12
N PRO A 40 22.80 -25.36 -36.29
CA PRO A 40 21.91 -25.30 -35.13
C PRO A 40 21.13 -26.57 -34.92
N GLU A 41 20.47 -26.66 -33.77
CA GLU A 41 19.64 -27.82 -33.46
C GLU A 41 18.23 -27.37 -33.78
N PHE A 42 17.30 -28.30 -33.79
CA PHE A 42 15.92 -27.96 -34.11
C PHE A 42 15.33 -26.85 -33.24
N LEU A 43 15.06 -27.12 -31.97
CA LEU A 43 14.48 -26.10 -31.11
C LEU A 43 15.18 -24.78 -31.33
N THR A 44 16.47 -24.84 -31.62
CA THR A 44 17.25 -23.62 -31.87
C THR A 44 16.55 -22.85 -32.98
N ARG A 45 16.37 -23.53 -34.11
CA ARG A 45 15.71 -22.97 -35.27
C ARG A 45 14.39 -22.35 -34.86
N ILE A 46 13.47 -23.20 -34.41
CA ILE A 46 12.15 -22.74 -34.00
C ILE A 46 12.25 -21.57 -33.01
N LYS A 47 13.34 -21.55 -32.26
CA LYS A 47 13.57 -20.48 -31.29
C LYS A 47 13.88 -19.20 -32.02
N LEU A 48 14.66 -19.31 -33.09
CA LEU A 48 15.04 -18.15 -33.90
C LEU A 48 13.92 -17.68 -34.82
N LEU A 49 13.17 -18.63 -35.34
CA LEU A 49 12.05 -18.34 -36.23
C LEU A 49 10.87 -17.94 -35.37
N LEU A 50 11.17 -17.24 -34.30
CA LEU A 50 10.17 -16.76 -33.34
C LEU A 50 10.87 -15.68 -32.52
N LYS A 51 12.05 -15.27 -33.00
CA LYS A 51 12.87 -14.25 -32.35
C LYS A 51 12.81 -12.95 -33.14
N PRO A 52 11.97 -12.00 -32.69
CA PRO A 52 11.78 -10.69 -33.33
C PRO A 52 12.97 -9.73 -33.14
N THR A 53 13.38 -9.09 -34.23
CA THR A 53 14.50 -8.15 -34.14
C THR A 53 14.29 -7.07 -33.07
N PRO A 54 15.36 -6.70 -32.36
CA PRO A 54 15.29 -5.68 -31.31
C PRO A 54 14.64 -4.41 -31.81
N ASN A 55 14.93 -4.08 -33.06
CA ASN A 55 14.40 -2.89 -33.69
C ASN A 55 12.89 -3.04 -33.78
N THR A 56 12.47 -4.23 -34.20
CA THR A 56 11.05 -4.51 -34.31
C THR A 56 10.42 -4.17 -32.95
N VAL A 57 10.86 -4.92 -31.94
CA VAL A 57 10.37 -4.74 -30.59
C VAL A 57 10.42 -3.29 -30.16
N HIS A 58 11.63 -2.74 -30.17
CA HIS A 58 11.82 -1.35 -29.80
C HIS A 58 10.67 -0.56 -30.40
N TYR A 59 10.42 -0.82 -31.67
CA TYR A 59 9.36 -0.16 -32.38
C TYR A 59 8.07 -0.35 -31.58
N ILE A 60 7.59 -1.60 -31.55
CA ILE A 60 6.36 -1.90 -30.84
C ILE A 60 6.31 -1.28 -29.46
N LEU A 61 7.48 -1.16 -28.83
CA LEU A 61 7.58 -0.58 -27.49
C LEU A 61 7.31 0.90 -27.46
N THR A 62 7.68 1.55 -28.55
CA THR A 62 7.54 3.00 -28.69
C THR A 62 6.33 3.43 -29.50
N HIS A 63 5.47 2.48 -29.87
CA HIS A 63 4.29 2.82 -30.63
C HIS A 63 2.99 2.40 -29.96
N PHE A 64 1.93 2.25 -30.75
CA PHE A 64 0.63 1.84 -30.24
C PHE A 64 0.31 2.46 -28.88
N LYS A 65 0.91 3.62 -28.60
CA LYS A 65 0.71 4.32 -27.34
C LYS A 65 -0.67 4.09 -26.71
N GLY A 66 -1.71 4.07 -27.53
CA GLY A 66 -3.03 3.84 -26.99
C GLY A 66 -3.08 2.53 -26.22
N VAL A 67 -2.69 1.45 -26.89
CA VAL A 67 -2.67 0.11 -26.31
C VAL A 67 -1.79 0.12 -25.06
N TRP A 68 -0.57 0.65 -25.19
CA TRP A 68 0.34 0.71 -24.06
C TRP A 68 -0.33 1.36 -22.86
N ASN A 69 -1.19 2.33 -23.13
CA ASN A 69 -1.91 3.01 -22.07
C ASN A 69 -2.87 2.03 -21.39
N ILE A 70 -3.43 1.13 -22.18
CA ILE A 70 -4.34 0.14 -21.65
C ILE A 70 -3.62 -0.76 -20.65
N VAL A 71 -2.54 -1.40 -21.11
CA VAL A 71 -1.74 -2.28 -20.27
C VAL A 71 -1.14 -1.54 -19.08
N ASN A 72 -0.65 -0.33 -19.32
CA ASN A 72 -0.04 0.47 -18.27
C ASN A 72 -0.96 0.66 -17.07
N ASN A 73 -2.16 0.11 -17.16
CA ASN A 73 -3.14 0.24 -16.07
C ASN A 73 -3.75 -1.08 -15.59
N ILE A 74 -3.29 -2.20 -16.14
CA ILE A 74 -3.77 -3.52 -15.75
C ILE A 74 -2.62 -4.32 -15.16
N PRO A 75 -2.35 -4.10 -13.85
CA PRO A 75 -1.31 -4.73 -13.05
C PRO A 75 -0.73 -6.01 -13.60
N PHE A 76 -1.50 -7.10 -13.58
CA PHE A 76 -0.97 -8.35 -14.09
C PHE A 76 -0.35 -8.15 -15.45
N LEU A 77 -1.07 -7.46 -16.33
CA LEU A 77 -0.56 -7.23 -17.66
C LEU A 77 0.79 -6.54 -17.61
N ARG A 78 0.81 -5.34 -17.04
CA ARG A 78 2.04 -4.57 -16.92
C ARG A 78 3.19 -5.48 -16.47
N SER A 79 3.03 -6.03 -15.28
CA SER A 79 4.03 -6.92 -14.72
C SER A 79 4.36 -7.98 -15.74
N LEU A 80 3.35 -8.73 -16.15
CA LEU A 80 3.53 -9.80 -17.13
C LEU A 80 4.52 -9.36 -18.20
N ILE A 81 4.40 -8.10 -18.61
CA ILE A 81 5.28 -7.53 -19.61
C ILE A 81 6.66 -7.26 -19.01
N MET A 82 6.70 -6.29 -18.10
CA MET A 82 7.93 -5.88 -17.44
C MET A 82 8.80 -7.09 -17.14
N LYS A 83 8.12 -8.13 -16.68
CA LYS A 83 8.77 -9.39 -16.36
C LYS A 83 9.38 -9.89 -17.66
N TYR A 84 8.53 -10.07 -18.66
CA TYR A 84 8.99 -10.55 -19.95
C TYR A 84 10.24 -9.79 -20.32
N VAL A 85 10.19 -8.48 -20.17
CA VAL A 85 11.34 -7.66 -20.51
C VAL A 85 12.50 -8.06 -19.62
N LEU A 86 12.22 -8.20 -18.33
CA LEU A 86 13.25 -8.60 -17.38
C LEU A 86 13.92 -9.88 -17.86
N THR A 87 13.11 -10.92 -18.02
CA THR A 87 13.57 -12.23 -18.47
C THR A 87 14.16 -12.24 -19.88
N SER A 88 13.61 -11.42 -20.78
CA SER A 88 14.11 -11.38 -22.15
C SER A 88 15.60 -11.23 -22.10
N ARG A 89 16.06 -10.22 -21.36
CA ARG A 89 17.49 -9.96 -21.22
C ARG A 89 18.10 -11.12 -20.46
N SER A 90 18.12 -11.02 -19.12
CA SER A 90 18.65 -12.06 -18.24
C SER A 90 19.63 -13.06 -18.86
N TYR A 91 19.11 -14.02 -19.61
CA TYR A 91 19.94 -15.05 -20.25
C TYR A 91 21.13 -14.55 -21.07
N LEU A 92 21.46 -13.27 -20.95
CA LEU A 92 22.56 -12.73 -21.73
C LEU A 92 23.90 -12.63 -21.02
N ILE A 93 23.93 -11.99 -19.85
CA ILE A 93 25.18 -11.81 -19.10
C ILE A 93 25.81 -13.11 -18.59
N ASP A 94 27.10 -13.03 -18.30
CA ASP A 94 27.84 -14.17 -17.80
C ASP A 94 27.96 -14.16 -16.27
N SER A 95 26.86 -14.39 -15.56
CA SER A 95 26.92 -14.43 -14.10
C SER A 95 26.67 -15.83 -13.59
N PRO A 96 27.58 -16.34 -12.74
CA PRO A 96 28.79 -15.67 -12.25
C PRO A 96 29.85 -15.29 -13.31
N PRO A 97 30.56 -14.16 -13.08
CA PRO A 97 31.61 -13.59 -13.93
C PRO A 97 32.57 -14.58 -14.54
N THR A 98 33.15 -14.20 -15.67
CA THR A 98 34.09 -15.07 -16.37
C THR A 98 35.41 -14.36 -16.61
N TYR A 99 35.65 -13.93 -17.85
CA TYR A 99 36.90 -13.25 -18.22
C TYR A 99 37.08 -11.81 -17.78
N ASN A 100 38.32 -11.35 -17.94
CA ASN A 100 38.70 -9.99 -17.59
C ASN A 100 39.89 -9.59 -18.46
N VAL A 101 40.42 -8.41 -18.18
CA VAL A 101 41.56 -7.88 -18.93
C VAL A 101 42.60 -8.96 -19.22
N HIS A 102 43.29 -9.41 -18.17
CA HIS A 102 44.34 -10.40 -18.33
C HIS A 102 43.93 -11.82 -18.62
N TYR A 103 42.66 -12.16 -18.47
CA TYR A 103 42.28 -13.53 -18.69
C TYR A 103 41.25 -13.81 -19.76
N GLY A 104 41.70 -14.50 -20.80
CA GLY A 104 40.84 -14.87 -21.91
C GLY A 104 40.19 -16.23 -21.74
N TYR A 105 40.67 -16.98 -20.76
CA TYR A 105 40.08 -18.30 -20.45
C TYR A 105 39.52 -18.13 -19.05
N LYS A 106 38.57 -19.00 -18.66
CA LYS A 106 38.00 -18.90 -17.32
C LYS A 106 39.11 -19.27 -16.38
N SER A 107 39.24 -18.51 -15.30
CA SER A 107 40.28 -18.79 -14.34
C SER A 107 39.80 -18.38 -12.95
N TRP A 108 40.39 -19.02 -11.92
CA TRP A 108 40.02 -18.71 -10.56
C TRP A 108 40.44 -17.29 -10.28
N GLU A 109 41.72 -17.02 -10.52
CA GLU A 109 42.31 -15.71 -10.31
C GLU A 109 41.32 -14.72 -10.86
N ALA A 110 40.74 -15.09 -12.00
CA ALA A 110 39.75 -14.27 -12.68
C ALA A 110 38.57 -14.13 -11.72
N PHE A 111 37.68 -15.12 -11.75
CA PHE A 111 36.50 -15.12 -10.90
C PHE A 111 36.70 -14.60 -9.46
N SER A 112 37.93 -14.69 -8.96
CA SER A 112 38.20 -14.26 -7.60
C SER A 112 38.49 -12.77 -7.43
N ASN A 113 39.58 -12.29 -8.04
CA ASN A 113 40.00 -10.88 -7.97
C ASN A 113 38.83 -9.90 -8.21
N LEU A 114 38.55 -9.09 -7.21
CA LEU A 114 37.45 -8.15 -7.31
C LEU A 114 37.87 -6.77 -7.76
N SER A 115 39.17 -6.55 -7.90
CA SER A 115 39.65 -5.24 -8.34
C SER A 115 39.54 -5.18 -9.86
N TYR A 116 39.39 -6.33 -10.51
CA TYR A 116 39.25 -6.38 -11.97
C TYR A 116 37.84 -5.96 -12.38
N TYR A 117 37.65 -5.78 -13.68
CA TYR A 117 36.35 -5.43 -14.25
C TYR A 117 36.12 -6.68 -15.10
N THR A 118 34.95 -7.29 -14.98
CA THR A 118 34.75 -8.50 -15.78
C THR A 118 34.59 -8.07 -17.22
N ARG A 119 34.83 -8.96 -18.16
CA ARG A 119 34.68 -8.60 -19.57
C ARG A 119 33.69 -9.49 -20.31
N ALA A 120 32.64 -8.88 -20.84
CA ALA A 120 31.61 -9.60 -21.57
C ALA A 120 32.21 -10.41 -22.71
N LEU A 121 33.37 -9.98 -23.20
CA LEU A 121 34.07 -10.68 -24.27
C LEU A 121 35.55 -10.69 -23.92
N PRO A 122 36.19 -11.84 -24.14
CA PRO A 122 37.61 -11.98 -23.82
C PRO A 122 38.48 -11.02 -24.61
N PRO A 123 39.64 -10.66 -24.04
CA PRO A 123 40.52 -9.75 -24.76
C PRO A 123 41.12 -10.53 -25.94
N VAL A 124 42.14 -9.96 -26.56
CA VAL A 124 42.79 -10.62 -27.68
C VAL A 124 44.24 -10.96 -27.36
N ALA A 125 44.60 -12.20 -27.62
CA ALA A 125 45.95 -12.66 -27.35
C ALA A 125 46.95 -11.64 -27.81
N ASP A 126 47.81 -11.21 -26.89
CA ASP A 126 48.84 -10.26 -27.21
C ASP A 126 49.71 -10.87 -28.28
N ASP A 127 49.55 -12.17 -28.48
CA ASP A 127 50.31 -12.90 -29.48
C ASP A 127 49.60 -12.86 -30.83
N CYS A 128 48.34 -12.42 -30.79
CA CYS A 128 47.53 -12.29 -32.02
C CYS A 128 48.25 -11.32 -32.96
N PRO A 129 48.09 -11.50 -34.28
CA PRO A 129 48.73 -10.64 -35.30
C PRO A 129 48.19 -9.21 -35.42
N THR A 130 46.88 -9.09 -35.56
CA THR A 130 46.26 -7.79 -35.71
C THR A 130 45.40 -7.45 -34.50
N PRO A 131 45.35 -6.17 -34.15
CA PRO A 131 44.58 -5.64 -33.03
C PRO A 131 43.18 -6.25 -32.84
N MET A 132 42.57 -6.72 -33.91
CA MET A 132 41.24 -7.32 -33.77
C MET A 132 41.38 -8.80 -34.06
N GLY A 133 42.55 -9.34 -33.72
CA GLY A 133 42.80 -10.75 -33.95
C GLY A 133 43.56 -10.97 -35.24
N VAL A 134 42.84 -10.98 -36.35
CA VAL A 134 43.46 -11.17 -37.67
C VAL A 134 43.00 -10.15 -38.72
N LYS A 135 41.71 -9.86 -38.75
CA LYS A 135 41.19 -8.89 -39.70
C LYS A 135 41.71 -7.49 -39.35
N GLY A 136 42.14 -6.74 -40.36
CA GLY A 136 42.65 -5.40 -40.12
C GLY A 136 44.14 -5.26 -40.40
N ASN A 137 44.70 -4.12 -40.03
CA ASN A 137 46.12 -3.88 -40.26
C ASN A 137 46.95 -4.04 -39.00
N LYS A 138 48.26 -3.95 -39.17
CA LYS A 138 49.19 -4.07 -38.05
C LYS A 138 48.76 -3.13 -36.94
N GLU A 139 47.89 -2.19 -37.28
CA GLU A 139 47.39 -1.25 -36.30
C GLU A 139 45.98 -0.78 -36.57
N LEU A 140 45.57 0.20 -35.77
CA LEU A 140 44.25 0.79 -35.87
C LEU A 140 44.36 2.28 -36.18
N PRO A 141 43.34 2.85 -36.84
CA PRO A 141 43.34 4.27 -37.18
C PRO A 141 43.77 5.09 -35.96
N ASP A 142 44.61 6.09 -36.17
CA ASP A 142 45.01 6.92 -35.06
C ASP A 142 43.69 7.42 -34.46
N SER A 143 43.64 7.55 -33.13
CA SER A 143 42.43 8.00 -32.46
C SER A 143 42.10 9.47 -32.73
N LYS A 144 43.13 10.32 -32.61
CA LYS A 144 43.00 11.76 -32.86
C LYS A 144 42.11 11.97 -34.08
N GLU A 145 42.45 11.28 -35.15
CA GLU A 145 41.67 11.34 -36.38
C GLU A 145 40.24 11.03 -36.02
N VAL A 146 39.89 9.75 -36.02
CA VAL A 146 38.55 9.28 -35.67
C VAL A 146 37.84 10.29 -34.76
N LEU A 147 38.54 10.62 -33.67
CA LEU A 147 38.08 11.57 -32.65
C LEU A 147 37.47 12.75 -33.37
N GLU A 148 38.32 13.45 -34.13
CA GLU A 148 37.92 14.62 -34.91
C GLU A 148 37.04 14.16 -36.07
N LYS A 149 37.67 13.42 -36.99
CA LYS A 149 37.01 12.89 -38.17
C LYS A 149 35.55 12.47 -38.01
N VAL A 150 35.08 12.24 -36.79
CA VAL A 150 33.68 11.83 -36.63
C VAL A 150 33.11 11.93 -35.23
N LEU A 151 33.91 12.35 -34.27
CA LEU A 151 33.38 12.40 -32.92
C LEU A 151 33.11 13.78 -32.37
N LEU A 152 34.15 14.60 -32.30
CA LEU A 152 34.00 15.94 -31.77
C LEU A 152 32.80 16.70 -32.32
N ARG A 153 32.05 17.31 -31.42
CA ARG A 153 30.86 18.07 -31.79
C ARG A 153 31.21 19.38 -32.50
N ARG A 154 30.58 19.61 -33.64
CA ARG A 154 30.79 20.86 -34.39
C ARG A 154 29.63 21.72 -33.95
N GLU A 155 28.44 21.41 -34.44
CA GLU A 155 27.25 22.13 -34.06
C GLU A 155 26.61 21.27 -32.98
N PHE A 156 26.37 21.85 -31.80
CA PHE A 156 25.75 21.09 -30.73
C PHE A 156 24.48 20.40 -31.22
N ILE A 157 24.38 19.10 -30.98
CA ILE A 157 23.21 18.36 -31.41
C ILE A 157 22.43 18.05 -30.16
N PRO A 158 21.17 18.51 -30.08
CA PRO A 158 20.38 18.24 -28.88
C PRO A 158 19.84 16.83 -28.98
N ASP A 159 19.62 16.21 -27.83
CA ASP A 159 19.07 14.88 -27.89
C ASP A 159 17.60 15.04 -28.23
N PRO A 160 17.16 14.39 -29.30
CA PRO A 160 15.75 14.51 -29.66
C PRO A 160 14.83 14.08 -28.50
N GLN A 161 15.32 13.18 -27.65
CA GLN A 161 14.55 12.66 -26.52
C GLN A 161 14.24 13.65 -25.38
N GLY A 162 14.86 14.81 -25.41
CA GLY A 162 14.59 15.80 -24.38
C GLY A 162 15.44 15.70 -23.13
N SER A 163 16.46 14.84 -23.18
CA SER A 163 17.34 14.64 -22.05
C SER A 163 17.90 15.94 -21.48
N ASN A 164 17.36 16.41 -20.35
CA ASN A 164 17.83 17.65 -19.74
C ASN A 164 19.14 17.42 -19.01
N MET A 165 19.61 18.45 -18.31
CA MET A 165 20.86 18.37 -17.57
C MET A 165 20.70 17.45 -16.34
N MET A 166 19.50 17.45 -15.75
CA MET A 166 19.21 16.60 -14.61
C MET A 166 19.70 15.21 -15.01
N PHE A 167 18.99 14.60 -15.94
CA PHE A 167 19.36 13.28 -16.39
C PHE A 167 20.86 13.14 -16.50
N ALA A 168 21.46 13.97 -17.34
CA ALA A 168 22.90 13.91 -17.52
C ALA A 168 23.61 13.73 -16.19
N PHE A 169 23.61 14.77 -15.35
CA PHE A 169 24.29 14.69 -14.06
C PHE A 169 23.89 13.47 -13.22
N PHE A 170 22.65 13.02 -13.33
CA PHE A 170 22.22 11.87 -12.58
C PHE A 170 23.10 10.79 -13.14
N ALA A 171 22.75 10.29 -14.32
CA ALA A 171 23.54 9.27 -15.00
C ALA A 171 25.01 9.40 -14.58
N GLN A 172 25.55 10.59 -14.74
CA GLN A 172 26.94 10.85 -14.37
C GLN A 172 27.17 10.43 -12.93
N HIS A 173 26.49 11.14 -12.02
CA HIS A 173 26.57 10.90 -10.58
C HIS A 173 26.33 9.43 -10.25
N PHE A 174 25.16 8.92 -10.64
CA PHE A 174 24.79 7.54 -10.38
C PHE A 174 25.86 6.55 -10.87
N THR A 175 26.07 6.45 -12.17
CA THR A 175 27.06 5.52 -12.68
C THR A 175 28.42 5.62 -12.01
N HIS A 176 28.67 6.72 -11.30
CA HIS A 176 29.96 6.90 -10.66
C HIS A 176 30.26 6.07 -9.42
N GLN A 177 29.35 5.17 -9.08
CA GLN A 177 29.59 4.29 -7.95
C GLN A 177 30.20 3.04 -8.58
N PHE A 178 29.49 2.41 -9.53
CA PHE A 178 30.04 1.21 -10.12
C PHE A 178 31.34 1.51 -10.85
N PHE A 179 31.28 2.35 -11.86
CA PHE A 179 32.50 2.68 -12.59
C PHE A 179 33.31 3.54 -11.66
N LYS A 180 34.57 3.17 -11.44
CA LYS A 180 35.43 3.93 -10.57
C LYS A 180 36.85 3.52 -10.82
N THR A 181 37.11 3.15 -12.06
CA THR A 181 38.44 2.72 -12.49
C THR A 181 39.61 3.26 -11.67
N ASP A 182 40.43 2.34 -11.20
CA ASP A 182 41.60 2.68 -10.43
C ASP A 182 42.73 2.72 -11.43
N HIS A 183 43.11 3.93 -11.83
CA HIS A 183 44.16 4.11 -12.81
C HIS A 183 45.55 3.74 -12.33
N LYS A 184 45.82 3.94 -11.04
CA LYS A 184 47.13 3.58 -10.49
C LYS A 184 47.38 2.14 -10.91
N ARG A 185 46.30 1.36 -10.92
CA ARG A 185 46.38 -0.04 -11.29
C ARG A 185 46.31 -0.20 -12.81
N GLY A 186 45.24 0.31 -13.39
CA GLY A 186 45.07 0.20 -14.82
C GLY A 186 43.65 0.50 -15.23
N PRO A 187 43.37 0.44 -16.54
CA PRO A 187 42.03 0.73 -17.08
C PRO A 187 41.02 -0.35 -16.74
N GLY A 188 41.52 -1.59 -16.69
CA GLY A 188 40.66 -2.73 -16.40
C GLY A 188 40.22 -2.90 -14.96
N PHE A 189 40.88 -2.21 -14.03
CA PHE A 189 40.55 -2.36 -12.61
C PHE A 189 39.62 -1.32 -12.01
N THR A 190 38.63 -1.78 -11.26
CA THR A 190 37.70 -0.90 -10.57
C THR A 190 38.11 -0.79 -9.10
N ARG A 191 37.64 0.27 -8.45
CA ARG A 191 37.96 0.49 -7.05
C ARG A 191 36.68 0.26 -6.27
N GLY A 192 35.58 0.23 -7.00
CA GLY A 192 34.30 0.00 -6.38
C GLY A 192 34.08 -1.50 -6.34
N LEU A 193 34.58 -2.14 -5.29
CA LEU A 193 34.42 -3.58 -5.15
C LEU A 193 32.93 -3.91 -4.96
N GLY A 194 32.16 -2.89 -4.60
CA GLY A 194 30.75 -3.08 -4.43
C GLY A 194 30.17 -3.63 -5.73
N HIS A 195 30.88 -3.41 -6.82
CA HIS A 195 30.43 -3.88 -8.13
C HIS A 195 28.93 -3.77 -8.29
N GLY A 196 28.39 -2.61 -7.99
CA GLY A 196 26.96 -2.43 -8.14
C GLY A 196 26.38 -1.30 -7.33
N VAL A 197 25.07 -1.15 -7.43
CA VAL A 197 24.36 -0.11 -6.71
C VAL A 197 24.46 -0.32 -5.20
N ASP A 198 25.42 0.35 -4.59
CA ASP A 198 25.62 0.22 -3.16
C ASP A 198 25.80 1.59 -2.54
N LEU A 199 25.51 2.64 -3.30
CA LEU A 199 25.62 4.03 -2.84
C LEU A 199 26.91 4.30 -2.09
N ASN A 200 27.97 3.63 -2.53
CA ASN A 200 29.25 3.85 -1.89
C ASN A 200 29.67 5.29 -2.12
N HIS A 201 29.10 5.93 -3.13
CA HIS A 201 29.43 7.31 -3.45
C HIS A 201 28.85 8.24 -2.42
N ILE A 202 27.87 7.75 -1.68
CA ILE A 202 27.25 8.57 -0.65
C ILE A 202 27.89 8.29 0.68
N TYR A 203 28.27 7.04 0.92
CA TYR A 203 28.85 6.67 2.20
C TYR A 203 30.30 6.22 2.17
N GLY A 204 30.99 6.38 1.04
CA GLY A 204 32.38 5.93 0.94
C GLY A 204 32.47 4.42 0.71
N GLU A 205 33.63 3.94 0.27
CA GLU A 205 33.77 2.50 0.07
C GLU A 205 34.20 1.82 1.37
N THR A 206 35.19 2.39 2.03
CA THR A 206 35.69 1.83 3.29
C THR A 206 34.89 2.35 4.46
N LEU A 207 34.80 1.51 5.50
CA LEU A 207 34.09 1.85 6.72
C LEU A 207 34.71 3.10 7.31
N ASP A 208 36.03 3.12 7.35
CA ASP A 208 36.77 4.25 7.89
C ASP A 208 36.16 5.54 7.35
N ARG A 209 36.07 5.61 6.02
CA ARG A 209 35.50 6.76 5.34
C ARG A 209 34.09 6.95 5.86
N GLN A 210 33.26 5.95 5.62
CA GLN A 210 31.86 5.97 6.03
C GLN A 210 31.65 6.55 7.40
N HIS A 211 32.46 6.12 8.36
CA HIS A 211 32.32 6.59 9.72
C HIS A 211 32.58 8.07 9.86
N LYS A 212 33.51 8.58 9.05
CA LYS A 212 33.80 10.00 9.10
C LYS A 212 32.65 10.78 8.50
N LEU A 213 31.94 10.16 7.55
CA LEU A 213 30.80 10.81 6.90
C LEU A 213 29.55 10.61 7.75
N ARG A 214 29.72 9.88 8.85
CA ARG A 214 28.63 9.62 9.77
C ARG A 214 28.66 10.56 10.96
N LEU A 215 27.48 10.90 11.43
CA LEU A 215 27.35 11.82 12.55
C LEU A 215 27.19 11.01 13.85
N PHE A 216 26.76 9.75 13.70
CA PHE A 216 26.55 8.85 14.82
C PHE A 216 25.53 9.40 15.79
N LYS A 217 24.36 9.65 15.25
CA LYS A 217 23.24 10.16 16.01
C LYS A 217 22.09 9.98 15.06
N ASP A 218 21.08 9.23 15.48
CA ASP A 218 19.92 9.00 14.63
C ASP A 218 20.36 8.46 13.28
N GLY A 219 21.52 7.82 13.25
CA GLY A 219 22.07 7.23 12.03
C GLY A 219 22.21 8.22 10.88
N LYS A 220 22.37 9.49 11.22
CA LYS A 220 22.51 10.53 10.21
C LYS A 220 23.94 10.77 9.73
N LEU A 221 24.03 11.19 8.47
CA LEU A 221 25.30 11.51 7.84
C LEU A 221 25.66 12.92 8.28
N LYS A 222 26.91 13.13 8.65
CA LYS A 222 27.35 14.45 9.07
C LYS A 222 26.99 15.43 7.95
N TYR A 223 26.45 16.58 8.32
CA TYR A 223 26.08 17.58 7.33
C TYR A 223 26.57 18.95 7.78
N GLN A 224 26.05 20.01 7.14
CA GLN A 224 26.42 21.38 7.49
C GLN A 224 25.41 22.36 6.94
N VAL A 225 25.12 23.41 7.69
CA VAL A 225 24.13 24.41 7.24
C VAL A 225 24.78 25.72 6.83
N ILE A 226 24.63 26.05 5.55
CA ILE A 226 25.17 27.29 5.03
C ILE A 226 24.00 28.10 4.55
N GLY A 227 23.93 29.33 5.03
CA GLY A 227 22.85 30.21 4.63
C GLY A 227 21.50 29.54 4.77
N GLY A 228 21.30 28.86 5.88
CA GLY A 228 20.03 28.20 6.11
C GLY A 228 19.77 27.00 5.22
N GLU A 229 20.80 26.48 4.55
CA GLU A 229 20.60 25.32 3.69
C GLU A 229 21.46 24.15 4.11
N VAL A 230 20.96 22.94 3.85
CA VAL A 230 21.66 21.70 4.21
C VAL A 230 22.67 21.32 3.13
N TYR A 231 23.94 21.22 3.51
CA TYR A 231 24.98 20.86 2.56
C TYR A 231 25.96 19.84 3.12
N PRO A 232 26.64 19.10 2.23
CA PRO A 232 27.60 18.12 2.71
C PRO A 232 28.55 18.87 3.65
N PRO A 233 29.31 18.14 4.48
CA PRO A 233 30.23 18.81 5.41
C PRO A 233 31.65 18.94 4.86
N THR A 234 32.45 19.74 5.54
CA THR A 234 33.82 20.00 5.13
C THR A 234 34.84 18.92 5.37
N VAL A 235 35.89 18.95 4.56
CA VAL A 235 36.99 18.01 4.65
C VAL A 235 37.81 18.32 5.91
N LYS A 236 37.79 19.58 6.32
CA LYS A 236 38.55 19.99 7.48
C LYS A 236 37.87 19.57 8.77
N ASP A 237 36.65 19.06 8.68
CA ASP A 237 35.94 18.62 9.88
C ASP A 237 35.73 17.11 9.93
N THR A 238 35.93 16.46 8.80
CA THR A 238 35.75 15.01 8.75
C THR A 238 37.04 14.32 8.33
N GLN A 239 37.99 15.11 7.88
CA GLN A 239 39.27 14.58 7.43
C GLN A 239 39.07 13.58 6.27
N VAL A 240 37.84 13.53 5.77
CA VAL A 240 37.53 12.63 4.67
C VAL A 240 38.42 12.94 3.48
N GLU A 241 38.71 11.93 2.67
CA GLU A 241 39.54 12.09 1.49
C GLU A 241 38.74 12.64 0.30
N MET A 242 39.08 13.85 -0.13
CA MET A 242 38.40 14.48 -1.27
C MET A 242 39.40 15.02 -2.29
N ILE A 243 39.15 14.74 -3.56
CA ILE A 243 40.04 15.20 -4.64
C ILE A 243 39.72 16.65 -5.05
N TYR A 244 40.59 17.57 -4.64
CA TYR A 244 40.38 18.99 -4.91
C TYR A 244 41.65 19.70 -5.37
N PRO A 245 41.49 20.81 -6.13
CA PRO A 245 42.61 21.59 -6.64
C PRO A 245 43.03 22.63 -5.60
N PRO A 246 44.35 22.79 -5.40
CA PRO A 246 45.02 23.70 -4.45
C PRO A 246 44.31 24.98 -3.99
N HIS A 247 43.73 25.74 -4.91
CA HIS A 247 43.06 26.99 -4.53
C HIS A 247 41.82 26.87 -3.65
N ILE A 248 40.98 25.87 -3.91
CA ILE A 248 39.75 25.69 -3.15
C ILE A 248 39.87 25.98 -1.66
N PRO A 249 38.96 26.83 -1.14
CA PRO A 249 39.00 27.16 0.28
C PRO A 249 38.37 26.04 1.11
N GLU A 250 38.91 25.81 2.30
CA GLU A 250 38.40 24.76 3.17
C GLU A 250 36.88 24.87 3.34
N ASN A 251 36.40 26.10 3.51
CA ASN A 251 34.97 26.32 3.68
C ASN A 251 34.19 25.82 2.47
N LEU A 252 34.91 25.46 1.42
CA LEU A 252 34.26 24.98 0.22
C LEU A 252 34.59 23.54 -0.07
N GLN A 253 35.67 23.04 0.54
CA GLN A 253 36.08 21.66 0.35
C GLN A 253 35.04 20.68 0.91
N PHE A 254 34.16 20.20 0.05
CA PHE A 254 33.12 19.29 0.47
C PHE A 254 33.56 17.85 0.62
N ALA A 255 32.99 17.18 1.61
CA ALA A 255 33.32 15.80 1.87
C ALA A 255 32.07 14.96 1.62
N VAL A 256 32.19 13.97 0.75
CA VAL A 256 31.05 13.12 0.43
C VAL A 256 31.53 11.72 0.06
N GLY A 257 30.58 10.79 -0.01
CA GLY A 257 30.90 9.42 -0.33
C GLY A 257 31.98 9.32 -1.39
N GLN A 258 31.82 10.07 -2.47
CA GLN A 258 32.80 10.03 -3.56
C GLN A 258 33.83 11.15 -3.52
N GLU A 259 35.10 10.77 -3.53
CA GLU A 259 36.17 11.74 -3.44
C GLU A 259 36.32 12.69 -4.62
N VAL A 260 35.87 12.25 -5.79
CA VAL A 260 36.00 13.07 -6.99
C VAL A 260 34.88 14.12 -7.15
N PHE A 261 33.67 13.75 -6.73
CA PHE A 261 32.47 14.58 -6.82
C PHE A 261 32.50 16.08 -6.49
N GLY A 262 33.62 16.56 -5.97
CA GLY A 262 33.72 17.98 -5.68
C GLY A 262 34.00 18.83 -6.92
N LEU A 263 34.62 18.22 -7.92
CA LEU A 263 34.97 18.90 -9.17
C LEU A 263 33.82 19.17 -10.11
N VAL A 264 32.60 18.88 -9.68
CA VAL A 264 31.47 19.10 -10.55
C VAL A 264 30.24 19.55 -9.80
N PRO A 265 30.01 20.88 -9.73
CA PRO A 265 28.84 21.41 -9.02
C PRO A 265 27.57 20.64 -9.40
N GLY A 266 27.61 19.97 -10.55
CA GLY A 266 26.45 19.20 -10.97
C GLY A 266 26.34 18.02 -10.05
N LEU A 267 27.46 17.31 -9.90
CA LEU A 267 27.57 16.14 -9.03
C LEU A 267 27.23 16.58 -7.61
N MET A 268 28.08 17.41 -7.05
CA MET A 268 27.87 17.91 -5.69
C MET A 268 26.40 18.17 -5.36
N MET A 269 25.71 18.80 -6.31
CA MET A 269 24.29 19.13 -6.14
C MET A 269 23.51 17.86 -5.80
N TYR A 270 23.65 16.84 -6.65
CA TYR A 270 22.97 15.59 -6.43
C TYR A 270 23.33 15.02 -5.07
N ALA A 271 24.63 14.99 -4.77
CA ALA A 271 25.08 14.48 -3.49
C ALA A 271 24.17 15.14 -2.47
N THR A 272 24.46 16.41 -2.19
CA THR A 272 23.68 17.19 -1.27
C THR A 272 22.24 16.73 -1.23
N ILE A 273 21.66 16.48 -2.39
CA ILE A 273 20.27 16.03 -2.42
C ILE A 273 20.19 14.73 -1.64
N TRP A 274 20.75 13.67 -2.22
CA TRP A 274 20.76 12.34 -1.62
C TRP A 274 21.12 12.40 -0.14
N LEU A 275 22.23 13.08 0.17
CA LEU A 275 22.64 13.21 1.56
C LEU A 275 21.41 13.65 2.34
N ARG A 276 20.77 14.71 1.86
CA ARG A 276 19.57 15.23 2.50
C ARG A 276 18.52 14.13 2.59
N GLU A 277 18.42 13.32 1.53
CA GLU A 277 17.45 12.23 1.47
C GLU A 277 17.66 11.26 2.63
N HIS A 278 18.89 10.77 2.74
CA HIS A 278 19.27 9.85 3.80
C HIS A 278 18.71 10.33 5.14
N ASN A 279 19.34 11.38 5.67
CA ASN A 279 18.92 11.96 6.95
C ASN A 279 17.42 12.19 7.00
N ARG A 280 16.82 12.47 5.86
CA ARG A 280 15.39 12.68 5.81
C ARG A 280 14.76 11.37 6.26
N VAL A 281 15.22 10.29 5.64
CA VAL A 281 14.72 8.95 5.95
C VAL A 281 14.96 8.64 7.42
N CYS A 282 16.17 8.93 7.89
CA CYS A 282 16.49 8.69 9.28
C CYS A 282 15.36 9.18 10.18
N ASP A 283 14.92 10.42 9.97
CA ASP A 283 13.87 10.96 10.80
C ASP A 283 12.62 10.11 10.74
N ILE A 284 12.21 9.75 9.54
CA ILE A 284 11.01 8.93 9.37
C ILE A 284 11.15 7.64 10.15
N LEU A 285 12.34 7.05 10.13
CA LEU A 285 12.59 5.81 10.87
C LEU A 285 12.52 6.09 12.38
N LYS A 286 13.36 7.01 12.86
CA LYS A 286 13.35 7.37 14.28
C LYS A 286 11.94 7.65 14.79
N GLN A 287 11.02 7.90 13.87
CA GLN A 287 9.63 8.16 14.23
C GLN A 287 9.01 6.79 14.47
N GLU A 288 9.22 5.91 13.51
CA GLU A 288 8.72 4.54 13.56
C GLU A 288 9.32 3.78 14.74
N HIS A 289 10.63 3.90 14.92
CA HIS A 289 11.33 3.19 15.98
C HIS A 289 12.06 4.10 16.94
N PRO A 290 11.32 4.68 17.89
CA PRO A 290 11.97 5.58 18.86
C PRO A 290 12.96 4.77 19.68
N GLU A 291 12.92 3.46 19.46
CA GLU A 291 13.75 2.51 20.19
C GLU A 291 14.91 1.94 19.36
N TRP A 292 15.29 2.63 18.29
CA TRP A 292 16.38 2.13 17.48
C TRP A 292 17.70 2.87 17.75
N GLY A 293 18.80 2.25 17.36
CA GLY A 293 20.09 2.86 17.58
C GLY A 293 20.67 3.59 16.38
N ASP A 294 21.64 4.46 16.65
CA ASP A 294 22.28 5.22 15.59
C ASP A 294 22.69 4.28 14.49
N GLU A 295 23.52 3.30 14.82
CA GLU A 295 23.99 2.35 13.82
C GLU A 295 22.92 1.53 13.14
N GLN A 296 21.72 1.43 13.71
CA GLN A 296 20.69 0.64 13.04
C GLN A 296 19.96 1.54 12.05
N LEU A 297 19.67 2.76 12.51
CA LEU A 297 18.98 3.76 11.68
C LEU A 297 19.85 3.94 10.45
N PHE A 298 21.07 4.40 10.70
CA PHE A 298 22.03 4.61 9.64
C PHE A 298 22.01 3.48 8.63
N GLN A 299 21.97 2.24 9.10
CA GLN A 299 21.99 1.10 8.18
C GLN A 299 20.66 0.83 7.50
N THR A 300 19.57 1.08 8.21
CA THR A 300 18.27 0.84 7.59
C THR A 300 18.12 1.88 6.48
N SER A 301 18.48 3.11 6.79
CA SER A 301 18.39 4.20 5.82
C SER A 301 19.08 3.74 4.54
N ARG A 302 20.39 3.57 4.62
CA ARG A 302 21.14 3.12 3.46
C ARG A 302 20.46 1.98 2.70
N LEU A 303 19.68 1.16 3.38
CA LEU A 303 19.01 0.07 2.71
C LEU A 303 17.84 0.63 1.93
N ILE A 304 17.05 1.48 2.59
CA ILE A 304 15.89 2.12 1.96
C ILE A 304 16.36 2.96 0.77
N LEU A 305 17.31 3.85 1.01
CA LEU A 305 17.85 4.71 -0.04
C LEU A 305 18.27 3.86 -1.23
N ILE A 306 19.12 2.85 -1.01
CA ILE A 306 19.55 1.99 -2.12
C ILE A 306 18.31 1.52 -2.88
N GLY A 307 17.26 1.21 -2.13
CA GLY A 307 16.05 0.78 -2.78
C GLY A 307 15.56 1.87 -3.70
N GLU A 308 15.33 3.06 -3.15
CA GLU A 308 14.85 4.22 -3.91
C GLU A 308 15.64 4.35 -5.21
N THR A 309 16.94 4.49 -5.06
CA THR A 309 17.84 4.57 -6.18
C THR A 309 17.48 3.53 -7.22
N ILE A 310 17.60 2.25 -6.87
CA ILE A 310 17.26 1.18 -7.84
C ILE A 310 15.89 1.45 -8.50
N LYS A 311 14.99 2.06 -7.74
CA LYS A 311 13.67 2.37 -8.24
C LYS A 311 13.78 3.53 -9.23
N ILE A 312 14.11 4.71 -8.70
CA ILE A 312 14.24 5.93 -9.49
C ILE A 312 15.05 5.72 -10.78
N VAL A 313 16.00 4.79 -10.77
CA VAL A 313 16.77 4.53 -11.98
C VAL A 313 15.87 3.76 -12.94
N ILE A 314 15.55 2.52 -12.59
CA ILE A 314 14.72 1.68 -13.44
C ILE A 314 13.43 2.35 -13.94
N GLU A 315 12.64 2.88 -13.01
CA GLU A 315 11.36 3.51 -13.37
C GLU A 315 11.38 4.92 -14.01
N ASP A 316 12.39 5.72 -13.71
CA ASP A 316 12.52 7.05 -14.29
C ASP A 316 13.64 6.93 -15.29
N TYR A 317 14.83 7.42 -14.90
CA TYR A 317 16.02 7.33 -15.74
C TYR A 317 15.80 6.30 -16.86
N VAL A 318 16.13 5.03 -16.63
CA VAL A 318 15.95 4.00 -17.66
C VAL A 318 14.65 4.13 -18.47
N GLN A 319 13.55 4.40 -17.80
CA GLN A 319 12.27 4.54 -18.49
C GLN A 319 12.44 5.53 -19.64
N HIS A 320 12.71 6.78 -19.26
CA HIS A 320 12.93 7.86 -20.21
C HIS A 320 13.91 7.43 -21.29
N LEU A 321 15.11 7.03 -20.86
CA LEU A 321 16.15 6.59 -21.77
C LEU A 321 15.63 5.65 -22.86
N SER A 322 14.53 4.96 -22.57
CA SER A 322 13.99 4.02 -23.54
C SER A 322 12.90 4.60 -24.42
N GLY A 323 12.25 5.65 -23.92
CA GLY A 323 11.17 6.26 -24.67
C GLY A 323 10.08 5.26 -25.00
N TYR A 324 10.01 4.16 -24.26
CA TYR A 324 8.97 3.19 -24.50
C TYR A 324 7.68 3.79 -23.97
N HIS A 325 6.56 3.28 -24.43
CA HIS A 325 5.28 3.77 -23.95
C HIS A 325 4.86 2.98 -22.73
N PHE A 326 5.35 1.74 -22.66
CA PHE A 326 5.08 0.86 -21.54
C PHE A 326 5.81 1.44 -20.32
N LYS A 327 5.10 1.57 -19.20
CA LYS A 327 5.72 2.12 -18.00
C LYS A 327 6.54 1.05 -17.29
N LEU A 328 7.87 1.20 -17.35
CA LEU A 328 8.78 0.27 -16.72
C LEU A 328 8.53 0.22 -15.22
N LYS A 329 8.45 -1.00 -14.70
CA LYS A 329 8.19 -1.21 -13.27
C LYS A 329 9.34 -1.91 -12.59
N PHE A 330 9.62 -1.50 -11.36
CA PHE A 330 10.67 -2.14 -10.59
C PHE A 330 10.01 -2.92 -9.44
N ASP A 331 9.96 -4.24 -9.61
CA ASP A 331 9.34 -5.15 -8.65
C ASP A 331 10.08 -6.49 -8.70
N PRO A 332 10.98 -6.75 -7.74
CA PRO A 332 11.76 -8.00 -7.69
C PRO A 332 10.90 -9.24 -7.63
N GLU A 333 9.70 -9.05 -7.11
CA GLU A 333 8.73 -10.13 -6.98
C GLU A 333 8.44 -10.78 -8.30
N LEU A 334 9.08 -10.27 -9.35
CA LEU A 334 8.90 -10.79 -10.70
C LEU A 334 9.88 -11.91 -10.99
N LEU A 335 11.00 -11.91 -10.27
CA LEU A 335 12.03 -12.91 -10.48
C LEU A 335 11.97 -14.04 -9.46
N PHE A 336 11.00 -13.93 -8.56
CA PHE A 336 10.84 -14.91 -7.50
C PHE A 336 10.42 -16.30 -7.97
N ASN A 337 10.66 -16.59 -9.24
CA ASN A 337 10.34 -17.90 -9.80
C ASN A 337 11.07 -17.92 -11.10
N GLN A 338 12.08 -17.06 -11.16
CA GLN A 338 12.91 -16.94 -12.33
C GLN A 338 14.33 -17.29 -11.94
N GLN A 339 14.95 -18.14 -12.75
CA GLN A 339 16.31 -18.56 -12.49
C GLN A 339 17.26 -17.37 -12.66
N PHE A 340 17.24 -16.50 -11.66
CA PHE A 340 18.05 -15.30 -11.69
C PHE A 340 19.14 -15.31 -10.61
N GLN A 341 20.35 -14.97 -11.03
CA GLN A 341 21.49 -14.94 -10.12
C GLN A 341 21.61 -13.59 -9.42
N TYR A 342 21.05 -13.49 -8.22
CA TYR A 342 21.09 -12.27 -7.44
C TYR A 342 22.52 -11.90 -7.04
N GLN A 343 23.33 -11.53 -8.03
CA GLN A 343 24.72 -11.17 -7.81
C GLN A 343 25.19 -10.41 -9.04
N ASN A 344 26.31 -9.68 -8.91
CA ASN A 344 26.80 -8.91 -10.05
C ASN A 344 28.26 -8.47 -10.03
N ARG A 345 28.87 -8.55 -11.21
CA ARG A 345 30.25 -8.12 -11.40
C ARG A 345 30.22 -7.14 -12.56
N ILE A 346 30.81 -5.96 -12.38
CA ILE A 346 30.81 -4.93 -13.42
C ILE A 346 31.80 -5.12 -14.56
N ALA A 347 31.25 -5.12 -15.79
CA ALA A 347 32.03 -5.30 -17.03
C ALA A 347 32.72 -4.04 -17.57
N SER A 348 33.87 -4.23 -18.20
CA SER A 348 34.63 -3.13 -18.78
C SER A 348 33.74 -2.45 -19.82
N GLU A 349 33.24 -3.26 -20.74
CA GLU A 349 32.36 -2.80 -21.80
C GLU A 349 31.35 -1.81 -21.23
N PHE A 350 30.45 -2.32 -20.39
CA PHE A 350 29.43 -1.49 -19.77
C PHE A 350 30.04 -0.16 -19.35
N ASN A 351 31.29 -0.18 -18.87
CA ASN A 351 31.91 1.06 -18.46
C ASN A 351 32.15 2.00 -19.63
N THR A 352 32.71 1.46 -20.70
CA THR A 352 32.96 2.26 -21.89
C THR A 352 31.66 2.82 -22.45
N LEU A 353 30.73 1.94 -22.80
CA LEU A 353 29.44 2.42 -23.33
C LEU A 353 28.96 3.61 -22.55
N TYR A 354 29.39 3.72 -21.30
CA TYR A 354 28.96 4.81 -20.46
C TYR A 354 29.44 6.15 -20.96
N HIS A 355 30.69 6.20 -21.44
CA HIS A 355 31.30 7.43 -21.95
C HIS A 355 30.35 8.18 -22.90
N TRP A 356 29.34 8.78 -22.27
CA TRP A 356 28.27 9.51 -22.90
C TRP A 356 28.49 10.99 -22.96
N HIS A 357 29.72 11.38 -23.29
CA HIS A 357 30.09 12.80 -23.38
C HIS A 357 29.10 13.68 -24.16
N PRO A 358 28.69 13.24 -25.35
CA PRO A 358 27.74 14.02 -26.16
C PRO A 358 26.65 14.68 -25.32
N LEU A 359 26.27 14.06 -24.21
CA LEU A 359 25.22 14.62 -23.35
C LEU A 359 25.59 16.02 -22.90
N LEU A 360 26.86 16.14 -22.54
CA LEU A 360 27.42 17.38 -22.07
C LEU A 360 27.14 18.59 -22.97
N PRO A 361 26.59 19.67 -22.39
CA PRO A 361 26.29 20.88 -23.16
C PRO A 361 27.58 21.63 -23.49
N ASP A 362 27.46 22.83 -24.05
CA ASP A 362 28.64 23.62 -24.39
C ASP A 362 28.88 24.64 -23.30
N THR A 363 27.80 24.99 -22.61
CA THR A 363 27.85 25.93 -21.50
C THR A 363 26.87 25.39 -20.52
N PHE A 364 26.89 25.93 -19.31
CA PHE A 364 26.00 25.47 -18.27
C PHE A 364 25.22 26.67 -17.84
N ASN A 365 23.96 26.68 -18.25
CA ASN A 365 23.10 27.78 -17.94
C ASN A 365 22.31 27.56 -16.67
N ILE A 366 22.75 28.26 -15.63
CA ILE A 366 22.10 28.19 -14.33
C ILE A 366 21.37 29.50 -14.19
N GLU A 367 20.04 29.46 -14.30
CA GLU A 367 19.25 30.68 -14.18
C GLU A 367 19.69 31.58 -15.33
N ASP A 368 19.99 32.84 -15.00
CA ASP A 368 20.44 33.80 -16.00
C ASP A 368 21.73 33.28 -16.61
N GLN A 369 22.79 33.34 -15.81
CA GLN A 369 24.12 32.91 -16.19
C GLN A 369 24.25 31.73 -17.16
N GLU A 370 25.44 31.63 -17.71
CA GLU A 370 25.81 30.57 -18.64
C GLU A 370 27.27 30.36 -18.28
N TYR A 371 27.68 29.11 -18.11
CA TYR A 371 29.07 28.84 -17.75
C TYR A 371 29.78 27.97 -18.75
N SER A 372 31.09 27.98 -18.64
CA SER A 372 31.93 27.19 -19.51
C SER A 372 32.51 26.07 -18.66
N PHE A 373 32.97 25.02 -19.32
CA PHE A 373 33.56 23.93 -18.59
C PHE A 373 34.64 24.58 -17.74
N LYS A 374 35.50 25.34 -18.39
CA LYS A 374 36.58 26.04 -17.72
C LYS A 374 36.05 26.78 -16.49
N GLN A 375 34.79 27.18 -16.55
CA GLN A 375 34.14 27.88 -15.44
C GLN A 375 33.62 26.89 -14.40
N PHE A 376 32.60 26.13 -14.80
CA PHE A 376 31.96 25.12 -13.95
C PHE A 376 32.91 24.31 -13.07
N LEU A 377 33.84 23.63 -13.72
CA LEU A 377 34.82 22.80 -13.05
C LEU A 377 35.33 23.27 -11.71
N TYR A 378 35.15 22.40 -10.70
CA TYR A 378 35.58 22.63 -9.33
C TYR A 378 35.07 23.93 -8.74
N ASN A 379 34.00 24.48 -9.31
CA ASN A 379 33.49 25.73 -8.78
C ASN A 379 32.19 25.51 -8.06
N ASN A 380 32.25 24.83 -6.93
CA ASN A 380 31.03 24.59 -6.18
C ASN A 380 30.52 25.92 -5.63
N SER A 381 31.37 26.94 -5.69
CA SER A 381 30.99 28.26 -5.24
C SER A 381 29.72 28.59 -6.02
N ILE A 382 29.68 28.10 -7.25
CA ILE A 382 28.54 28.28 -8.14
C ILE A 382 27.32 27.75 -7.41
N LEU A 383 27.35 26.45 -7.14
CA LEU A 383 26.26 25.76 -6.44
C LEU A 383 25.76 26.60 -5.27
N LEU A 384 26.69 26.95 -4.39
CA LEU A 384 26.38 27.73 -3.22
C LEU A 384 25.71 29.03 -3.59
N GLU A 385 26.26 29.68 -4.62
CA GLU A 385 25.76 30.95 -5.09
C GLU A 385 24.27 30.97 -5.46
N HIS A 386 23.89 30.12 -6.41
CA HIS A 386 22.51 30.04 -6.88
C HIS A 386 21.55 29.28 -5.99
N GLY A 387 22.00 28.18 -5.41
CA GLY A 387 21.13 27.39 -4.56
C GLY A 387 20.66 26.15 -5.28
N LEU A 388 20.36 25.11 -4.51
CA LEU A 388 19.93 23.84 -5.09
C LEU A 388 18.68 23.98 -5.94
N THR A 389 17.68 24.67 -5.39
CA THR A 389 16.41 24.88 -6.06
C THR A 389 16.54 25.40 -7.49
N GLN A 390 17.32 26.47 -7.66
CA GLN A 390 17.54 27.04 -8.99
C GLN A 390 18.17 25.95 -9.82
N PHE A 391 19.36 25.54 -9.39
CA PHE A 391 20.09 24.48 -10.06
C PHE A 391 19.16 23.44 -10.64
N VAL A 392 18.26 22.95 -9.79
CA VAL A 392 17.27 21.96 -10.19
C VAL A 392 16.56 22.53 -11.40
N GLU A 393 15.66 23.47 -11.15
CA GLU A 393 14.88 24.13 -12.21
C GLU A 393 15.71 24.30 -13.48
N SER A 394 16.79 25.08 -13.34
CA SER A 394 17.69 25.34 -14.47
C SER A 394 18.03 24.05 -15.19
N PHE A 395 18.77 23.18 -14.51
CA PHE A 395 19.16 21.90 -15.10
C PHE A 395 17.98 21.09 -15.61
N THR A 396 16.81 21.31 -15.01
CA THR A 396 15.62 20.58 -15.41
C THR A 396 15.21 20.92 -16.83
N ARG A 397 15.82 21.96 -17.40
CA ARG A 397 15.48 22.35 -18.77
C ARG A 397 16.64 22.33 -19.77
N GLN A 398 17.82 22.83 -19.36
CA GLN A 398 18.95 22.86 -20.28
C GLN A 398 19.23 21.53 -20.99
N ILE A 399 18.52 21.28 -22.10
CA ILE A 399 18.68 20.06 -22.89
C ILE A 399 20.13 19.61 -23.01
N ALA A 400 20.32 18.31 -23.10
CA ALA A 400 21.64 17.72 -23.22
C ALA A 400 21.82 17.20 -24.64
N GLY A 401 23.08 17.12 -25.05
CA GLY A 401 23.39 16.68 -26.39
C GLY A 401 23.07 15.24 -26.69
N ARG A 402 22.56 14.98 -27.89
CA ARG A 402 22.25 13.64 -28.36
C ARG A 402 23.59 12.90 -28.31
N VAL A 403 23.56 11.57 -28.34
CA VAL A 403 24.80 10.84 -28.23
C VAL A 403 25.14 9.86 -29.34
N ALA A 404 24.13 9.27 -29.96
CA ALA A 404 24.39 8.31 -31.03
C ALA A 404 24.54 8.93 -32.42
N GLY A 405 23.93 10.09 -32.64
CA GLY A 405 24.00 10.76 -33.92
C GLY A 405 25.35 10.78 -34.62
N GLY A 406 26.37 11.28 -33.92
CA GLY A 406 27.69 11.35 -34.51
C GLY A 406 28.30 12.71 -34.25
N ARG A 407 29.63 12.78 -34.34
CA ARG A 407 30.37 14.03 -34.11
C ARG A 407 29.68 15.02 -33.17
N ASN A 408 29.43 14.62 -31.93
CA ASN A 408 28.78 15.50 -30.97
C ASN A 408 29.49 15.51 -29.61
N VAL A 409 30.80 15.34 -29.65
CA VAL A 409 31.59 15.33 -28.43
C VAL A 409 32.28 16.67 -28.11
N PRO A 410 31.85 17.33 -27.02
CA PRO A 410 32.43 18.61 -26.63
C PRO A 410 33.95 18.58 -26.79
N ILE A 411 34.52 19.72 -27.17
CA ILE A 411 35.96 19.79 -27.39
C ILE A 411 36.71 19.81 -26.06
N ALA A 412 36.07 20.33 -25.03
CA ALA A 412 36.72 20.34 -23.73
C ALA A 412 36.95 18.89 -23.37
N VAL A 413 35.93 18.09 -23.60
CA VAL A 413 35.94 16.65 -23.33
C VAL A 413 36.90 15.88 -24.26
N GLN A 414 37.50 16.62 -25.19
CA GLN A 414 38.43 16.05 -26.16
C GLN A 414 39.25 14.91 -25.58
N ALA A 415 40.20 15.28 -24.73
CA ALA A 415 41.11 14.32 -24.08
C ALA A 415 40.41 13.03 -23.71
N VAL A 416 39.37 13.16 -22.89
CA VAL A 416 38.61 12.03 -22.42
C VAL A 416 38.24 11.07 -23.55
N ALA A 417 37.26 11.46 -24.36
CA ALA A 417 36.79 10.62 -25.44
C ALA A 417 37.90 9.93 -26.19
N LYS A 418 39.04 10.59 -26.31
CA LYS A 418 40.17 9.96 -27.01
C LYS A 418 40.58 8.77 -26.20
N ALA A 419 40.86 9.02 -24.93
CA ALA A 419 41.24 7.97 -24.01
C ALA A 419 40.24 6.83 -24.24
N SER A 420 38.96 7.12 -24.01
CA SER A 420 37.91 6.12 -24.17
C SER A 420 38.24 5.18 -25.33
N ILE A 421 38.88 5.70 -26.36
CA ILE A 421 39.27 4.87 -27.50
C ILE A 421 40.61 4.20 -27.23
N ASP A 422 41.62 5.01 -26.91
CA ASP A 422 42.95 4.51 -26.62
C ASP A 422 42.84 3.28 -25.69
N GLN A 423 42.16 3.48 -24.55
CA GLN A 423 41.95 2.43 -23.55
C GLN A 423 41.49 1.11 -24.12
N SER A 424 40.24 1.08 -24.54
CA SER A 424 39.67 -0.14 -25.11
C SER A 424 40.71 -0.87 -25.94
N ARG A 425 41.57 -0.10 -26.59
CA ARG A 425 42.61 -0.66 -27.43
C ARG A 425 43.62 -1.39 -26.55
N GLU A 426 44.06 -0.72 -25.50
CA GLU A 426 45.02 -1.33 -24.58
C GLU A 426 44.39 -2.61 -24.06
N MET A 427 43.17 -2.50 -23.54
CA MET A 427 42.43 -3.65 -23.04
C MET A 427 42.06 -4.59 -24.19
N LYS A 428 42.83 -4.56 -25.26
CA LYS A 428 42.57 -5.39 -26.41
C LYS A 428 41.10 -5.71 -26.60
N TYR A 429 40.23 -4.71 -26.47
CA TYR A 429 38.79 -4.93 -26.67
C TYR A 429 38.59 -5.65 -27.99
N GLN A 430 37.42 -6.22 -28.20
CA GLN A 430 37.17 -6.92 -29.46
C GLN A 430 36.49 -6.03 -30.51
N SER A 431 36.21 -6.63 -31.68
CA SER A 431 35.56 -5.89 -32.76
C SER A 431 34.13 -5.55 -32.36
N LEU A 432 33.62 -4.43 -32.89
CA LEU A 432 32.26 -4.00 -32.59
C LEU A 432 31.26 -5.02 -33.15
N ASN A 433 31.65 -5.71 -34.21
CA ASN A 433 30.77 -6.71 -34.80
C ASN A 433 30.78 -7.90 -33.86
N GLU A 434 31.90 -8.09 -33.16
CA GLU A 434 31.99 -9.17 -32.22
C GLU A 434 31.00 -8.88 -31.11
N TYR A 435 31.19 -7.75 -30.42
CA TYR A 435 30.32 -7.36 -29.34
C TYR A 435 28.87 -7.28 -29.80
N ARG A 436 28.68 -7.17 -31.10
CA ARG A 436 27.34 -7.07 -31.66
C ARG A 436 26.80 -8.50 -31.67
N LYS A 437 27.56 -9.36 -32.34
CA LYS A 437 27.23 -10.77 -32.48
C LYS A 437 26.96 -11.32 -31.08
N ARG A 438 27.86 -10.98 -30.16
CA ARG A 438 27.80 -11.41 -28.77
C ARG A 438 26.38 -11.28 -28.27
N PHE A 439 25.83 -10.08 -28.32
CA PHE A 439 24.48 -9.88 -27.84
C PHE A 439 23.43 -10.18 -28.88
N SER A 440 23.70 -11.22 -29.67
CA SER A 440 22.81 -11.69 -30.72
C SER A 440 22.29 -10.55 -31.61
N LEU A 441 23.24 -9.78 -32.13
CA LEU A 441 22.93 -8.67 -33.02
C LEU A 441 23.56 -8.96 -34.36
N LYS A 442 22.80 -8.80 -35.44
CA LYS A 442 23.35 -9.02 -36.76
C LYS A 442 24.44 -7.97 -36.88
N PRO A 443 25.64 -8.38 -37.32
CA PRO A 443 26.73 -7.40 -37.45
C PRO A 443 26.49 -6.40 -38.58
N TYR A 444 27.12 -5.22 -38.46
CA TYR A 444 26.99 -4.20 -39.49
C TYR A 444 27.85 -4.55 -40.69
N THR A 445 27.19 -4.68 -41.83
CA THR A 445 27.83 -5.05 -43.09
C THR A 445 28.57 -3.90 -43.81
N SER A 446 28.27 -2.66 -43.42
CA SER A 446 28.89 -1.49 -44.03
C SER A 446 28.83 -0.32 -43.06
N PHE A 447 29.83 0.55 -43.12
CA PHE A 447 29.84 1.69 -42.22
C PHE A 447 28.59 2.53 -42.47
N GLU A 448 28.10 2.49 -43.69
CA GLU A 448 26.91 3.24 -44.05
C GLU A 448 25.70 2.70 -43.30
N GLU A 449 25.73 1.41 -43.00
CA GLU A 449 24.65 0.77 -42.27
C GLU A 449 24.70 1.21 -40.82
N LEU A 450 25.91 1.25 -40.26
CA LEU A 450 26.12 1.64 -38.88
C LEU A 450 25.71 3.08 -38.64
N THR A 451 25.80 3.91 -39.68
CA THR A 451 25.47 5.33 -39.56
C THR A 451 24.21 5.78 -40.28
N GLY A 452 23.90 5.12 -41.39
CA GLY A 452 22.74 5.50 -42.18
C GLY A 452 23.23 6.53 -43.18
N GLU A 453 23.73 7.65 -42.65
CA GLU A 453 24.28 8.73 -43.47
C GLU A 453 25.51 8.19 -44.21
N LYS A 454 25.89 8.84 -45.31
CA LYS A 454 27.04 8.41 -46.10
C LYS A 454 28.32 9.16 -45.77
N GLU A 455 28.15 10.37 -45.23
CA GLU A 455 29.30 11.19 -44.88
C GLU A 455 30.30 10.43 -44.02
N MET A 456 30.13 10.53 -42.71
CA MET A 456 31.00 9.88 -41.72
C MET A 456 31.37 8.46 -42.17
N ALA A 457 30.34 7.68 -42.51
CA ALA A 457 30.54 6.32 -42.98
C ALA A 457 31.75 6.29 -43.90
N ALA A 458 31.61 6.95 -45.05
CA ALA A 458 32.68 7.02 -46.04
C ALA A 458 33.96 7.46 -45.37
N GLU A 459 33.86 8.50 -44.55
CA GLU A 459 35.01 9.03 -43.83
C GLU A 459 35.68 7.95 -42.99
N LEU A 460 34.87 7.09 -42.37
CA LEU A 460 35.39 6.01 -41.53
C LEU A 460 36.00 4.92 -42.39
N LYS A 461 35.23 4.47 -43.39
CA LYS A 461 35.65 3.43 -44.31
C LYS A 461 37.05 3.75 -44.82
N ALA A 462 37.36 5.03 -44.80
CA ALA A 462 38.66 5.47 -45.23
C ALA A 462 39.63 4.92 -44.20
N LEU A 463 39.31 5.21 -42.94
CA LEU A 463 40.12 4.82 -41.78
C LEU A 463 40.19 3.34 -41.35
N TYR A 464 39.05 2.65 -41.35
CA TYR A 464 39.03 1.26 -40.91
C TYR A 464 39.06 0.22 -42.03
N SER A 465 38.59 0.60 -43.22
CA SER A 465 38.55 -0.33 -44.34
C SER A 465 37.49 -1.41 -44.10
N ASP A 466 37.83 -2.44 -43.32
CA ASP A 466 36.87 -3.51 -43.04
C ASP A 466 35.90 -3.12 -41.92
N ILE A 467 34.62 -3.07 -42.26
CA ILE A 467 33.58 -2.74 -41.30
C ILE A 467 33.86 -3.48 -40.00
N ASP A 468 34.15 -4.77 -40.12
CA ASP A 468 34.46 -5.63 -38.99
C ASP A 468 35.43 -4.92 -38.05
N VAL A 469 36.60 -4.58 -38.58
CA VAL A 469 37.62 -3.91 -37.77
C VAL A 469 37.17 -2.61 -37.10
N MET A 470 35.87 -2.31 -37.20
CA MET A 470 35.34 -1.11 -36.58
C MET A 470 35.33 -1.29 -35.06
N GLU A 471 35.86 -0.31 -34.34
CA GLU A 471 35.88 -0.37 -32.90
C GLU A 471 34.50 -0.05 -32.35
N LEU A 472 34.18 -0.71 -31.23
CA LEU A 472 32.89 -0.53 -30.56
C LEU A 472 32.62 0.89 -30.06
N TYR A 473 33.30 1.29 -29.00
CA TYR A 473 33.11 2.62 -28.44
C TYR A 473 32.82 3.67 -29.51
N PRO A 474 33.72 3.78 -30.48
CA PRO A 474 33.51 4.76 -31.55
C PRO A 474 32.15 4.50 -32.18
N ALA A 475 32.07 3.34 -32.85
CA ALA A 475 30.86 2.92 -33.52
C ALA A 475 29.60 3.24 -32.72
N LEU A 476 29.75 3.32 -31.40
CA LEU A 476 28.60 3.61 -30.57
C LEU A 476 28.13 5.06 -30.65
N LEU A 477 29.08 5.98 -30.54
CA LEU A 477 28.77 7.40 -30.57
C LEU A 477 28.38 7.84 -31.97
N VAL A 478 28.92 7.14 -32.96
CA VAL A 478 28.66 7.46 -34.36
C VAL A 478 27.48 6.64 -34.84
N GLU A 479 27.19 5.56 -34.13
CA GLU A 479 26.07 4.68 -34.50
C GLU A 479 24.90 5.46 -35.06
N LYS A 480 24.03 4.79 -35.79
CA LYS A 480 22.88 5.45 -36.41
C LYS A 480 21.65 5.45 -35.53
N PRO A 481 21.42 6.51 -34.75
CA PRO A 481 20.27 6.64 -33.85
C PRO A 481 18.95 6.01 -34.27
N ARG A 482 18.13 5.76 -33.27
CA ARG A 482 16.83 5.19 -33.50
C ARG A 482 15.95 6.40 -33.78
N PRO A 483 14.85 6.19 -34.51
CA PRO A 483 13.91 7.26 -34.86
C PRO A 483 13.70 8.30 -33.76
N ASP A 484 14.58 9.30 -33.69
CA ASP A 484 14.47 10.37 -32.70
C ASP A 484 15.03 9.97 -31.35
N ALA A 485 15.59 8.77 -31.28
CA ALA A 485 16.17 8.27 -30.04
C ALA A 485 17.50 8.94 -29.82
N ILE A 486 18.08 8.72 -28.64
CA ILE A 486 19.37 9.29 -28.29
C ILE A 486 20.48 8.26 -28.46
N PHE A 487 20.11 6.99 -28.52
CA PHE A 487 21.08 5.90 -28.70
C PHE A 487 20.75 5.08 -29.92
N GLY A 488 21.74 4.35 -30.40
CA GLY A 488 21.52 3.47 -31.53
C GLY A 488 21.00 2.16 -30.95
N GLU A 489 21.02 1.09 -31.72
CA GLU A 489 20.55 -0.19 -31.22
C GLU A 489 21.65 -0.79 -30.38
N THR A 490 22.84 -0.82 -30.95
CA THR A 490 24.00 -1.37 -30.25
C THR A 490 24.09 -0.95 -28.78
N MET A 491 24.26 0.35 -28.52
CA MET A 491 24.36 0.81 -27.14
C MET A 491 23.19 0.35 -26.28
N VAL A 492 21.99 0.35 -26.85
CA VAL A 492 20.84 -0.08 -26.06
C VAL A 492 20.94 -1.56 -25.71
N GLU A 493 21.05 -2.40 -26.73
CA GLU A 493 21.14 -3.84 -26.51
C GLU A 493 22.33 -4.36 -25.71
N LEU A 494 23.25 -3.49 -25.30
CA LEU A 494 24.38 -3.93 -24.51
C LEU A 494 24.11 -3.53 -23.08
N GLY A 495 23.78 -2.26 -22.89
CA GLY A 495 23.55 -1.77 -21.55
C GLY A 495 22.26 -2.28 -20.95
N ALA A 496 21.34 -2.72 -21.79
CA ALA A 496 20.07 -3.23 -21.30
C ALA A 496 20.33 -4.40 -20.35
N PRO A 497 21.05 -5.42 -20.83
CA PRO A 497 21.34 -6.58 -19.98
C PRO A 497 22.23 -6.13 -18.84
N PHE A 498 23.46 -5.74 -19.20
CA PHE A 498 24.46 -5.26 -18.26
C PHE A 498 23.81 -4.50 -17.11
N SER A 499 22.89 -3.61 -17.45
CA SER A 499 22.22 -2.81 -16.45
C SER A 499 21.25 -3.57 -15.56
N LEU A 500 20.17 -4.09 -16.14
CA LEU A 500 19.17 -4.79 -15.35
C LEU A 500 19.73 -5.91 -14.49
N LYS A 501 21.02 -6.16 -14.63
CA LYS A 501 21.69 -7.15 -13.81
C LYS A 501 21.96 -6.39 -12.53
N GLY A 502 23.12 -5.75 -12.47
CA GLY A 502 23.48 -4.97 -11.28
C GLY A 502 22.34 -4.19 -10.69
N LEU A 503 21.27 -4.04 -11.44
CA LEU A 503 20.09 -3.34 -10.95
C LEU A 503 19.26 -4.32 -10.13
N MET A 504 18.92 -5.44 -10.76
CA MET A 504 18.15 -6.49 -10.12
C MET A 504 19.02 -7.37 -9.23
N GLY A 505 20.12 -7.85 -9.81
CA GLY A 505 21.07 -8.71 -9.11
C GLY A 505 21.55 -8.16 -7.77
N ASN A 506 21.06 -6.99 -7.37
CA ASN A 506 21.46 -6.44 -6.10
C ASN A 506 20.79 -7.26 -5.01
N PRO A 507 21.51 -7.47 -3.90
CA PRO A 507 21.00 -8.23 -2.75
C PRO A 507 19.55 -7.92 -2.43
N ILE A 508 19.30 -6.69 -1.98
CA ILE A 508 17.96 -6.23 -1.60
C ILE A 508 16.82 -6.60 -2.55
N CYS A 509 17.15 -7.11 -3.72
CA CYS A 509 16.11 -7.50 -4.65
C CYS A 509 15.82 -8.99 -4.57
N SER A 510 16.62 -9.67 -3.75
CA SER A 510 16.52 -11.11 -3.51
C SER A 510 15.39 -11.40 -2.53
N PRO A 511 14.82 -12.60 -2.62
CA PRO A 511 13.70 -13.03 -1.77
C PRO A 511 13.88 -12.77 -0.27
N GLN A 512 14.93 -13.33 0.31
CA GLN A 512 15.17 -13.14 1.73
C GLN A 512 15.63 -11.71 2.05
N TYR A 513 15.07 -10.72 1.36
CA TYR A 513 15.48 -9.34 1.61
C TYR A 513 14.32 -8.41 1.31
N TRP A 514 13.58 -8.79 0.28
CA TRP A 514 12.43 -8.03 -0.16
C TRP A 514 11.26 -8.11 0.80
N LYS A 515 11.31 -7.32 1.88
CA LYS A 515 10.23 -7.28 2.87
C LYS A 515 10.34 -6.12 3.85
N PRO A 516 9.21 -5.56 4.24
CA PRO A 516 9.12 -4.42 5.18
C PRO A 516 10.21 -4.42 6.25
N SER A 517 10.30 -5.56 6.91
CA SER A 517 11.28 -5.78 7.96
C SER A 517 12.62 -5.20 7.54
N THR A 518 13.17 -5.78 6.48
CA THR A 518 14.45 -5.37 5.93
C THR A 518 14.64 -3.89 5.95
N PHE A 519 13.53 -3.15 5.94
CA PHE A 519 13.57 -1.68 5.92
C PHE A 519 12.85 -0.97 7.05
N GLY A 520 12.76 -1.57 8.22
CA GLY A 520 12.06 -0.88 9.29
C GLY A 520 10.57 -0.98 9.05
N GLY A 521 10.19 -1.97 8.25
CA GLY A 521 8.79 -2.22 7.98
C GLY A 521 8.10 -1.37 6.94
N GLU A 522 6.83 -1.70 6.70
CA GLU A 522 5.97 -1.02 5.72
C GLU A 522 6.28 0.44 5.43
N VAL A 523 6.25 1.29 6.46
CA VAL A 523 6.52 2.71 6.28
C VAL A 523 7.78 2.87 5.44
N GLY A 524 8.92 2.61 6.06
CA GLY A 524 10.17 2.73 5.34
C GLY A 524 10.27 1.87 4.09
N PHE A 525 9.37 0.91 3.93
CA PHE A 525 9.36 0.06 2.75
C PHE A 525 8.69 0.85 1.66
N LYS A 526 7.47 1.32 1.92
CA LYS A 526 6.71 2.10 0.97
C LYS A 526 7.64 3.10 0.31
N ILE A 527 8.35 3.86 1.14
CA ILE A 527 9.30 4.85 0.68
C ILE A 527 9.92 4.42 -0.63
N ILE A 528 10.61 3.28 -0.62
CA ILE A 528 11.21 2.81 -1.85
C ILE A 528 10.18 2.59 -2.97
N ASN A 529 9.12 1.85 -2.67
CA ASN A 529 8.08 1.57 -3.66
C ASN A 529 7.35 2.80 -4.19
N THR A 530 7.58 3.94 -3.55
CA THR A 530 6.95 5.20 -3.98
C THR A 530 8.07 6.24 -4.04
N ALA A 531 9.00 6.00 -4.95
CA ALA A 531 10.13 6.90 -5.11
C ALA A 531 10.27 7.31 -6.57
N SER A 532 10.44 8.60 -6.79
CA SER A 532 10.60 9.13 -8.14
C SER A 532 11.60 10.25 -8.04
N ILE A 533 12.43 10.38 -9.06
CA ILE A 533 13.42 11.44 -9.08
C ILE A 533 12.70 12.70 -8.66
N GLN A 534 11.44 12.78 -9.04
CA GLN A 534 10.59 13.91 -8.73
C GLN A 534 10.56 14.13 -7.23
N SER A 535 9.89 13.24 -6.52
CA SER A 535 9.80 13.33 -5.08
C SER A 535 11.18 13.47 -4.48
N LEU A 536 12.13 12.67 -4.97
CA LEU A 536 13.49 12.72 -4.46
C LEU A 536 13.87 14.19 -4.33
N ILE A 537 13.59 14.95 -5.37
CA ILE A 537 13.90 16.36 -5.37
C ILE A 537 12.83 17.13 -4.59
N CYS A 538 11.58 16.71 -4.73
CA CYS A 538 10.47 17.37 -4.04
C CYS A 538 10.75 17.49 -2.53
N ASN A 539 11.04 16.37 -1.91
CA ASN A 539 11.32 16.33 -0.48
C ASN A 539 12.61 17.04 -0.12
N ASN A 540 13.70 16.59 -0.72
CA ASN A 540 15.01 17.14 -0.42
C ASN A 540 15.25 18.58 -0.80
N VAL A 541 14.57 19.07 -1.82
CA VAL A 541 14.77 20.45 -2.26
C VAL A 541 13.62 21.39 -1.91
N LYS A 542 13.98 22.63 -1.58
CA LYS A 542 13.01 23.64 -1.21
C LYS A 542 11.93 23.87 -2.28
N GLY A 543 10.74 24.27 -1.86
CA GLY A 543 9.68 24.54 -2.80
C GLY A 543 9.23 23.42 -3.74
N CYS A 544 9.80 22.23 -3.62
CA CYS A 544 9.41 21.11 -4.49
C CYS A 544 9.44 21.49 -5.97
N PRO A 545 10.57 22.05 -6.44
CA PRO A 545 10.72 22.46 -7.84
C PRO A 545 10.46 21.29 -8.77
N PHE A 546 9.47 21.42 -9.65
CA PHE A 546 9.17 20.33 -10.56
C PHE A 546 10.43 19.86 -11.27
N THR A 547 10.48 18.58 -11.62
CA THR A 547 11.61 18.05 -12.36
C THR A 547 11.25 16.79 -13.12
N SER A 548 12.14 16.43 -14.03
CA SER A 548 11.98 15.26 -14.83
C SER A 548 13.33 15.11 -15.48
N PHE A 549 13.55 13.99 -16.15
CA PHE A 549 14.81 13.80 -16.83
C PHE A 549 14.53 14.26 -18.24
N ASN A 550 13.32 14.79 -18.41
CA ASN A 550 12.85 15.30 -19.68
C ASN A 550 12.61 16.79 -19.61
N VAL A 551 13.15 17.52 -20.58
CA VAL A 551 12.96 18.96 -20.61
C VAL A 551 11.60 19.27 -21.25
N GLN A 552 10.55 19.13 -20.45
CA GLN A 552 9.19 19.39 -20.89
C GLN A 552 8.89 18.81 -22.28
N ALA B 1 16.02 -5.42 27.04
CA ALA B 1 14.76 -4.65 26.83
C ALA B 1 14.14 -4.96 25.45
N ASN B 2 14.93 -5.56 24.56
CA ASN B 2 14.46 -5.90 23.22
C ASN B 2 13.26 -6.85 23.18
N PRO B 3 12.08 -6.35 22.78
CA PRO B 3 10.84 -7.12 22.68
C PRO B 3 10.92 -8.34 21.77
N CYS B 4 12.02 -8.46 21.06
CA CYS B 4 12.20 -9.60 20.17
C CYS B 4 12.99 -10.67 20.88
N CYS B 5 13.71 -10.26 21.93
CA CYS B 5 14.56 -11.14 22.72
C CYS B 5 14.02 -12.54 22.79
N SER B 6 12.72 -12.67 23.03
CA SER B 6 12.06 -13.95 23.15
C SER B 6 11.93 -14.78 21.86
N ASN B 7 12.62 -14.39 20.79
CA ASN B 7 12.54 -15.13 19.52
C ASN B 7 11.11 -15.52 19.18
N PRO B 8 10.16 -14.60 19.40
CA PRO B 8 8.75 -14.86 19.12
C PRO B 8 8.36 -15.33 17.73
N CYS B 9 8.86 -14.63 16.71
CA CYS B 9 8.51 -14.95 15.32
C CYS B 9 8.94 -16.34 14.88
N GLN B 10 7.96 -17.12 14.42
CA GLN B 10 8.21 -18.48 13.98
C GLN B 10 8.27 -18.68 12.46
N ASN B 11 8.71 -19.87 12.06
CA ASN B 11 8.83 -20.24 10.66
C ASN B 11 9.56 -19.25 9.79
N ARG B 12 10.81 -18.98 10.15
CA ARG B 12 11.64 -18.05 9.39
C ARG B 12 11.05 -16.64 9.38
N GLY B 13 10.03 -16.40 10.20
CA GLY B 13 9.44 -15.08 10.27
C GLY B 13 10.51 -14.12 10.76
N GLU B 14 10.29 -12.82 10.61
CA GLU B 14 11.28 -11.87 11.06
C GLU B 14 10.71 -10.97 12.13
N CYS B 15 11.41 -10.85 13.25
CA CYS B 15 10.93 -10.00 14.33
C CYS B 15 11.46 -8.60 14.19
N MET B 16 10.59 -7.61 14.43
CA MET B 16 10.97 -6.18 14.35
C MET B 16 10.39 -5.37 15.52
N SER B 17 11.25 -4.59 16.15
CA SER B 17 10.88 -3.77 17.32
C SER B 17 9.98 -2.62 16.97
N THR B 18 8.67 -2.84 17.02
CA THR B 18 7.71 -1.80 16.71
C THR B 18 7.46 -0.91 17.91
N GLY B 19 8.54 -0.48 18.55
CA GLY B 19 8.41 0.33 19.75
C GLY B 19 9.22 -0.27 20.88
N PHE B 20 9.54 0.53 21.89
CA PHE B 20 10.32 0.08 23.03
C PHE B 20 9.99 -1.30 23.61
N ASP B 21 8.71 -1.54 23.91
CA ASP B 21 8.30 -2.81 24.48
C ASP B 21 7.21 -3.51 23.67
N GLN B 22 7.38 -3.53 22.36
CA GLN B 22 6.44 -4.19 21.45
C GLN B 22 7.25 -4.63 20.24
N TYR B 23 6.73 -5.60 19.49
CA TYR B 23 7.47 -6.10 18.33
C TYR B 23 6.53 -6.45 17.18
N LYS B 24 7.09 -7.00 16.10
CA LYS B 24 6.30 -7.39 14.95
C LYS B 24 6.98 -8.47 14.14
N CYS B 25 6.15 -9.37 13.60
CA CYS B 25 6.63 -10.50 12.80
C CYS B 25 6.35 -10.37 11.33
N ASP B 26 7.41 -10.52 10.53
CA ASP B 26 7.34 -10.44 9.09
C ASP B 26 7.14 -11.82 8.49
N CYS B 27 5.92 -12.33 8.56
CA CYS B 27 5.61 -13.64 8.02
C CYS B 27 5.43 -13.55 6.49
N THR B 28 6.51 -13.20 5.81
CA THR B 28 6.47 -13.05 4.37
C THR B 28 7.00 -14.27 3.64
N ARG B 29 6.16 -14.82 2.78
CA ARG B 29 6.53 -16.01 2.01
C ARG B 29 6.84 -17.15 2.96
N THR B 30 6.51 -16.95 4.22
CA THR B 30 6.73 -17.94 5.28
C THR B 30 5.73 -19.08 5.15
N GLY B 31 4.46 -18.74 5.02
CA GLY B 31 3.41 -19.75 4.91
C GLY B 31 2.51 -19.70 6.12
N PHE B 32 2.73 -18.69 6.96
CA PHE B 32 1.94 -18.53 8.17
C PHE B 32 1.65 -17.07 8.47
N TYR B 33 0.44 -16.78 8.94
CA TYR B 33 0.12 -15.42 9.33
C TYR B 33 0.15 -15.40 10.84
N GLY B 34 -0.76 -14.66 11.45
CA GLY B 34 -0.77 -14.61 12.89
C GLY B 34 0.41 -13.78 13.39
N GLU B 35 0.18 -13.10 14.50
CA GLU B 35 1.18 -12.26 15.11
C GLU B 35 2.55 -12.93 15.21
N ASN B 36 2.57 -14.25 15.32
CA ASN B 36 3.83 -14.96 15.48
C ASN B 36 4.24 -15.81 14.28
N CYS B 37 3.52 -15.68 13.18
CA CYS B 37 3.81 -16.43 11.96
C CYS B 37 3.53 -17.89 12.18
N THR B 38 2.45 -18.14 12.91
CA THR B 38 2.03 -19.49 13.28
C THR B 38 0.90 -20.01 12.43
N THR B 39 -0.23 -19.31 12.42
CA THR B 39 -1.36 -19.75 11.61
C THR B 39 -0.87 -20.00 10.20
N PRO B 40 -1.01 -21.23 9.70
CA PRO B 40 -0.55 -21.54 8.35
C PRO B 40 -1.61 -21.29 7.29
N GLU B 41 -1.19 -21.34 6.03
CA GLU B 41 -2.11 -21.16 4.92
C GLU B 41 -2.40 -22.57 4.45
N PHE B 42 -3.38 -22.72 3.57
CA PHE B 42 -3.72 -24.05 3.09
C PHE B 42 -2.55 -24.83 2.47
N LEU B 43 -2.06 -24.43 1.31
CA LEU B 43 -0.96 -25.16 0.69
C LEU B 43 0.11 -25.48 1.72
N THR B 44 0.27 -24.60 2.70
CA THR B 44 1.25 -24.82 3.75
C THR B 44 0.92 -26.18 4.38
N ARG B 45 -0.31 -26.29 4.86
CA ARG B 45 -0.79 -27.51 5.50
C ARG B 45 -0.49 -28.72 4.63
N ILE B 46 -1.12 -28.76 3.47
CA ILE B 46 -0.92 -29.87 2.53
C ILE B 46 0.56 -30.11 2.29
N LYS B 47 1.36 -29.05 2.38
CA LYS B 47 2.79 -29.16 2.18
C LYS B 47 3.40 -29.93 3.34
N LEU B 48 2.91 -29.65 4.55
CA LEU B 48 3.40 -30.31 5.75
C LEU B 48 2.85 -31.72 5.90
N LEU B 49 1.61 -31.91 5.49
CA LEU B 49 0.95 -33.22 5.56
C LEU B 49 1.40 -34.03 4.37
N LEU B 50 2.65 -33.83 4.00
CA LEU B 50 3.29 -34.52 2.88
C LEU B 50 4.80 -34.35 3.08
N LYS B 51 5.17 -33.90 4.28
CA LYS B 51 6.56 -33.67 4.64
C LYS B 51 7.03 -34.73 5.61
N PRO B 52 7.74 -35.76 5.10
CA PRO B 52 8.27 -36.87 5.89
C PRO B 52 9.42 -36.49 6.82
N THR B 53 9.39 -36.96 8.07
CA THR B 53 10.45 -36.65 9.01
C THR B 53 11.83 -37.07 8.49
N PRO B 54 12.85 -36.23 8.74
CA PRO B 54 14.21 -36.52 8.28
C PRO B 54 14.65 -37.91 8.69
N ASN B 55 14.26 -38.30 9.89
CA ASN B 55 14.59 -39.60 10.42
C ASN B 55 13.97 -40.65 9.51
N THR B 56 12.71 -40.43 9.16
CA THR B 56 12.00 -41.34 8.29
C THR B 56 12.85 -41.56 7.05
N VAL B 57 13.08 -40.45 6.35
CA VAL B 57 13.87 -40.45 5.12
C VAL B 57 15.21 -41.11 5.33
N HIS B 58 15.99 -40.54 6.26
CA HIS B 58 17.29 -41.07 6.59
C HIS B 58 17.18 -42.58 6.61
N TYR B 59 16.12 -43.04 7.27
CA TYR B 59 15.87 -44.46 7.36
C TYR B 59 15.82 -45.02 5.95
N ILE B 60 14.79 -44.63 5.19
CA ILE B 60 14.61 -45.12 3.83
C ILE B 60 15.89 -45.04 3.01
N LEU B 61 16.73 -44.06 3.32
CA LEU B 61 17.98 -43.84 2.60
C LEU B 61 19.00 -44.90 2.92
N THR B 62 18.93 -45.39 4.15
CA THR B 62 19.87 -46.37 4.66
C THR B 62 19.34 -47.81 4.65
N HIS B 63 18.17 -48.01 4.07
CA HIS B 63 17.59 -49.34 4.04
C HIS B 63 17.29 -49.81 2.62
N PHE B 64 16.40 -50.78 2.50
CA PHE B 64 16.01 -51.34 1.21
C PHE B 64 17.19 -51.48 0.25
N LYS B 65 18.39 -51.58 0.80
CA LYS B 65 19.61 -51.70 0.00
C LYS B 65 19.39 -52.37 -1.35
N GLY B 66 18.57 -53.41 -1.37
CA GLY B 66 18.32 -54.09 -2.62
C GLY B 66 17.82 -53.12 -3.67
N VAL B 67 16.75 -52.42 -3.31
CA VAL B 67 16.13 -51.42 -4.18
C VAL B 67 17.14 -50.35 -4.55
N TRP B 68 17.80 -49.78 -3.55
CA TRP B 68 18.80 -48.76 -3.80
C TRP B 68 19.81 -49.22 -4.84
N ASN B 69 20.09 -50.53 -4.84
CA ASN B 69 21.03 -51.08 -5.80
C ASN B 69 20.43 -50.96 -7.21
N ILE B 70 19.13 -51.14 -7.29
CA ILE B 70 18.43 -51.05 -8.56
C ILE B 70 18.61 -49.64 -9.13
N VAL B 71 18.17 -48.65 -8.36
CA VAL B 71 18.27 -47.26 -8.79
C VAL B 71 19.72 -46.84 -9.02
N ASN B 72 20.62 -47.29 -8.14
CA ASN B 72 22.03 -46.95 -8.26
C ASN B 72 22.63 -47.36 -9.61
N ASN B 73 21.83 -48.06 -10.41
CA ASN B 73 22.28 -48.50 -11.74
C ASN B 73 21.24 -48.17 -12.79
N ILE B 74 20.67 -46.97 -12.68
CA ILE B 74 19.67 -46.43 -13.60
C ILE B 74 19.82 -44.92 -13.66
N PRO B 75 20.80 -44.44 -14.42
CA PRO B 75 21.11 -43.02 -14.59
C PRO B 75 20.00 -42.03 -14.28
N PHE B 76 18.98 -41.95 -15.13
CA PHE B 76 17.91 -41.00 -14.87
C PHE B 76 17.39 -41.12 -13.45
N LEU B 77 17.15 -42.36 -13.02
CA LEU B 77 16.66 -42.59 -11.66
C LEU B 77 17.63 -41.97 -10.64
N ARG B 78 18.86 -42.47 -10.63
CA ARG B 78 19.88 -41.97 -9.71
C ARG B 78 19.83 -40.45 -9.63
N SER B 79 20.10 -39.80 -10.77
CA SER B 79 20.08 -38.35 -10.87
C SER B 79 18.75 -37.83 -10.31
N LEU B 80 17.66 -38.31 -10.89
CA LEU B 80 16.33 -37.91 -10.46
C LEU B 80 16.29 -37.81 -8.92
N ILE B 81 16.96 -38.77 -8.28
CA ILE B 81 17.01 -38.81 -6.83
C ILE B 81 17.99 -37.76 -6.30
N MET B 82 19.26 -37.96 -6.63
CA MET B 82 20.36 -37.07 -6.22
C MET B 82 19.90 -35.64 -6.31
N LYS B 83 19.22 -35.35 -7.42
CA LYS B 83 18.66 -34.03 -7.69
C LYS B 83 17.68 -33.71 -6.57
N TYR B 84 16.68 -34.58 -6.44
CA TYR B 84 15.68 -34.43 -5.40
C TYR B 84 16.39 -34.06 -4.10
N VAL B 85 17.44 -34.82 -3.77
CA VAL B 85 18.19 -34.57 -2.55
C VAL B 85 18.76 -33.17 -2.60
N LEU B 86 19.36 -32.84 -3.74
CA LEU B 86 19.94 -31.54 -3.92
C LEU B 86 18.89 -30.49 -3.60
N THR B 87 17.81 -30.53 -4.37
CA THR B 87 16.73 -29.58 -4.22
C THR B 87 16.04 -29.62 -2.85
N SER B 88 15.94 -30.81 -2.26
CA SER B 88 15.29 -30.93 -0.97
C SER B 88 15.89 -29.91 -0.05
N ARG B 89 17.21 -29.89 0.02
CA ARG B 89 17.90 -28.94 0.88
C ARG B 89 17.67 -27.54 0.32
N SER B 90 18.57 -27.14 -0.58
CA SER B 90 18.50 -25.84 -1.24
C SER B 90 17.69 -24.76 -0.54
N TYR B 91 16.36 -24.83 -0.65
CA TYR B 91 15.47 -23.85 -0.06
C TYR B 91 15.69 -23.54 1.42
N LEU B 92 16.78 -24.02 1.99
CA LEU B 92 17.06 -23.80 3.40
C LEU B 92 17.95 -22.62 3.77
N ILE B 93 19.12 -22.55 3.13
CA ILE B 93 20.09 -21.47 3.41
C ILE B 93 19.63 -20.07 2.97
N ASP B 94 20.24 -19.06 3.58
CA ASP B 94 19.93 -17.67 3.28
C ASP B 94 20.91 -17.06 2.27
N SER B 95 20.83 -17.49 1.02
CA SER B 95 21.72 -16.92 -0.01
C SER B 95 20.91 -16.10 -1.00
N PRO B 96 21.31 -14.86 -1.23
CA PRO B 96 22.46 -14.19 -0.62
C PRO B 96 22.42 -14.01 0.90
N PRO B 97 23.59 -14.09 1.56
CA PRO B 97 23.81 -13.96 3.01
C PRO B 97 23.00 -12.86 3.69
N THR B 98 22.77 -13.05 4.99
CA THR B 98 22.02 -12.08 5.76
C THR B 98 22.79 -11.60 6.99
N TYR B 99 22.40 -12.08 8.16
CA TYR B 99 23.04 -11.66 9.41
C TYR B 99 24.43 -12.20 9.67
N ASN B 100 25.04 -11.66 10.73
CA ASN B 100 26.37 -12.05 11.16
C ASN B 100 26.48 -11.70 12.63
N VAL B 101 27.67 -11.90 13.18
CA VAL B 101 27.94 -11.60 14.57
C VAL B 101 27.30 -10.32 15.04
N HIS B 102 27.80 -9.19 14.57
CA HIS B 102 27.29 -7.90 14.99
C HIS B 102 25.93 -7.47 14.46
N TYR B 103 25.42 -8.13 13.41
CA TYR B 103 24.14 -7.70 12.86
C TYR B 103 23.00 -8.70 12.93
N GLY B 104 21.99 -8.31 13.70
CA GLY B 104 20.79 -9.11 13.89
C GLY B 104 19.72 -8.75 12.89
N TYR B 105 19.88 -7.61 12.24
CA TYR B 105 18.94 -7.19 11.21
C TYR B 105 19.73 -7.21 9.91
N LYS B 106 19.04 -7.29 8.76
CA LYS B 106 19.75 -7.28 7.48
C LYS B 106 20.37 -5.91 7.35
N SER B 107 21.62 -5.87 6.90
CA SER B 107 22.32 -4.61 6.76
C SER B 107 23.34 -4.73 5.63
N TRP B 108 23.64 -3.59 4.99
CA TRP B 108 24.60 -3.57 3.91
C TRP B 108 25.96 -3.99 4.47
N GLU B 109 26.37 -3.27 5.51
CA GLU B 109 27.66 -3.55 6.17
C GLU B 109 27.75 -5.05 6.33
N ALA B 110 26.61 -5.65 6.64
CA ALA B 110 26.51 -7.09 6.79
C ALA B 110 26.87 -7.68 5.43
N PHE B 111 25.85 -7.78 4.59
CA PHE B 111 26.00 -8.34 3.26
C PHE B 111 27.31 -8.01 2.55
N SER B 112 27.92 -6.89 2.89
CA SER B 112 29.14 -6.46 2.24
C SER B 112 30.43 -7.04 2.83
N ASN B 113 30.69 -6.77 4.12
CA ASN B 113 31.90 -7.24 4.74
C ASN B 113 32.12 -8.74 4.51
N LEU B 114 33.28 -9.07 3.96
CA LEU B 114 33.59 -10.46 3.66
C LEU B 114 34.45 -11.16 4.71
N SER B 115 34.94 -10.38 5.66
CA SER B 115 35.77 -10.91 6.74
C SER B 115 34.88 -11.54 7.81
N TYR B 116 33.58 -11.22 7.78
CA TYR B 116 32.63 -11.77 8.74
C TYR B 116 32.29 -13.20 8.32
N TYR B 117 31.54 -13.88 9.18
CA TYR B 117 31.07 -15.24 8.91
C TYR B 117 29.57 -14.97 8.94
N THR B 118 28.82 -15.47 7.97
CA THR B 118 27.39 -15.20 7.97
C THR B 118 26.76 -16.08 9.04
N ARG B 119 25.62 -15.69 9.57
CA ARG B 119 24.98 -16.48 10.61
C ARG B 119 23.56 -16.94 10.23
N ALA B 120 23.39 -18.26 10.18
CA ALA B 120 22.11 -18.88 9.83
C ALA B 120 21.00 -18.36 10.72
N LEU B 121 21.38 -17.87 11.90
CA LEU B 121 20.42 -17.32 12.84
C LEU B 121 21.07 -16.13 13.48
N PRO B 122 20.31 -15.08 13.65
CA PRO B 122 20.82 -13.85 14.26
C PRO B 122 21.32 -14.04 15.68
N PRO B 123 22.25 -13.20 16.11
CA PRO B 123 22.75 -13.33 17.48
C PRO B 123 21.64 -12.85 18.41
N VAL B 124 21.99 -12.60 19.67
CA VAL B 124 21.00 -12.15 20.65
C VAL B 124 21.38 -10.78 21.17
N ALA B 125 20.41 -9.87 21.14
CA ALA B 125 20.65 -8.52 21.61
C ALA B 125 21.43 -8.54 22.91
N ASP B 126 22.57 -7.84 22.92
CA ASP B 126 23.38 -7.76 24.12
C ASP B 126 22.53 -7.12 25.22
N ASP B 127 21.40 -6.53 24.80
CA ASP B 127 20.47 -5.88 25.72
C ASP B 127 19.47 -6.92 26.26
N CYS B 128 19.43 -8.09 25.63
CA CYS B 128 18.54 -9.17 26.06
C CYS B 128 18.90 -9.52 27.51
N PRO B 129 17.91 -10.01 28.30
CA PRO B 129 18.13 -10.38 29.72
C PRO B 129 18.95 -11.65 29.96
N THR B 130 18.57 -12.74 29.31
CA THR B 130 19.26 -14.00 29.49
C THR B 130 20.00 -14.39 28.22
N PRO B 131 21.13 -15.09 28.38
CA PRO B 131 21.98 -15.58 27.29
C PRO B 131 21.22 -16.20 26.11
N MET B 132 20.03 -16.73 26.36
CA MET B 132 19.27 -17.30 25.26
C MET B 132 18.06 -16.43 25.01
N GLY B 133 18.21 -15.16 25.30
CA GLY B 133 17.12 -14.23 25.11
C GLY B 133 16.41 -13.98 26.41
N VAL B 134 15.52 -14.90 26.78
CA VAL B 134 14.75 -14.79 28.01
C VAL B 134 14.73 -16.08 28.84
N LYS B 135 14.56 -17.22 28.17
CA LYS B 135 14.53 -18.50 28.88
C LYS B 135 15.92 -18.79 29.42
N GLY B 136 15.97 -19.24 30.67
CA GLY B 136 17.24 -19.56 31.29
C GLY B 136 17.63 -18.65 32.43
N ASN B 137 18.86 -18.77 32.90
CA ASN B 137 19.33 -17.94 34.01
C ASN B 137 20.22 -16.81 33.55
N LYS B 138 20.59 -15.95 34.50
CA LYS B 138 21.46 -14.81 34.22
C LYS B 138 22.71 -15.30 33.50
N GLU B 139 22.92 -16.61 33.53
CA GLU B 139 24.06 -17.18 32.84
C GLU B 139 23.81 -18.59 32.36
N LEU B 140 24.88 -19.19 31.88
CA LEU B 140 24.86 -20.53 31.35
C LEU B 140 25.82 -21.41 32.14
N PRO B 141 25.53 -22.71 32.18
CA PRO B 141 26.38 -23.66 32.89
C PRO B 141 27.85 -23.38 32.57
N ASP B 142 28.72 -23.46 33.56
CA ASP B 142 30.13 -23.25 33.29
C ASP B 142 30.47 -24.31 32.25
N SER B 143 31.36 -23.98 31.32
CA SER B 143 31.72 -24.91 30.26
C SER B 143 32.57 -26.08 30.75
N LYS B 144 33.56 -25.77 31.59
CA LYS B 144 34.45 -26.78 32.17
C LYS B 144 33.59 -27.98 32.56
N GLU B 145 32.54 -27.71 33.32
CA GLU B 145 31.60 -28.74 33.76
C GLU B 145 31.15 -29.49 32.53
N VAL B 146 30.11 -28.99 31.88
CA VAL B 146 29.57 -29.59 30.65
C VAL B 146 30.66 -30.37 29.92
N LEU B 147 31.76 -29.67 29.65
CA LEU B 147 32.95 -30.20 28.99
C LEU B 147 33.24 -31.59 29.54
N GLU B 148 33.52 -31.62 30.83
CA GLU B 148 33.78 -32.86 31.54
C GLU B 148 32.48 -33.65 31.70
N LYS B 149 31.57 -33.08 32.47
CA LYS B 149 30.27 -33.69 32.73
C LYS B 149 29.63 -34.48 31.58
N VAL B 150 30.03 -34.26 30.34
CA VAL B 150 29.41 -35.00 29.24
C VAL B 150 30.16 -34.98 27.93
N LEU B 151 31.29 -34.30 27.87
CA LEU B 151 32.02 -34.25 26.62
C LEU B 151 33.30 -35.08 26.54
N LEU B 152 34.26 -34.75 27.40
CA LEU B 152 35.53 -35.46 27.39
C LEU B 152 35.39 -36.98 27.29
N ARG B 153 36.16 -37.58 26.41
CA ARG B 153 36.13 -39.02 26.20
C ARG B 153 36.77 -39.77 27.36
N ARG B 154 36.04 -40.74 27.90
CA ARG B 154 36.56 -41.58 28.99
C ARG B 154 37.13 -42.78 28.27
N GLU B 155 36.25 -43.66 27.81
CA GLU B 155 36.69 -44.83 27.05
C GLU B 155 36.53 -44.41 25.60
N PHE B 156 37.59 -44.53 24.81
CA PHE B 156 37.49 -44.16 23.41
C PHE B 156 36.31 -44.87 22.75
N ILE B 157 35.45 -44.11 22.09
CA ILE B 157 34.31 -44.69 21.41
C ILE B 157 34.59 -44.68 19.92
N PRO B 158 34.60 -45.86 19.28
CA PRO B 158 34.89 -45.86 17.85
C PRO B 158 33.65 -45.47 17.09
N ASP B 159 33.84 -44.86 15.91
CA ASP B 159 32.67 -44.51 15.15
C ASP B 159 32.12 -45.82 14.57
N PRO B 160 30.85 -46.13 14.84
CA PRO B 160 30.30 -47.37 14.31
C PRO B 160 30.41 -47.37 12.78
N GLN B 161 30.42 -46.19 12.18
CA GLN B 161 30.49 -46.07 10.72
C GLN B 161 31.81 -46.48 10.04
N GLY B 162 32.86 -46.71 10.83
CA GLY B 162 34.12 -47.13 10.26
C GLY B 162 35.06 -46.02 9.82
N SER B 163 34.69 -44.79 10.16
CA SER B 163 35.49 -43.62 9.81
C SER B 163 36.95 -43.75 10.24
N ASN B 164 37.82 -44.05 9.28
CA ASN B 164 39.25 -44.20 9.56
C ASN B 164 39.91 -42.86 9.77
N MET B 165 41.23 -42.87 9.87
CA MET B 165 41.99 -41.64 10.08
C MET B 165 42.01 -40.81 8.78
N MET B 166 42.02 -41.50 7.64
CA MET B 166 41.99 -40.82 6.35
C MET B 166 40.87 -39.81 6.45
N PHE B 167 39.64 -40.30 6.46
CA PHE B 167 38.51 -39.42 6.56
C PHE B 167 38.80 -38.26 7.51
N ALA B 168 39.09 -38.56 8.77
CA ALA B 168 39.36 -37.51 9.74
C ALA B 168 40.26 -36.42 9.16
N PHE B 169 41.51 -36.75 8.90
CA PHE B 169 42.43 -35.77 8.37
C PHE B 169 41.92 -35.06 7.11
N PHE B 170 41.16 -35.78 6.29
CA PHE B 170 40.62 -35.15 5.09
C PHE B 170 39.76 -34.06 5.66
N ALA B 171 38.55 -34.43 6.08
CA ALA B 171 37.62 -33.49 6.68
C ALA B 171 38.41 -32.37 7.34
N GLN B 172 39.38 -32.73 8.18
CA GLN B 172 40.20 -31.73 8.87
C GLN B 172 40.86 -30.80 7.86
N HIS B 173 41.69 -31.40 7.00
CA HIS B 173 42.42 -30.69 5.96
C HIS B 173 41.47 -29.89 5.06
N PHE B 174 40.51 -30.59 4.46
CA PHE B 174 39.54 -29.96 3.58
C PHE B 174 38.83 -28.78 4.23
N THR B 175 38.04 -29.02 5.26
CA THR B 175 37.33 -27.93 5.91
C THR B 175 38.23 -26.75 6.30
N HIS B 176 39.55 -26.95 6.28
CA HIS B 176 40.44 -25.86 6.68
C HIS B 176 40.66 -24.71 5.71
N GLN B 177 39.97 -24.76 4.58
CA GLN B 177 40.05 -23.69 3.61
C GLN B 177 38.92 -22.72 3.99
N PHE B 178 37.68 -23.21 4.01
CA PHE B 178 36.58 -22.32 4.38
C PHE B 178 36.74 -21.80 5.79
N PHE B 179 36.72 -22.70 6.77
CA PHE B 179 36.89 -22.25 8.14
C PHE B 179 38.34 -21.83 8.27
N LYS B 180 38.57 -20.63 8.76
CA LYS B 180 39.92 -20.11 8.92
C LYS B 180 39.87 -18.89 9.82
N THR B 181 38.91 -18.91 10.74
CA THR B 181 38.72 -17.83 11.69
C THR B 181 39.97 -17.01 12.01
N ASP B 182 39.84 -15.71 11.85
CA ASP B 182 40.92 -14.79 12.13
C ASP B 182 40.68 -14.34 13.56
N HIS B 183 41.44 -14.88 14.50
CA HIS B 183 41.28 -14.56 15.90
C HIS B 183 41.71 -13.14 16.27
N LYS B 184 42.73 -12.62 15.60
CA LYS B 184 43.17 -11.27 15.88
C LYS B 184 41.94 -10.39 15.83
N ARG B 185 41.04 -10.73 14.91
CA ARG B 185 39.80 -9.99 14.72
C ARG B 185 38.73 -10.46 15.68
N GLY B 186 38.47 -11.76 15.67
CA GLY B 186 37.46 -12.30 16.55
C GLY B 186 37.02 -13.69 16.10
N PRO B 187 36.10 -14.30 16.85
CA PRO B 187 35.61 -15.65 16.53
C PRO B 187 34.74 -15.62 15.28
N GLY B 188 33.97 -14.54 15.14
CA GLY B 188 33.06 -14.38 14.00
C GLY B 188 33.66 -14.08 12.62
N PHE B 189 34.92 -13.68 12.58
CA PHE B 189 35.56 -13.34 11.31
C PHE B 189 36.41 -14.44 10.67
N THR B 190 36.23 -14.64 9.37
CA THR B 190 37.01 -15.63 8.66
C THR B 190 38.11 -14.89 7.91
N ARG B 191 39.13 -15.62 7.49
CA ARG B 191 40.26 -15.05 6.76
C ARG B 191 40.19 -15.61 5.35
N GLY B 192 39.38 -16.66 5.21
CA GLY B 192 39.21 -17.26 3.90
C GLY B 192 38.06 -16.55 3.21
N LEU B 193 38.38 -15.43 2.57
CA LEU B 193 37.36 -14.65 1.89
C LEU B 193 36.78 -15.45 0.73
N GLY B 194 37.51 -16.49 0.35
CA GLY B 194 37.03 -17.34 -0.73
C GLY B 194 35.67 -17.88 -0.35
N HIS B 195 35.39 -17.90 0.95
CA HIS B 195 34.13 -18.41 1.46
C HIS B 195 33.66 -19.63 0.70
N GLY B 196 34.56 -20.59 0.52
CA GLY B 196 34.19 -21.79 -0.17
C GLY B 196 35.35 -22.63 -0.66
N VAL B 197 35.01 -23.70 -1.37
CA VAL B 197 36.00 -24.61 -1.94
C VAL B 197 36.81 -23.91 -3.03
N ASP B 198 37.92 -23.32 -2.64
CA ASP B 198 38.75 -22.63 -3.59
C ASP B 198 40.20 -23.08 -3.51
N LEU B 199 40.43 -24.16 -2.75
CA LEU B 199 41.77 -24.74 -2.52
C LEU B 199 42.80 -23.68 -2.17
N ASN B 200 42.38 -22.68 -1.43
CA ASN B 200 43.30 -21.64 -1.06
C ASN B 200 44.35 -22.24 -0.13
N HIS B 201 44.03 -23.39 0.47
CA HIS B 201 44.95 -24.07 1.39
C HIS B 201 46.10 -24.70 0.61
N ILE B 202 45.90 -24.86 -0.69
CA ILE B 202 46.94 -25.41 -1.54
C ILE B 202 47.73 -24.32 -2.23
N TYR B 203 47.05 -23.23 -2.58
CA TYR B 203 47.71 -22.13 -3.27
C TYR B 203 47.78 -20.80 -2.52
N GLY B 204 47.44 -20.78 -1.23
CA GLY B 204 47.50 -19.53 -0.49
C GLY B 204 46.28 -18.68 -0.80
N GLU B 205 45.98 -17.70 0.06
CA GLU B 205 44.82 -16.85 -0.21
C GLU B 205 45.24 -15.71 -1.12
N THR B 206 46.36 -15.06 -0.76
CA THR B 206 46.84 -13.94 -1.56
C THR B 206 47.69 -14.42 -2.72
N LEU B 207 47.69 -13.63 -3.79
CA LEU B 207 48.47 -13.91 -4.98
C LEU B 207 49.93 -14.01 -4.59
N ASP B 208 50.37 -13.00 -3.84
CA ASP B 208 51.74 -12.93 -3.37
C ASP B 208 52.18 -14.32 -2.93
N ARG B 209 51.43 -14.88 -2.00
CA ARG B 209 51.70 -16.21 -1.47
C ARG B 209 51.70 -17.20 -2.64
N GLN B 210 50.57 -17.28 -3.32
CA GLN B 210 50.39 -18.17 -4.43
C GLN B 210 51.60 -18.20 -5.35
N HIS B 211 52.13 -17.03 -5.66
CA HIS B 211 53.26 -16.94 -6.57
C HIS B 211 54.51 -17.58 -6.00
N LYS B 212 54.69 -17.47 -4.70
CA LYS B 212 55.86 -18.06 -4.07
C LYS B 212 55.71 -19.57 -4.06
N LEU B 213 54.47 -20.05 -4.02
CA LEU B 213 54.21 -21.48 -4.02
C LEU B 213 54.22 -21.99 -5.44
N ARG B 214 54.41 -21.05 -6.38
CA ARG B 214 54.43 -21.39 -7.80
C ARG B 214 55.85 -21.51 -8.30
N LEU B 215 56.04 -22.42 -9.24
CA LEU B 215 57.35 -22.64 -9.81
C LEU B 215 57.51 -21.84 -11.11
N PHE B 216 56.36 -21.49 -11.70
CA PHE B 216 56.32 -20.73 -12.94
C PHE B 216 57.02 -21.47 -14.07
N LYS B 217 56.52 -22.66 -14.33
CA LYS B 217 57.03 -23.53 -15.36
C LYS B 217 55.97 -24.61 -15.43
N ASP B 218 55.37 -24.76 -16.61
CA ASP B 218 54.34 -25.77 -16.78
C ASP B 218 53.25 -25.60 -15.73
N GLY B 219 53.12 -24.37 -15.23
CA GLY B 219 52.11 -24.08 -14.21
C GLY B 219 52.18 -24.97 -12.98
N LYS B 220 53.38 -25.44 -12.67
CA LYS B 220 53.56 -26.31 -11.53
C LYS B 220 53.85 -25.56 -10.23
N LEU B 221 53.45 -26.18 -9.12
CA LEU B 221 53.68 -25.63 -7.79
C LEU B 221 55.07 -26.05 -7.39
N LYS B 222 55.82 -25.11 -6.83
CA LYS B 222 57.17 -25.39 -6.42
C LYS B 222 57.11 -26.61 -5.51
N TYR B 223 58.02 -27.55 -5.70
CA TYR B 223 58.07 -28.75 -4.87
C TYR B 223 59.50 -29.04 -4.45
N GLN B 224 59.75 -30.26 -3.96
CA GLN B 224 61.08 -30.65 -3.50
C GLN B 224 61.16 -32.16 -3.36
N VAL B 225 62.30 -32.72 -3.72
CA VAL B 225 62.47 -34.16 -3.64
C VAL B 225 63.38 -34.60 -2.50
N ILE B 226 62.80 -35.33 -1.56
CA ILE B 226 63.54 -35.85 -0.43
C ILE B 226 63.49 -37.36 -0.51
N GLY B 227 64.66 -37.98 -0.43
CA GLY B 227 64.73 -39.41 -0.50
C GLY B 227 63.92 -39.96 -1.67
N GLY B 228 64.06 -39.34 -2.82
CA GLY B 228 63.35 -39.82 -4.00
C GLY B 228 61.85 -39.62 -3.94
N GLU B 229 61.38 -38.78 -3.04
CA GLU B 229 59.95 -38.54 -2.93
C GLU B 229 59.58 -37.07 -3.09
N VAL B 230 58.41 -36.82 -3.67
CA VAL B 230 57.90 -35.46 -3.90
C VAL B 230 57.26 -34.87 -2.65
N TYR B 231 57.77 -33.73 -2.20
CA TYR B 231 57.24 -33.11 -1.01
C TYR B 231 57.12 -31.60 -1.16
N PRO B 232 56.24 -30.99 -0.37
CA PRO B 232 56.11 -29.53 -0.47
C PRO B 232 57.53 -28.96 -0.31
N PRO B 233 57.73 -27.70 -0.70
CA PRO B 233 59.06 -27.09 -0.58
C PRO B 233 59.24 -26.32 0.71
N THR B 234 60.48 -25.93 0.99
CA THR B 234 60.81 -25.20 2.22
C THR B 234 60.44 -23.73 2.32
N VAL B 235 60.31 -23.26 3.54
CA VAL B 235 59.99 -21.88 3.83
C VAL B 235 61.20 -21.03 3.51
N LYS B 236 62.38 -21.61 3.65
CA LYS B 236 63.62 -20.90 3.40
C LYS B 236 63.90 -20.70 1.93
N ASP B 237 63.11 -21.32 1.07
CA ASP B 237 63.30 -21.20 -0.37
C ASP B 237 62.16 -20.47 -1.06
N THR B 238 61.05 -20.28 -0.35
CA THR B 238 59.90 -19.62 -0.92
C THR B 238 59.49 -18.45 -0.04
N GLN B 239 60.13 -18.32 1.12
CA GLN B 239 59.83 -17.25 2.04
C GLN B 239 58.35 -17.21 2.39
N VAL B 240 57.61 -18.24 1.98
CA VAL B 240 56.19 -18.33 2.28
C VAL B 240 55.97 -18.29 3.78
N GLU B 241 54.82 -17.76 4.19
CA GLU B 241 54.47 -17.66 5.60
C GLU B 241 53.93 -18.96 6.15
N MET B 242 54.64 -19.56 7.10
CA MET B 242 54.22 -20.83 7.71
C MET B 242 54.31 -20.76 9.24
N ILE B 243 53.25 -21.20 9.91
CA ILE B 243 53.20 -21.19 11.38
C ILE B 243 53.93 -22.42 11.95
N TYR B 244 55.11 -22.19 12.50
CA TYR B 244 55.94 -23.26 13.06
C TYR B 244 56.55 -22.89 14.42
N PRO B 245 56.85 -23.91 15.24
CA PRO B 245 57.47 -23.72 16.55
C PRO B 245 58.99 -23.63 16.41
N PRO B 246 59.61 -22.69 17.13
CA PRO B 246 61.04 -22.41 17.17
C PRO B 246 62.05 -23.50 16.84
N HIS B 247 61.88 -24.70 17.39
CA HIS B 247 62.84 -25.78 17.15
C HIS B 247 62.92 -26.33 15.72
N ILE B 248 61.79 -26.46 15.05
CA ILE B 248 61.76 -27.01 13.70
C ILE B 248 62.92 -26.58 12.82
N PRO B 249 63.58 -27.55 12.19
CA PRO B 249 64.71 -27.23 11.32
C PRO B 249 64.19 -26.77 9.95
N GLU B 250 64.89 -25.82 9.36
CA GLU B 250 64.51 -25.29 8.07
C GLU B 250 64.25 -26.41 7.07
N ASN B 251 65.10 -27.42 7.08
CA ASN B 251 64.95 -28.53 6.14
C ASN B 251 63.61 -29.21 6.34
N LEU B 252 62.93 -28.87 7.42
CA LEU B 252 61.65 -29.47 7.72
C LEU B 252 60.49 -28.48 7.62
N GLN B 253 60.79 -27.20 7.75
CA GLN B 253 59.77 -26.17 7.65
C GLN B 253 59.10 -26.19 6.29
N PHE B 254 57.97 -26.85 6.19
CA PHE B 254 57.26 -26.93 4.93
C PHE B 254 56.42 -25.71 4.60
N ALA B 255 56.36 -25.38 3.31
CA ALA B 255 55.59 -24.25 2.82
C ALA B 255 54.45 -24.76 1.95
N VAL B 256 53.22 -24.43 2.32
CA VAL B 256 52.06 -24.87 1.57
C VAL B 256 50.94 -23.86 1.64
N GLY B 257 49.95 -24.03 0.77
CA GLY B 257 48.84 -23.11 0.73
C GLY B 257 48.43 -22.63 2.11
N GLN B 258 48.27 -23.56 3.05
CA GLN B 258 47.86 -23.18 4.40
C GLN B 258 49.03 -23.05 5.38
N GLU B 259 49.11 -21.90 6.05
CA GLU B 259 50.20 -21.63 6.96
C GLU B 259 50.23 -22.48 8.22
N VAL B 260 49.07 -22.95 8.65
CA VAL B 260 49.00 -23.76 9.87
C VAL B 260 49.34 -25.25 9.65
N PHE B 261 48.97 -25.78 8.49
CA PHE B 261 49.17 -27.18 8.11
C PHE B 261 50.47 -27.91 8.44
N GLY B 262 51.48 -27.18 8.90
CA GLY B 262 52.73 -27.83 9.23
C GLY B 262 52.72 -28.54 10.58
N LEU B 263 51.83 -28.09 11.46
CA LEU B 263 51.71 -28.66 12.81
C LEU B 263 50.98 -30.00 12.87
N VAL B 264 50.67 -30.58 11.73
CA VAL B 264 49.96 -31.85 11.73
C VAL B 264 50.38 -32.76 10.61
N PRO B 265 51.33 -33.65 10.87
CA PRO B 265 51.79 -34.58 9.83
C PRO B 265 50.62 -35.17 9.05
N GLY B 266 49.45 -35.17 9.68
CA GLY B 266 48.28 -35.71 9.03
C GLY B 266 47.91 -34.81 7.87
N LEU B 267 47.83 -33.51 8.19
CA LEU B 267 47.53 -32.45 7.22
C LEU B 267 48.60 -32.45 6.14
N MET B 268 49.81 -32.11 6.56
CA MET B 268 50.94 -32.10 5.66
C MET B 268 50.89 -33.23 4.63
N MET B 269 50.55 -34.42 5.10
CA MET B 269 50.47 -35.60 4.24
C MET B 269 49.53 -35.30 3.08
N TYR B 270 48.30 -34.93 3.42
CA TYR B 270 47.31 -34.62 2.42
C TYR B 270 47.83 -33.56 1.48
N ALA B 271 48.35 -32.47 2.05
CA ALA B 271 48.93 -31.41 1.24
C ALA B 271 49.73 -32.13 0.15
N THR B 272 50.93 -32.54 0.57
CA THR B 272 51.84 -33.26 -0.29
C THR B 272 51.10 -34.02 -1.36
N ILE B 273 50.06 -34.75 -0.96
CA ILE B 273 49.30 -35.51 -1.94
C ILE B 273 48.77 -34.53 -2.99
N TRP B 274 47.80 -33.71 -2.60
CA TRP B 274 47.19 -32.72 -3.50
C TRP B 274 48.24 -31.99 -4.32
N LEU B 275 49.25 -31.44 -3.65
CA LEU B 275 50.32 -30.72 -4.34
C LEU B 275 50.75 -31.64 -5.48
N ARG B 276 51.06 -32.88 -5.16
CA ARG B 276 51.47 -33.84 -6.17
C ARG B 276 50.38 -33.92 -7.25
N GLU B 277 49.12 -33.94 -6.82
CA GLU B 277 47.99 -34.02 -7.74
C GLU B 277 48.05 -32.91 -8.79
N HIS B 278 48.12 -31.68 -8.29
CA HIS B 278 48.19 -30.49 -9.14
C HIS B 278 49.19 -30.72 -10.28
N ASN B 279 50.48 -30.66 -9.94
CA ASN B 279 51.55 -30.88 -10.90
C ASN B 279 51.27 -32.10 -11.76
N ARG B 280 50.66 -33.12 -11.18
CA ARG B 280 50.34 -34.30 -11.95
C ARG B 280 49.45 -33.84 -13.11
N VAL B 281 48.42 -33.08 -12.75
CA VAL B 281 47.48 -32.56 -13.73
C VAL B 281 48.22 -31.71 -14.76
N CYS B 282 49.08 -30.82 -14.28
CA CYS B 282 49.85 -29.95 -15.16
C CYS B 282 50.43 -30.77 -16.30
N ASP B 283 51.11 -31.87 -16.00
CA ASP B 283 51.68 -32.69 -17.06
C ASP B 283 50.63 -33.14 -18.07
N ILE B 284 49.50 -33.64 -17.59
CA ILE B 284 48.43 -34.10 -18.46
C ILE B 284 47.99 -32.97 -19.38
N LEU B 285 47.91 -31.77 -18.84
CA LEU B 285 47.51 -30.62 -19.65
C LEU B 285 48.61 -30.34 -20.67
N LYS B 286 49.83 -30.04 -20.20
CA LYS B 286 50.97 -29.79 -21.09
C LYS B 286 51.06 -30.81 -22.23
N GLN B 287 50.41 -31.95 -22.05
CA GLN B 287 50.40 -33.00 -23.05
C GLN B 287 49.36 -32.59 -24.07
N GLU B 288 48.19 -32.23 -23.54
CA GLU B 288 47.06 -31.80 -24.36
C GLU B 288 47.37 -30.51 -25.10
N HIS B 289 47.96 -29.55 -24.40
CA HIS B 289 48.28 -28.26 -24.98
C HIS B 289 49.75 -27.94 -24.91
N PRO B 290 50.53 -28.48 -25.84
CA PRO B 290 51.98 -28.20 -25.83
C PRO B 290 52.19 -26.72 -26.08
N GLU B 291 51.10 -26.06 -26.45
CA GLU B 291 51.06 -24.65 -26.76
C GLU B 291 50.48 -23.76 -25.66
N TRP B 292 50.48 -24.22 -24.42
CA TRP B 292 49.93 -23.39 -23.35
C TRP B 292 51.03 -22.77 -22.51
N GLY B 293 50.65 -21.74 -21.74
CA GLY B 293 51.63 -21.08 -20.91
C GLY B 293 51.64 -21.51 -19.45
N ASP B 294 52.73 -21.19 -18.76
CA ASP B 294 52.82 -21.54 -17.37
C ASP B 294 51.56 -21.03 -16.68
N GLU B 295 51.32 -19.73 -16.73
CA GLU B 295 50.15 -19.18 -16.06
C GLU B 295 48.80 -19.73 -16.51
N GLN B 296 48.73 -20.38 -17.65
CA GLN B 296 47.43 -20.91 -18.06
C GLN B 296 47.27 -22.30 -17.50
N LEU B 297 48.35 -23.08 -17.60
CA LEU B 297 48.38 -24.44 -17.07
C LEU B 297 48.04 -24.33 -15.58
N PHE B 298 48.89 -23.60 -14.86
CA PHE B 298 48.68 -23.40 -13.46
C PHE B 298 47.23 -23.09 -13.13
N GLN B 299 46.59 -22.25 -13.95
CA GLN B 299 45.20 -21.88 -13.67
C GLN B 299 44.20 -22.94 -14.06
N THR B 300 44.45 -23.64 -15.17
CA THR B 300 43.53 -24.69 -15.58
C THR B 300 43.59 -25.79 -14.53
N SER B 301 44.80 -26.13 -14.11
CA SER B 301 44.99 -27.15 -13.08
C SER B 301 44.08 -26.81 -11.91
N ARG B 302 44.36 -25.70 -11.24
CA ARG B 302 43.57 -25.28 -10.10
C ARG B 302 42.08 -25.42 -10.34
N LEU B 303 41.64 -25.28 -11.58
CA LEU B 303 40.23 -25.40 -11.86
C LEU B 303 39.83 -26.85 -11.81
N ILE B 304 40.61 -27.69 -12.49
CA ILE B 304 40.37 -29.13 -12.53
C ILE B 304 40.42 -29.71 -11.10
N LEU B 305 41.49 -29.38 -10.36
CA LEU B 305 41.64 -29.87 -9.01
C LEU B 305 40.42 -29.47 -8.17
N ILE B 306 40.07 -28.19 -8.17
CA ILE B 306 38.90 -27.76 -7.42
C ILE B 306 37.74 -28.68 -7.78
N GLY B 307 37.65 -29.00 -9.06
CA GLY B 307 36.58 -29.88 -9.49
C GLY B 307 36.67 -31.18 -8.74
N GLU B 308 37.80 -31.88 -8.91
CA GLU B 308 38.04 -33.16 -8.25
C GLU B 308 37.58 -33.05 -6.81
N THR B 309 38.19 -32.13 -6.07
CA THR B 309 37.83 -31.92 -4.68
C THR B 309 36.30 -31.96 -4.52
N ILE B 310 35.61 -30.97 -5.07
CA ILE B 310 34.14 -30.93 -4.98
C ILE B 310 33.57 -32.31 -5.24
N LYS B 311 34.20 -33.07 -6.14
CA LYS B 311 33.73 -34.42 -6.47
C LYS B 311 34.02 -35.40 -5.31
N ILE B 312 35.32 -35.60 -5.05
CA ILE B 312 35.76 -36.49 -3.99
C ILE B 312 35.05 -36.24 -2.67
N VAL B 313 34.68 -34.99 -2.40
CA VAL B 313 33.97 -34.71 -1.16
C VAL B 313 32.55 -35.26 -1.29
N ILE B 314 31.75 -34.63 -2.14
CA ILE B 314 30.36 -35.06 -2.33
C ILE B 314 30.21 -36.58 -2.52
N GLU B 315 30.89 -37.14 -3.52
CA GLU B 315 30.78 -38.56 -3.82
C GLU B 315 31.44 -39.56 -2.87
N ASP B 316 32.52 -39.16 -2.19
CA ASP B 316 33.16 -40.05 -1.24
C ASP B 316 32.81 -39.52 0.13
N TYR B 317 33.75 -38.80 0.74
CA TYR B 317 33.56 -38.17 2.04
C TYR B 317 32.07 -38.11 2.38
N VAL B 318 31.36 -37.07 1.95
CA VAL B 318 29.92 -36.96 2.22
C VAL B 318 29.13 -38.26 2.03
N GLN B 319 29.42 -39.00 0.97
CA GLN B 319 28.71 -40.25 0.74
C GLN B 319 28.79 -41.10 2.01
N HIS B 320 30.02 -41.50 2.34
CA HIS B 320 30.28 -42.30 3.52
C HIS B 320 29.61 -41.69 4.74
N LEU B 321 29.93 -40.43 5.01
CA LEU B 321 29.36 -39.72 6.15
C LEU B 321 27.86 -39.94 6.31
N SER B 322 27.18 -40.26 5.21
CA SER B 322 25.74 -40.45 5.24
C SER B 322 25.32 -41.91 5.39
N GLY B 323 26.21 -42.81 4.99
CA GLY B 323 25.91 -44.22 5.07
C GLY B 323 24.66 -44.58 4.30
N TYR B 324 24.25 -43.71 3.39
CA TYR B 324 23.07 -44.00 2.60
C TYR B 324 23.45 -45.11 1.65
N HIS B 325 22.46 -45.79 1.10
CA HIS B 325 22.73 -46.86 0.16
C HIS B 325 22.74 -46.27 -1.23
N PHE B 326 22.04 -45.15 -1.40
CA PHE B 326 21.98 -44.46 -2.67
C PHE B 326 23.36 -43.85 -2.91
N LYS B 327 23.92 -44.04 -4.10
CA LYS B 327 25.24 -43.49 -4.40
C LYS B 327 25.12 -42.03 -4.76
N LEU B 328 25.58 -41.17 -3.86
CA LEU B 328 25.54 -39.74 -4.09
C LEU B 328 26.34 -39.40 -5.33
N LYS B 329 25.74 -38.57 -6.18
CA LYS B 329 26.37 -38.14 -7.43
C LYS B 329 26.59 -36.64 -7.48
N PHE B 330 27.74 -36.24 -8.03
CA PHE B 330 28.06 -34.83 -8.17
C PHE B 330 27.97 -34.46 -9.65
N ASP B 331 26.88 -33.80 -10.02
CA ASP B 331 26.65 -33.38 -11.39
C ASP B 331 25.84 -32.09 -11.37
N PRO B 332 26.50 -30.94 -11.61
CA PRO B 332 25.84 -29.62 -11.60
C PRO B 332 24.71 -29.50 -12.61
N GLU B 333 24.77 -30.34 -13.64
CA GLU B 333 23.77 -30.38 -14.70
C GLU B 333 22.42 -30.67 -14.12
N LEU B 334 22.35 -30.84 -12.82
CA LEU B 334 21.10 -31.14 -12.15
C LEU B 334 20.39 -29.86 -11.72
N LEU B 335 21.16 -28.79 -11.56
CA LEU B 335 20.60 -27.53 -11.13
C LEU B 335 20.37 -26.56 -12.28
N PHE B 336 20.69 -27.03 -13.48
CA PHE B 336 20.57 -26.23 -14.70
C PHE B 336 19.16 -25.88 -15.11
N ASN B 337 18.23 -25.99 -14.16
CA ASN B 337 16.84 -25.65 -14.40
C ASN B 337 16.25 -25.54 -13.00
N GLN B 338 17.14 -25.33 -12.04
CA GLN B 338 16.78 -25.19 -10.65
C GLN B 338 17.18 -23.81 -10.19
N GLN B 339 16.23 -23.11 -9.56
CA GLN B 339 16.49 -21.77 -9.06
C GLN B 339 17.55 -21.82 -7.96
N PHE B 340 18.80 -22.00 -8.38
CA PHE B 340 19.90 -22.11 -7.45
C PHE B 340 20.88 -20.94 -7.55
N GLN B 341 21.22 -20.38 -6.41
CA GLN B 341 22.14 -19.27 -6.34
C GLN B 341 23.60 -19.71 -6.32
N TYR B 342 24.22 -19.78 -7.49
CA TYR B 342 25.61 -20.18 -7.59
C TYR B 342 26.55 -19.20 -6.89
N GLN B 343 26.45 -19.14 -5.57
CA GLN B 343 27.27 -18.26 -4.74
C GLN B 343 27.25 -18.79 -3.30
N ASN B 344 28.19 -18.35 -2.47
CA ASN B 344 28.21 -18.83 -1.10
C ASN B 344 28.99 -18.01 -0.06
N ARG B 345 28.40 -17.90 1.12
CA ARG B 345 29.02 -17.20 2.23
C ARG B 345 29.01 -18.20 3.38
N ILE B 346 30.16 -18.40 4.01
CA ILE B 346 30.30 -19.36 5.12
C ILE B 346 29.76 -18.91 6.49
N ALA B 347 28.84 -19.72 7.03
CA ALA B 347 28.17 -19.46 8.31
C ALA B 347 28.93 -19.90 9.55
N SER B 348 28.79 -19.12 10.62
CA SER B 348 29.46 -19.43 11.89
C SER B 348 29.10 -20.85 12.33
N GLU B 349 27.80 -21.10 12.39
CA GLU B 349 27.22 -22.37 12.79
C GLU B 349 27.97 -23.48 12.10
N PHE B 350 27.86 -23.54 10.79
CA PHE B 350 28.55 -24.57 10.02
C PHE B 350 30.00 -24.76 10.53
N ASN B 351 30.63 -23.68 10.97
CA ASN B 351 31.99 -23.78 11.47
C ASN B 351 32.02 -24.55 12.76
N THR B 352 31.15 -24.18 13.68
CA THR B 352 31.09 -24.85 14.97
C THR B 352 30.77 -26.33 14.78
N LEU B 353 29.65 -26.64 14.14
CA LEU B 353 29.29 -28.04 13.91
C LEU B 353 30.51 -28.82 13.47
N TYR B 354 31.47 -28.12 12.85
CA TYR B 354 32.68 -28.77 12.38
C TYR B 354 33.49 -29.37 13.50
N HIS B 355 33.61 -28.66 14.62
CA HIS B 355 34.38 -29.11 15.78
C HIS B 355 34.06 -30.57 16.13
N TRP B 356 34.61 -31.44 15.30
CA TRP B 356 34.44 -32.89 15.34
C TRP B 356 35.57 -33.62 16.03
N HIS B 357 36.02 -33.04 17.15
CA HIS B 357 37.11 -33.62 17.93
C HIS B 357 37.01 -35.13 18.18
N PRO B 358 35.84 -35.60 18.64
CA PRO B 358 35.64 -37.04 18.90
C PRO B 358 36.31 -37.96 17.86
N LEU B 359 36.40 -37.48 16.62
CA LEU B 359 37.03 -38.27 15.55
C LEU B 359 38.43 -38.65 15.94
N LEU B 360 39.11 -37.66 16.51
CA LEU B 360 40.48 -37.79 16.95
C LEU B 360 40.75 -39.00 17.83
N PRO B 361 41.74 -39.83 17.45
CA PRO B 361 42.10 -41.02 18.23
C PRO B 361 42.86 -40.62 19.50
N ASP B 362 43.34 -41.61 20.26
CA ASP B 362 44.06 -41.33 21.50
C ASP B 362 45.54 -41.39 21.23
N THR B 363 45.88 -42.13 20.18
CA THR B 363 47.25 -42.27 19.73
C THR B 363 47.15 -42.31 18.22
N PHE B 364 48.30 -42.18 17.56
CA PHE B 364 48.33 -42.20 16.12
C PHE B 364 49.25 -43.34 15.73
N ASN B 365 48.62 -44.41 15.27
CA ASN B 365 49.36 -45.59 14.90
C ASN B 365 49.74 -45.61 13.44
N ILE B 366 51.02 -45.34 13.22
CA ILE B 366 51.57 -45.33 11.88
C ILE B 366 52.41 -46.60 11.79
N GLU B 367 51.94 -47.57 11.02
CA GLU B 367 52.66 -48.82 10.89
C GLU B 367 52.76 -49.43 12.29
N ASP B 368 53.97 -49.80 12.68
CA ASP B 368 54.20 -50.36 14.00
C ASP B 368 53.84 -49.33 15.04
N GLN B 369 54.69 -48.31 15.12
CA GLN B 369 54.53 -47.23 16.07
C GLN B 369 53.13 -46.80 16.45
N GLU B 370 53.07 -46.01 17.51
CA GLU B 370 51.84 -45.45 18.03
C GLU B 370 52.31 -44.12 18.60
N TYR B 371 51.61 -43.04 18.27
CA TYR B 371 52.04 -41.74 18.75
C TYR B 371 51.02 -41.04 19.60
N SER B 372 51.49 -40.06 20.35
CA SER B 372 50.62 -39.30 21.20
C SER B 372 50.47 -37.95 20.57
N PHE B 373 49.45 -37.21 20.97
CA PHE B 373 49.26 -35.88 20.42
C PHE B 373 50.56 -35.17 20.69
N LYS B 374 51.00 -35.22 21.93
CA LYS B 374 52.25 -34.60 22.35
C LYS B 374 53.37 -34.97 21.38
N GLN B 375 53.27 -36.18 20.83
CA GLN B 375 54.28 -36.66 19.88
C GLN B 375 54.01 -36.11 18.49
N PHE B 376 52.92 -36.56 17.88
CA PHE B 376 52.50 -36.15 16.54
C PHE B 376 52.71 -34.66 16.20
N LEU B 377 52.10 -33.81 17.00
CA LEU B 377 52.16 -32.37 16.82
C LEU B 377 53.49 -31.82 16.33
N TYR B 378 53.39 -31.09 15.23
CA TYR B 378 54.52 -30.43 14.58
C TYR B 378 55.68 -31.36 14.29
N ASN B 379 55.43 -32.66 14.25
CA ASN B 379 56.50 -33.58 13.99
C ASN B 379 56.41 -34.18 12.60
N ASN B 380 56.59 -33.33 11.59
CA ASN B 380 56.52 -33.82 10.22
C ASN B 380 57.67 -34.77 9.98
N SER B 381 58.62 -34.78 10.91
CA SER B 381 59.75 -35.67 10.81
C SER B 381 59.15 -37.06 10.71
N ILE B 382 58.04 -37.23 11.42
CA ILE B 382 57.30 -38.48 11.41
C ILE B 382 56.99 -38.81 9.95
N LEU B 383 56.22 -37.93 9.30
CA LEU B 383 55.82 -38.09 7.91
C LEU B 383 56.98 -38.55 7.06
N LEU B 384 58.06 -37.76 7.12
CA LEU B 384 59.26 -38.05 6.36
C LEU B 384 59.79 -39.43 6.67
N GLU B 385 59.81 -39.76 7.96
CA GLU B 385 60.30 -41.04 8.44
C GLU B 385 59.66 -42.28 7.82
N HIS B 386 58.34 -42.38 7.95
CA HIS B 386 57.60 -43.53 7.42
C HIS B 386 57.30 -43.49 5.93
N GLY B 387 56.95 -42.31 5.43
CA GLY B 387 56.62 -42.19 4.02
C GLY B 387 55.13 -42.05 3.83
N LEU B 388 54.75 -41.44 2.72
CA LEU B 388 53.33 -41.22 2.44
C LEU B 388 52.56 -42.52 2.36
N THR B 389 53.10 -43.45 1.58
CA THR B 389 52.48 -44.74 1.37
C THR B 389 52.04 -45.42 2.66
N GLN B 390 52.97 -45.56 3.60
CA GLN B 390 52.61 -46.19 4.87
C GLN B 390 51.49 -45.37 5.48
N PHE B 391 51.79 -44.10 5.76
CA PHE B 391 50.82 -43.17 6.31
C PHE B 391 49.44 -43.47 5.80
N VAL B 392 49.34 -43.58 4.49
CA VAL B 392 48.08 -43.85 3.84
C VAL B 392 47.53 -45.10 4.48
N GLU B 393 48.08 -46.24 4.06
CA GLU B 393 47.69 -47.54 4.58
C GLU B 393 47.32 -47.47 6.05
N SER B 394 48.28 -47.07 6.87
CA SER B 394 48.07 -46.95 8.31
C SER B 394 46.80 -46.22 8.60
N PHE B 395 46.76 -44.94 8.23
CA PHE B 395 45.60 -44.11 8.46
C PHE B 395 44.33 -44.69 7.84
N THR B 396 44.50 -45.48 6.78
CA THR B 396 43.37 -46.07 6.10
C THR B 396 42.63 -47.07 6.99
N ARG B 397 43.23 -47.41 8.14
CA ARG B 397 42.60 -48.36 9.06
C ARG B 397 42.34 -47.83 10.47
N GLN B 398 43.30 -47.11 11.03
CA GLN B 398 43.10 -46.59 12.39
C GLN B 398 41.77 -45.89 12.61
N ILE B 399 40.71 -46.66 12.87
CA ILE B 399 39.39 -46.09 13.14
C ILE B 399 39.41 -44.79 13.96
N ALA B 400 38.45 -43.92 13.67
CA ALA B 400 38.30 -42.64 14.32
C ALA B 400 37.13 -42.70 15.29
N GLY B 401 37.21 -41.88 16.35
CA GLY B 401 36.17 -41.86 17.35
C GLY B 401 34.82 -41.35 16.89
N ARG B 402 33.76 -42.01 17.35
CA ARG B 402 32.40 -41.60 17.04
C ARG B 402 32.27 -40.16 17.56
N VAL B 403 31.28 -39.43 17.11
CA VAL B 403 31.17 -38.04 17.54
C VAL B 403 29.87 -37.62 18.20
N ALA B 404 28.75 -38.22 17.80
CA ALA B 404 27.47 -37.85 18.39
C ALA B 404 27.13 -38.58 19.69
N GLY B 405 27.66 -39.79 19.87
CA GLY B 405 27.40 -40.57 21.06
C GLY B 405 27.41 -39.85 22.39
N GLY B 406 28.49 -39.13 22.67
CA GLY B 406 28.60 -38.41 23.91
C GLY B 406 29.96 -38.64 24.56
N ARG B 407 30.34 -37.73 25.45
CA ARG B 407 31.60 -37.80 26.17
C ARG B 407 32.69 -38.57 25.43
N ASN B 408 33.08 -38.08 24.26
CA ASN B 408 34.11 -38.76 23.49
C ASN B 408 35.18 -37.79 22.97
N VAL B 409 35.42 -36.73 23.73
CA VAL B 409 36.39 -35.73 23.32
C VAL B 409 37.75 -35.89 23.97
N PRO B 410 38.77 -36.23 23.19
CA PRO B 410 40.13 -36.41 23.69
C PRO B 410 40.47 -35.34 24.72
N ILE B 411 41.24 -35.70 25.72
CA ILE B 411 41.56 -34.75 26.75
C ILE B 411 42.60 -33.75 26.26
N ALA B 412 43.43 -34.15 25.30
CA ALA B 412 44.44 -33.24 24.77
C ALA B 412 43.67 -32.08 24.14
N VAL B 413 42.60 -32.43 23.43
CA VAL B 413 41.72 -31.49 22.74
C VAL B 413 40.88 -30.67 23.73
N GLN B 414 41.02 -31.01 25.00
CA GLN B 414 40.29 -30.34 26.07
C GLN B 414 40.03 -28.87 25.75
N ALA B 415 41.09 -28.08 25.86
CA ALA B 415 41.06 -26.63 25.62
C ALA B 415 40.14 -26.23 24.47
N VAL B 416 40.40 -26.83 23.31
CA VAL B 416 39.63 -26.53 22.13
C VAL B 416 38.14 -26.64 22.36
N ALA B 417 37.65 -27.87 22.46
CA ALA B 417 36.23 -28.12 22.68
C ALA B 417 35.61 -27.12 23.65
N LYS B 418 36.35 -26.75 24.69
CA LYS B 418 35.81 -25.80 25.66
C LYS B 418 35.56 -24.50 24.91
N ALA B 419 36.60 -24.01 24.24
CA ALA B 419 36.48 -22.81 23.48
C ALA B 419 35.22 -22.93 22.62
N SER B 420 35.18 -23.98 21.80
CA SER B 420 34.04 -24.22 20.93
C SER B 420 32.75 -23.83 21.63
N ILE B 421 32.69 -24.04 22.94
CA ILE B 421 31.50 -23.66 23.71
C ILE B 421 31.59 -22.19 24.09
N ASP B 422 32.67 -21.82 24.78
CA ASP B 422 32.86 -20.44 25.18
C ASP B 422 32.50 -19.49 24.04
N GLN B 423 33.10 -19.75 22.86
CA GLN B 423 32.89 -18.95 21.67
C GLN B 423 31.44 -18.70 21.33
N SER B 424 30.76 -19.73 20.86
CA SER B 424 29.36 -19.63 20.50
C SER B 424 28.62 -18.76 21.49
N ARG B 425 29.05 -18.82 22.75
CA ARG B 425 28.43 -18.01 23.76
C ARG B 425 28.73 -16.53 23.48
N GLU B 426 30.01 -16.19 23.29
CA GLU B 426 30.39 -14.82 22.99
C GLU B 426 29.56 -14.35 21.81
N MET B 427 29.63 -15.13 20.72
CA MET B 427 28.85 -14.85 19.51
C MET B 427 27.34 -14.96 19.77
N LYS B 428 26.94 -14.81 21.03
CA LYS B 428 25.55 -14.90 21.41
C LYS B 428 24.75 -15.87 20.52
N TYR B 429 25.31 -17.05 20.27
CA TYR B 429 24.62 -18.05 19.46
C TYR B 429 23.24 -18.26 20.06
N GLN B 430 22.33 -18.84 19.30
CA GLN B 430 20.98 -19.04 19.82
C GLN B 430 20.81 -20.43 20.44
N SER B 431 19.60 -20.71 20.93
CA SER B 431 19.30 -22.00 21.55
C SER B 431 19.36 -23.12 20.51
N LEU B 432 19.69 -24.33 20.96
CA LEU B 432 19.79 -25.46 20.06
C LEU B 432 18.41 -25.79 19.49
N ASN B 433 17.38 -25.48 20.26
CA ASN B 433 16.02 -25.73 19.81
C ASN B 433 15.68 -24.71 18.70
N GLU B 434 16.29 -23.54 18.81
CA GLU B 434 16.09 -22.50 17.83
C GLU B 434 16.70 -23.02 16.52
N TYR B 435 17.99 -23.31 16.57
CA TYR B 435 18.68 -23.81 15.39
C TYR B 435 18.04 -25.07 14.89
N ARG B 436 17.28 -25.74 15.75
CA ARG B 436 16.61 -26.97 15.36
C ARG B 436 15.40 -26.57 14.56
N LYS B 437 14.59 -25.71 15.18
CA LYS B 437 13.37 -25.18 14.59
C LYS B 437 13.73 -24.60 13.22
N ARG B 438 14.78 -23.79 13.24
CA ARG B 438 15.30 -23.12 12.05
C ARG B 438 15.29 -24.07 10.88
N PHE B 439 15.99 -25.19 11.00
CA PHE B 439 16.03 -26.15 9.92
C PHE B 439 14.87 -27.12 9.93
N SER B 440 13.70 -26.58 10.28
CA SER B 440 12.44 -27.33 10.34
C SER B 440 12.58 -28.66 11.04
N LEU B 441 13.13 -28.60 12.25
CA LEU B 441 13.32 -29.79 13.07
C LEU B 441 12.49 -29.61 14.33
N LYS B 442 11.72 -30.64 14.70
CA LYS B 442 10.91 -30.56 15.91
C LYS B 442 11.93 -30.39 17.04
N PRO B 443 11.72 -29.40 17.91
CA PRO B 443 12.69 -29.21 19.00
C PRO B 443 12.67 -30.37 20.02
N TYR B 444 13.77 -30.54 20.73
CA TYR B 444 13.87 -31.61 21.74
C TYR B 444 13.14 -31.18 23.00
N THR B 445 12.16 -32.00 23.37
CA THR B 445 11.32 -31.75 24.54
C THR B 445 11.94 -32.11 25.86
N SER B 446 13.02 -32.89 25.84
CA SER B 446 13.70 -33.34 27.06
C SER B 446 15.13 -33.73 26.74
N PHE B 447 16.03 -33.50 27.69
CA PHE B 447 17.43 -33.86 27.46
C PHE B 447 17.51 -35.34 27.14
N GLU B 448 16.59 -36.12 27.72
CA GLU B 448 16.58 -37.55 27.49
C GLU B 448 16.29 -37.87 26.04
N GLU B 449 15.53 -36.99 25.40
CA GLU B 449 15.17 -37.17 24.01
C GLU B 449 16.40 -36.90 23.16
N LEU B 450 17.09 -35.82 23.49
CA LEU B 450 18.29 -35.42 22.78
C LEU B 450 19.40 -36.50 22.85
N THR B 451 19.41 -37.27 23.93
CA THR B 451 20.44 -38.29 24.12
C THR B 451 19.95 -39.73 24.03
N GLY B 452 18.70 -39.93 24.43
CA GLY B 452 18.16 -41.28 24.43
C GLY B 452 18.49 -41.85 25.81
N GLU B 453 19.78 -41.97 26.09
CA GLU B 453 20.23 -42.48 27.38
C GLU B 453 19.74 -41.53 28.46
N LYS B 454 19.66 -42.01 29.70
CA LYS B 454 19.19 -41.18 30.80
C LYS B 454 20.32 -40.58 31.60
N GLU B 455 21.50 -41.18 31.52
CA GLU B 455 22.65 -40.70 32.26
C GLU B 455 22.92 -39.23 32.00
N MET B 456 23.74 -38.96 30.99
CA MET B 456 24.11 -37.60 30.60
C MET B 456 22.89 -36.66 30.69
N ALA B 457 21.82 -37.07 30.01
CA ALA B 457 20.58 -36.30 30.01
C ALA B 457 20.35 -35.71 31.39
N ALA B 458 20.11 -36.59 32.36
CA ALA B 458 19.87 -36.18 33.73
C ALA B 458 21.01 -35.27 34.20
N GLU B 459 22.23 -35.67 33.88
CA GLU B 459 23.39 -34.90 34.26
C GLU B 459 23.30 -33.48 33.70
N LEU B 460 22.79 -33.37 32.47
CA LEU B 460 22.66 -32.08 31.79
C LEU B 460 21.52 -31.27 32.36
N LYS B 461 20.36 -31.93 32.49
CA LYS B 461 19.14 -31.31 33.03
C LYS B 461 19.49 -30.63 34.34
N ALA B 462 20.52 -31.16 35.00
CA ALA B 462 21.02 -30.60 36.24
C ALA B 462 21.53 -29.20 35.94
N LEU B 463 22.41 -29.15 34.94
CA LEU B 463 23.07 -27.93 34.47
C LEU B 463 22.24 -26.88 33.69
N TYR B 464 21.41 -27.33 32.75
CA TYR B 464 20.63 -26.39 31.93
C TYR B 464 19.20 -26.14 32.41
N SER B 465 18.61 -27.12 33.08
CA SER B 465 17.23 -27.00 33.55
C SER B 465 16.26 -27.07 32.37
N ASP B 466 16.08 -25.95 31.66
CA ASP B 466 15.17 -25.94 30.51
C ASP B 466 15.83 -26.47 29.26
N ILE B 467 15.29 -27.57 28.73
CA ILE B 467 15.81 -28.20 27.51
C ILE B 467 16.12 -27.11 26.46
N ASP B 468 15.20 -26.17 26.32
CA ASP B 468 15.35 -25.08 25.37
C ASP B 468 16.72 -24.46 25.56
N VAL B 469 16.99 -23.99 26.76
CA VAL B 469 18.27 -23.35 27.02
C VAL B 469 19.50 -24.20 26.73
N MET B 470 19.29 -25.36 26.11
CA MET B 470 20.40 -26.23 25.77
C MET B 470 21.20 -25.62 24.61
N GLU B 471 22.52 -25.52 24.78
CA GLU B 471 23.38 -25.01 23.72
C GLU B 471 23.55 -26.02 22.57
N LEU B 472 23.60 -25.49 21.35
CA LEU B 472 23.76 -26.29 20.14
C LEU B 472 25.01 -27.15 20.13
N TYR B 473 26.17 -26.51 19.94
CA TYR B 473 27.43 -27.24 19.88
C TYR B 473 27.46 -28.43 20.81
N PRO B 474 27.23 -28.19 22.11
CA PRO B 474 27.24 -29.27 23.09
C PRO B 474 26.26 -30.33 22.65
N ALA B 475 24.98 -29.95 22.65
CA ALA B 475 23.91 -30.83 22.27
C ALA B 475 24.27 -31.68 21.05
N LEU B 476 25.13 -31.16 20.20
CA LEU B 476 25.51 -31.88 18.99
C LEU B 476 26.38 -33.09 19.26
N LEU B 477 27.42 -32.89 20.07
CA LEU B 477 28.37 -33.94 20.41
C LEU B 477 27.75 -34.97 21.33
N VAL B 478 26.80 -34.51 22.13
CA VAL B 478 26.09 -35.35 23.09
C VAL B 478 24.84 -35.93 22.46
N GLU B 479 24.37 -35.28 21.40
CA GLU B 479 23.18 -35.72 20.68
C GLU B 479 23.08 -37.26 20.65
N LYS B 480 21.88 -37.76 20.39
CA LYS B 480 21.67 -39.20 20.36
C LYS B 480 21.83 -39.76 18.95
N PRO B 481 23.01 -40.27 18.64
CA PRO B 481 23.31 -40.85 17.33
C PRO B 481 22.20 -41.62 16.64
N ARG B 482 22.35 -41.74 15.33
CA ARG B 482 21.38 -42.47 14.54
C ARG B 482 21.85 -43.91 14.60
N PRO B 483 20.95 -44.86 14.37
CA PRO B 483 21.24 -46.30 14.39
C PRO B 483 22.61 -46.66 13.83
N ASP B 484 23.65 -46.59 14.66
CA ASP B 484 25.02 -46.93 14.25
C ASP B 484 25.71 -45.82 13.48
N ALA B 485 25.03 -44.69 13.37
CA ALA B 485 25.59 -43.55 12.67
C ALA B 485 26.62 -42.89 13.55
N ILE B 486 27.30 -41.90 12.99
CA ILE B 486 28.33 -41.18 13.74
C ILE B 486 27.80 -39.85 14.19
N PHE B 487 26.72 -39.40 13.55
CA PHE B 487 26.11 -38.13 13.89
C PHE B 487 24.66 -38.29 14.29
N GLY B 488 24.15 -37.28 14.98
CA GLY B 488 22.75 -37.30 15.36
C GLY B 488 21.99 -36.74 14.16
N GLU B 489 20.73 -36.38 14.36
CA GLU B 489 19.94 -35.82 13.26
C GLU B 489 20.33 -34.35 13.12
N THR B 490 20.32 -33.65 14.25
CA THR B 490 20.68 -32.24 14.25
C THR B 490 21.93 -31.91 13.41
N MET B 491 23.07 -32.50 13.74
CA MET B 491 24.30 -32.20 13.00
C MET B 491 24.14 -32.50 11.51
N VAL B 492 23.41 -33.55 11.19
CA VAL B 492 23.24 -33.87 9.78
C VAL B 492 22.39 -32.81 9.10
N GLU B 493 21.19 -32.59 9.62
CA GLU B 493 20.27 -31.62 9.03
C GLU B 493 20.73 -30.15 8.98
N LEU B 494 21.90 -29.87 9.55
CA LEU B 494 22.39 -28.51 9.52
C LEU B 494 23.48 -28.42 8.47
N GLY B 495 24.44 -29.35 8.55
CA GLY B 495 25.54 -29.33 7.61
C GLY B 495 25.13 -29.76 6.21
N ALA B 496 24.04 -30.51 6.11
CA ALA B 496 23.59 -30.97 4.81
C ALA B 496 23.33 -29.76 3.89
N PRO B 497 22.52 -28.81 4.34
CA PRO B 497 22.27 -27.65 3.49
C PRO B 497 23.57 -26.86 3.37
N PHE B 498 23.98 -26.29 4.50
CA PHE B 498 25.20 -25.52 4.60
C PHE B 498 26.25 -26.02 3.63
N SER B 499 26.44 -27.32 3.62
CA SER B 499 27.45 -27.94 2.77
C SER B 499 27.14 -27.90 1.29
N LEU B 500 26.10 -28.61 0.88
CA LEU B 500 25.75 -28.67 -0.54
C LEU B 500 25.59 -27.31 -1.20
N LYS B 501 25.71 -26.26 -0.40
CA LYS B 501 25.68 -24.90 -0.92
C LYS B 501 27.11 -24.71 -1.40
N GLY B 502 27.95 -24.18 -0.52
CA GLY B 502 29.35 -23.98 -0.86
C GLY B 502 29.94 -25.08 -1.72
N LEU B 503 29.27 -26.22 -1.77
CA LEU B 503 29.76 -27.33 -2.59
C LEU B 503 29.29 -27.10 -4.03
N MET B 504 27.99 -26.91 -4.18
CA MET B 504 27.38 -26.66 -5.47
C MET B 504 27.55 -25.17 -5.87
N GLY B 505 27.17 -24.28 -4.95
CA GLY B 505 27.25 -22.85 -5.17
C GLY B 505 28.59 -22.36 -5.66
N ASN B 506 29.52 -23.28 -5.85
CA ASN B 506 30.83 -22.87 -6.34
C ASN B 506 30.70 -22.51 -7.81
N PRO B 507 31.44 -21.47 -8.24
CA PRO B 507 31.42 -21.00 -9.62
C PRO B 507 31.41 -22.15 -10.60
N ILE B 508 32.53 -22.85 -10.67
CA ILE B 508 32.68 -23.97 -11.58
C ILE B 508 31.49 -24.92 -11.73
N CYS B 509 30.51 -24.79 -10.84
CA CYS B 509 29.34 -25.66 -10.95
C CYS B 509 28.21 -24.98 -11.71
N SER B 510 28.44 -23.71 -12.07
CA SER B 510 27.48 -22.89 -12.79
C SER B 510 27.53 -23.22 -14.27
N PRO B 511 26.41 -22.96 -14.97
CA PRO B 511 26.26 -23.23 -16.40
C PRO B 511 27.41 -22.73 -17.27
N GLN B 512 27.71 -21.44 -17.20
CA GLN B 512 28.78 -20.88 -18.02
C GLN B 512 30.17 -21.23 -17.48
N TYR B 513 30.35 -22.47 -17.06
CA TYR B 513 31.63 -22.91 -16.49
C TYR B 513 31.74 -24.40 -16.65
N TRP B 514 30.62 -25.07 -16.50
CA TRP B 514 30.58 -26.51 -16.61
C TRP B 514 30.75 -26.99 -18.03
N LYS B 515 31.99 -27.02 -18.52
CA LYS B 515 32.29 -27.50 -19.87
C LYS B 515 33.79 -27.74 -20.08
N PRO B 516 34.10 -28.77 -20.88
CA PRO B 516 35.47 -29.18 -21.20
C PRO B 516 36.44 -28.01 -21.28
N SER B 517 36.05 -27.05 -22.11
CA SER B 517 36.81 -25.83 -22.34
C SER B 517 37.37 -25.35 -21.03
N THR B 518 36.48 -24.99 -20.13
CA THR B 518 36.83 -24.47 -18.82
C THR B 518 37.98 -25.21 -18.19
N PHE B 519 38.21 -26.44 -18.64
CA PHE B 519 39.28 -27.27 -18.09
C PHE B 519 40.30 -27.80 -19.10
N GLY B 520 40.49 -27.13 -20.21
CA GLY B 520 41.44 -27.65 -21.18
C GLY B 520 40.79 -28.77 -21.94
N GLY B 521 39.46 -28.76 -21.95
CA GLY B 521 38.71 -29.76 -22.69
C GLY B 521 38.51 -31.12 -22.06
N GLU B 522 37.73 -31.95 -22.75
CA GLU B 522 37.38 -33.31 -22.34
C GLU B 522 38.37 -34.03 -21.44
N VAL B 523 39.60 -34.20 -21.90
CA VAL B 523 40.61 -34.88 -21.11
C VAL B 523 40.62 -34.33 -19.67
N GLY B 524 41.14 -33.12 -19.52
CA GLY B 524 41.17 -32.52 -18.20
C GLY B 524 39.82 -32.42 -17.55
N PHE B 525 38.75 -32.56 -18.33
CA PHE B 525 37.40 -32.50 -17.78
C PHE B 525 37.12 -33.83 -17.11
N LYS B 526 37.27 -34.90 -17.89
CA LYS B 526 37.05 -36.25 -17.40
C LYS B 526 37.67 -36.35 -16.02
N ILE B 527 38.96 -36.00 -15.95
CA ILE B 527 39.65 -36.03 -14.69
C ILE B 527 38.71 -35.77 -13.51
N ILE B 528 38.09 -34.60 -13.49
CA ILE B 528 37.18 -34.30 -12.38
C ILE B 528 36.03 -35.32 -12.29
N ASN B 529 35.35 -35.56 -13.40
CA ASN B 529 34.24 -36.50 -13.42
C ASN B 529 34.61 -37.93 -13.07
N THR B 530 35.91 -38.21 -12.99
CA THR B 530 36.38 -39.54 -12.63
C THR B 530 37.44 -39.36 -11.56
N ALA B 531 37.02 -38.83 -10.42
CA ALA B 531 37.92 -38.58 -9.32
C ALA B 531 37.38 -39.21 -8.05
N SER B 532 38.24 -39.93 -7.34
CA SER B 532 37.86 -40.59 -6.10
C SER B 532 39.04 -40.45 -5.16
N ILE B 533 38.75 -40.26 -3.89
CA ILE B 533 39.81 -40.14 -2.90
C ILE B 533 40.76 -41.29 -3.22
N GLN B 534 40.19 -42.39 -3.68
CA GLN B 534 40.96 -43.55 -4.04
C GLN B 534 42.06 -43.18 -5.05
N SER B 535 41.64 -42.92 -6.28
CA SER B 535 42.58 -42.55 -7.34
C SER B 535 43.46 -41.40 -6.88
N LEU B 536 42.84 -40.40 -6.23
CA LEU B 536 43.61 -39.26 -5.76
C LEU B 536 44.88 -39.79 -5.12
N ILE B 537 44.71 -40.82 -4.30
CA ILE B 537 45.85 -41.42 -3.61
C ILE B 537 46.58 -42.39 -4.55
N CYS B 538 45.81 -43.10 -5.35
CA CYS B 538 46.36 -44.06 -6.28
C CYS B 538 47.46 -43.43 -7.14
N ASN B 539 47.09 -42.33 -7.80
CA ASN B 539 48.02 -41.61 -8.67
C ASN B 539 49.14 -40.94 -7.90
N ASN B 540 48.76 -40.09 -6.96
CA ASN B 540 49.73 -39.33 -6.17
C ASN B 540 50.65 -40.10 -5.26
N VAL B 541 50.19 -41.26 -4.78
CA VAL B 541 51.00 -42.06 -3.87
C VAL B 541 51.56 -43.33 -4.50
N LYS B 542 52.76 -43.70 -4.06
CA LYS B 542 53.47 -44.89 -4.55
C LYS B 542 52.67 -46.17 -4.36
N GLY B 543 52.86 -47.10 -5.27
CA GLY B 543 52.16 -48.37 -5.18
C GLY B 543 50.64 -48.38 -5.15
N CYS B 544 50.01 -47.23 -5.33
CA CYS B 544 48.55 -47.16 -5.30
C CYS B 544 47.94 -47.88 -4.10
N PRO B 545 48.40 -47.53 -2.89
CA PRO B 545 47.90 -48.15 -1.65
C PRO B 545 46.40 -47.97 -1.57
N PHE B 546 45.66 -49.07 -1.48
CA PHE B 546 44.22 -48.97 -1.38
C PHE B 546 43.82 -48.03 -0.24
N THR B 547 42.67 -47.39 -0.39
CA THR B 547 42.16 -46.51 0.63
C THR B 547 40.67 -46.32 0.51
N SER B 548 40.11 -45.76 1.57
CA SER B 548 38.71 -45.46 1.66
C SER B 548 38.60 -44.60 2.91
N PHE B 549 37.44 -44.00 3.12
CA PHE B 549 37.25 -43.18 4.31
C PHE B 549 36.64 -44.14 5.29
N ASN B 550 36.59 -45.42 4.88
CA ASN B 550 36.04 -46.49 5.67
C ASN B 550 37.11 -47.52 6.00
N VAL B 551 37.22 -47.88 7.27
CA VAL B 551 38.22 -48.86 7.67
C VAL B 551 37.65 -50.25 7.39
N GLN B 552 37.72 -50.66 6.13
CA GLN B 552 37.24 -51.96 5.68
C GLN B 552 35.91 -52.32 6.30
N ALA C 1 -1.09 10.07 26.19
CA ALA C 1 -0.66 11.47 26.53
C ALA C 1 -1.80 12.49 26.38
N ASN C 2 -2.88 12.09 25.70
CA ASN C 2 -4.01 12.98 25.49
C ASN C 2 -4.68 13.46 26.77
N PRO C 3 -4.54 14.75 27.08
CA PRO C 3 -5.12 15.40 28.27
C PRO C 3 -6.64 15.26 28.36
N CYS C 4 -7.26 14.75 27.31
CA CYS C 4 -8.71 14.57 27.33
C CYS C 4 -9.02 13.16 27.77
N CYS C 5 -8.05 12.27 27.59
CA CYS C 5 -8.18 10.85 27.96
C CYS C 5 -9.14 10.61 29.12
N SER C 6 -9.00 11.41 30.18
CA SER C 6 -9.84 11.28 31.37
C SER C 6 -11.31 11.66 31.21
N ASN C 7 -11.78 11.85 29.98
CA ASN C 7 -13.18 12.23 29.75
C ASN C 7 -13.65 13.32 30.71
N PRO C 8 -12.81 14.33 30.98
CA PRO C 8 -13.15 15.42 31.90
C PRO C 8 -14.42 16.20 31.67
N CYS C 9 -14.65 16.63 30.43
CA CYS C 9 -15.81 17.45 30.09
C CYS C 9 -17.14 16.76 30.32
N GLN C 10 -17.98 17.37 31.15
CA GLN C 10 -19.28 16.80 31.50
C GLN C 10 -20.46 17.41 30.76
N ASN C 11 -21.62 16.76 30.90
CA ASN C 11 -22.85 17.22 30.28
C ASN C 11 -22.75 17.54 28.81
N ARG C 12 -22.37 16.54 28.01
CA ARG C 12 -22.24 16.72 26.57
C ARG C 12 -21.21 17.77 26.20
N GLY C 13 -20.43 18.23 27.18
CA GLY C 13 -19.39 19.21 26.89
C GLY C 13 -18.37 18.60 25.94
N GLU C 14 -17.56 19.43 25.29
CA GLU C 14 -16.58 18.91 24.36
C GLU C 14 -15.16 19.18 24.80
N CYS C 15 -14.35 18.13 24.86
CA CYS C 15 -12.97 18.27 25.30
C CYS C 15 -12.05 18.54 24.12
N MET C 16 -11.15 19.51 24.30
CA MET C 16 -10.19 19.89 23.26
C MET C 16 -8.78 20.11 23.83
N SER C 17 -7.80 19.46 23.19
CA SER C 17 -6.42 19.52 23.61
C SER C 17 -5.78 20.88 23.40
N THR C 18 -5.82 21.70 24.45
CA THR C 18 -5.23 23.03 24.37
C THR C 18 -3.75 22.99 24.70
N GLY C 19 -3.03 22.07 24.08
CA GLY C 19 -1.61 21.96 24.34
C GLY C 19 -1.34 20.52 24.70
N PHE C 20 -0.07 20.13 24.69
CA PHE C 20 0.34 18.76 24.96
C PHE C 20 -0.24 18.12 26.22
N ASP C 21 -0.17 18.83 27.35
CA ASP C 21 -0.68 18.29 28.60
C ASP C 21 -1.70 19.19 29.27
N GLN C 22 -2.61 19.73 28.47
CA GLN C 22 -3.68 20.61 28.97
C GLN C 22 -4.87 20.42 28.03
N TYR C 23 -6.08 20.74 28.49
CA TYR C 23 -7.27 20.56 27.67
C TYR C 23 -8.28 21.69 27.87
N LYS C 24 -9.43 21.57 27.21
CA LYS C 24 -10.47 22.57 27.35
C LYS C 24 -11.85 22.00 27.07
N CYS C 25 -12.84 22.52 27.80
CA CYS C 25 -14.21 22.05 27.67
C CYS C 25 -15.14 23.06 27.02
N ASP C 26 -15.83 22.58 25.98
CA ASP C 26 -16.78 23.39 25.20
C ASP C 26 -18.18 23.23 25.75
N CYS C 27 -18.45 23.90 26.87
CA CYS C 27 -19.77 23.83 27.50
C CYS C 27 -20.72 24.77 26.77
N THR C 28 -20.97 24.47 25.50
CA THR C 28 -21.84 25.30 24.69
C THR C 28 -23.25 24.73 24.59
N ARG C 29 -24.22 25.55 25.00
CA ARG C 29 -25.61 25.14 24.97
C ARG C 29 -25.80 23.93 25.86
N THR C 30 -24.79 23.66 26.68
CA THR C 30 -24.79 22.54 27.61
C THR C 30 -25.67 22.85 28.81
N GLY C 31 -25.46 24.02 29.40
CA GLY C 31 -26.24 24.41 30.56
C GLY C 31 -25.33 24.50 31.77
N PHE C 32 -24.03 24.36 31.54
CA PHE C 32 -23.06 24.40 32.62
C PHE C 32 -21.80 25.09 32.18
N TYR C 33 -21.21 25.88 33.09
CA TYR C 33 -19.94 26.52 32.78
C TYR C 33 -18.87 25.75 33.54
N GLY C 34 -17.87 26.45 34.07
CA GLY C 34 -16.84 25.76 34.80
C GLY C 34 -15.93 25.00 33.86
N GLU C 35 -14.67 24.89 34.24
CA GLU C 35 -13.68 24.20 33.44
C GLU C 35 -14.14 22.84 32.95
N ASN C 36 -15.04 22.20 33.71
CA ASN C 36 -15.50 20.87 33.32
C ASN C 36 -16.94 20.77 32.87
N CYS C 37 -17.59 21.92 32.71
CA CYS C 37 -18.99 21.98 32.26
C CYS C 37 -19.88 21.43 33.36
N THR C 38 -19.54 21.79 34.58
CA THR C 38 -20.24 21.35 35.77
C THR C 38 -21.17 22.40 36.35
N THR C 39 -20.61 23.56 36.73
CA THR C 39 -21.45 24.63 37.27
C THR C 39 -22.62 24.85 36.32
N PRO C 40 -23.85 24.67 36.79
CA PRO C 40 -25.02 24.85 35.95
C PRO C 40 -25.53 26.29 35.96
N GLU C 41 -26.44 26.58 35.05
CA GLU C 41 -27.03 27.90 34.98
C GLU C 41 -28.35 27.75 35.68
N PHE C 42 -29.05 28.85 35.93
CA PHE C 42 -30.32 28.76 36.62
C PHE C 42 -31.35 27.85 35.95
N LEU C 43 -31.88 28.25 34.80
CA LEU C 43 -32.88 27.44 34.13
C LEU C 43 -32.45 25.99 34.14
N THR C 44 -31.15 25.76 34.07
CA THR C 44 -30.61 24.40 34.10
C THR C 44 -31.14 23.73 35.37
N ARG C 45 -30.88 24.38 36.50
CA ARG C 45 -31.30 23.88 37.80
C ARG C 45 -32.77 23.57 37.79
N ILE C 46 -33.59 24.62 37.59
CA ILE C 46 -35.04 24.47 37.56
C ILE C 46 -35.46 23.36 36.59
N LYS C 47 -34.65 23.17 35.55
CA LYS C 47 -34.92 22.13 34.56
C LYS C 47 -34.69 20.76 35.17
N LEU C 48 -33.65 20.65 35.98
CA LEU C 48 -33.32 19.39 36.64
C LEU C 48 -34.24 19.11 37.83
N LEU C 49 -34.59 20.18 38.56
CA LEU C 49 -35.46 20.06 39.70
C LEU C 49 -36.89 19.98 39.22
N LEU C 50 -37.05 19.30 38.09
CA LEU C 50 -38.34 19.09 37.45
C LEU C 50 -38.14 17.93 36.47
N LYS C 51 -37.00 17.26 36.61
CA LYS C 51 -36.63 16.13 35.76
C LYS C 51 -36.76 14.83 36.54
N PRO C 52 -37.88 14.11 36.34
CA PRO C 52 -38.17 12.83 37.01
C PRO C 52 -37.31 11.67 36.51
N THR C 53 -36.78 10.88 37.44
CA THR C 53 -35.94 9.74 37.06
C THR C 53 -36.67 8.80 36.09
N PRO C 54 -35.92 8.24 35.12
CA PRO C 54 -36.50 7.33 34.12
C PRO C 54 -37.27 6.19 34.78
N ASN C 55 -36.72 5.71 35.89
CA ASN C 55 -37.30 4.62 36.65
C ASN C 55 -38.65 5.08 37.15
N THR C 56 -38.69 6.29 37.69
CA THR C 56 -39.92 6.88 38.18
C THR C 56 -40.94 6.78 37.05
N VAL C 57 -40.63 7.45 35.95
CA VAL C 57 -41.50 7.47 34.79
C VAL C 57 -41.89 6.06 34.37
N HIS C 58 -40.88 5.27 34.04
CA HIS C 58 -41.09 3.91 33.63
C HIS C 58 -42.17 3.34 34.51
N TYR C 59 -42.02 3.58 35.80
CA TYR C 59 -42.98 3.11 36.78
C TYR C 59 -44.36 3.61 36.36
N ILE C 60 -44.54 4.92 36.45
CA ILE C 60 -45.82 5.52 36.11
C ILE C 60 -46.37 5.02 34.79
N LEU C 61 -45.47 4.69 33.88
CA LEU C 61 -45.87 4.20 32.57
C LEU C 61 -46.47 2.81 32.64
N THR C 62 -45.95 2.02 33.58
CA THR C 62 -46.35 0.64 33.76
C THR C 62 -47.36 0.40 34.87
N HIS C 63 -47.89 1.48 35.44
CA HIS C 63 -48.86 1.35 36.51
C HIS C 63 -50.16 2.07 36.21
N PHE C 64 -50.91 2.41 37.26
CA PHE C 64 -52.18 3.11 37.12
C PHE C 64 -52.99 2.65 35.90
N LYS C 65 -52.74 1.43 35.46
CA LYS C 65 -53.42 0.84 34.30
C LYS C 65 -54.83 1.40 34.08
N GLY C 66 -55.56 1.58 35.17
CA GLY C 66 -56.90 2.10 35.03
C GLY C 66 -56.87 3.42 34.28
N VAL C 67 -56.10 4.36 34.84
CA VAL C 67 -55.96 5.69 34.26
C VAL C 67 -55.47 5.57 32.82
N TRP C 68 -54.40 4.81 32.61
CA TRP C 68 -53.86 4.65 31.27
C TRP C 68 -54.96 4.21 30.32
N ASN C 69 -55.91 3.43 30.82
CA ASN C 69 -57.00 2.97 30.00
C ASN C 69 -57.86 4.17 29.60
N ILE C 70 -58.00 5.11 30.52
CA ILE C 70 -58.78 6.31 30.25
C ILE C 70 -58.17 7.10 29.09
N VAL C 71 -56.89 7.44 29.23
CA VAL C 71 -56.19 8.20 28.19
C VAL C 71 -56.11 7.42 26.88
N ASN C 72 -55.84 6.12 26.99
CA ASN C 72 -55.73 5.28 25.80
C ASN C 72 -56.94 5.35 24.88
N ASN C 73 -57.93 6.15 25.25
CA ASN C 73 -59.14 6.30 24.43
C ASN C 73 -59.55 7.76 24.23
N ILE C 74 -58.65 8.67 24.58
CA ILE C 74 -58.87 10.10 24.42
C ILE C 74 -57.82 10.62 23.44
N PRO C 75 -58.05 10.41 22.13
CA PRO C 75 -57.15 10.83 21.06
C PRO C 75 -56.19 11.95 21.43
N PHE C 76 -56.68 13.17 21.60
CA PHE C 76 -55.77 14.26 21.94
C PHE C 76 -54.86 13.87 23.09
N LEU C 77 -55.45 13.28 24.13
CA LEU C 77 -54.68 12.88 25.28
C LEU C 77 -53.57 11.92 24.87
N ARG C 78 -53.97 10.78 24.30
CA ARG C 78 -52.99 9.78 23.89
C ARG C 78 -51.84 10.45 23.16
N SER C 79 -52.18 11.08 22.04
CA SER C 79 -51.21 11.77 21.23
C SER C 79 -50.40 12.71 22.11
N LEU C 80 -51.10 13.60 22.78
CA LEU C 80 -50.43 14.56 23.66
C LEU C 80 -49.31 13.87 24.43
N ILE C 81 -49.57 12.64 24.86
CA ILE C 81 -48.60 11.85 25.60
C ILE C 81 -47.51 11.33 24.67
N MET C 82 -47.91 10.41 23.79
CA MET C 82 -47.03 9.80 22.80
C MET C 82 -46.04 10.82 22.27
N LYS C 83 -46.57 12.01 22.06
CA LYS C 83 -45.79 13.12 21.55
C LYS C 83 -44.78 13.42 22.61
N TYR C 84 -45.28 13.72 23.80
CA TYR C 84 -44.39 14.02 24.91
C TYR C 84 -43.27 13.00 24.92
N VAL C 85 -43.64 11.73 24.81
CA VAL C 85 -42.66 10.68 24.82
C VAL C 85 -41.69 10.88 23.65
N LEU C 86 -42.26 11.14 22.49
CA LEU C 86 -41.46 11.35 21.31
C LEU C 86 -40.44 12.44 21.59
N THR C 87 -40.95 13.61 21.96
CA THR C 87 -40.12 14.76 22.26
C THR C 87 -39.18 14.57 23.45
N SER C 88 -39.63 13.83 24.46
CA SER C 88 -38.80 13.62 25.64
C SER C 88 -37.45 13.15 25.19
N ARG C 89 -37.44 12.13 24.34
CA ARG C 89 -36.18 11.60 23.83
C ARG C 89 -35.56 12.65 22.92
N SER C 90 -35.92 12.60 21.64
CA SER C 90 -35.44 13.56 20.64
C SER C 90 -34.13 14.30 20.96
N TYR C 91 -34.21 15.31 21.83
CA TYR C 91 -33.06 16.10 22.19
C TYR C 91 -31.83 15.33 22.66
N LEU C 92 -31.83 14.01 22.48
CA LEU C 92 -30.71 13.22 22.93
C LEU C 92 -29.65 12.87 21.89
N ILE C 93 -30.08 12.33 20.75
CA ILE C 93 -29.14 11.95 19.68
C ILE C 93 -28.40 13.10 18.99
N ASP C 94 -27.27 12.77 18.38
CA ASP C 94 -26.45 13.75 17.70
C ASP C 94 -26.74 13.77 16.19
N SER C 95 -27.91 14.29 15.81
CA SER C 95 -28.24 14.37 14.39
C SER C 95 -28.29 15.84 13.97
N PRO C 96 -27.55 16.19 12.90
CA PRO C 96 -26.71 15.31 12.09
C PRO C 96 -25.53 14.67 12.84
N PRO C 97 -25.15 13.43 12.44
CA PRO C 97 -24.07 12.60 12.98
C PRO C 97 -22.79 13.34 13.30
N THR C 98 -22.03 12.79 14.23
CA THR C 98 -20.77 13.40 14.63
C THR C 98 -19.61 12.42 14.52
N TYR C 99 -19.16 11.87 15.65
CA TYR C 99 -18.01 10.94 15.66
C TYR C 99 -18.26 9.53 15.18
N ASN C 100 -17.15 8.80 15.04
CA ASN C 100 -17.20 7.42 14.61
C ASN C 100 -15.95 6.74 15.12
N VAL C 101 -15.76 5.49 14.69
CA VAL C 101 -14.61 4.71 15.10
C VAL C 101 -13.32 5.51 15.11
N HIS C 102 -12.86 5.88 13.93
CA HIS C 102 -11.61 6.61 13.80
C HIS C 102 -11.63 8.06 14.17
N TYR C 103 -12.79 8.68 14.35
CA TYR C 103 -12.79 10.10 14.65
C TYR C 103 -13.43 10.50 15.98
N GLY C 104 -12.58 11.02 16.86
CA GLY C 104 -12.99 11.48 18.18
C GLY C 104 -13.35 12.97 18.19
N TYR C 105 -13.03 13.64 17.09
CA TYR C 105 -13.37 15.06 16.95
C TYR C 105 -14.33 15.08 15.76
N LYS C 106 -15.11 16.16 15.63
CA LYS C 106 -16.02 16.24 14.47
C LYS C 106 -15.11 16.42 13.28
N SER C 107 -15.47 15.78 12.19
CA SER C 107 -14.68 15.86 10.98
C SER C 107 -15.57 15.63 9.77
N TRP C 108 -15.17 16.19 8.63
CA TRP C 108 -15.96 16.01 7.42
C TRP C 108 -15.94 14.54 7.05
N GLU C 109 -14.72 14.00 6.93
CA GLU C 109 -14.53 12.59 6.59
C GLU C 109 -15.52 11.81 7.42
N ALA C 110 -15.66 12.25 8.68
CA ALA C 110 -16.59 11.63 9.58
C ALA C 110 -17.98 11.81 8.97
N PHE C 111 -18.59 12.95 9.22
CA PHE C 111 -19.92 13.24 8.71
C PHE C 111 -20.24 12.76 7.30
N SER C 112 -19.21 12.62 6.46
CA SER C 112 -19.41 12.21 5.08
C SER C 112 -19.49 10.71 4.88
N ASN C 113 -18.40 9.99 5.18
CA ASN C 113 -18.36 8.54 4.99
C ASN C 113 -19.62 7.83 5.52
N LEU C 114 -20.28 7.11 4.64
CA LEU C 114 -21.51 6.44 5.04
C LEU C 114 -21.31 4.98 5.38
N SER C 115 -20.10 4.47 5.15
CA SER C 115 -19.79 3.08 5.45
C SER C 115 -19.49 2.94 6.96
N TYR C 116 -19.22 4.06 7.62
CA TYR C 116 -18.94 4.07 9.05
C TYR C 116 -20.24 3.94 9.84
N TYR C 117 -20.12 3.72 11.14
CA TYR C 117 -21.28 3.62 12.03
C TYR C 117 -21.00 4.83 12.90
N THR C 118 -22.00 5.66 13.13
CA THR C 118 -21.73 6.85 13.95
C THR C 118 -21.61 6.40 15.40
N ARG C 119 -20.92 7.18 16.22
CA ARG C 119 -20.77 6.77 17.61
C ARG C 119 -21.30 7.82 18.59
N ALA C 120 -22.28 7.41 19.40
CA ALA C 120 -22.90 8.28 20.38
C ALA C 120 -21.87 8.88 21.31
N LEU C 121 -20.73 8.23 21.41
CA LEU C 121 -19.66 8.73 22.25
C LEU C 121 -18.36 8.43 21.52
N PRO C 122 -17.43 9.37 21.58
CA PRO C 122 -16.15 9.23 20.91
C PRO C 122 -15.33 8.06 21.42
N PRO C 123 -14.46 7.51 20.56
CA PRO C 123 -13.64 6.39 21.02
C PRO C 123 -12.60 6.96 21.96
N VAL C 124 -11.60 6.17 22.29
CA VAL C 124 -10.57 6.64 23.20
C VAL C 124 -9.23 6.68 22.48
N ALA C 125 -8.53 7.81 22.64
CA ALA C 125 -7.23 7.98 22.00
C ALA C 125 -6.39 6.74 22.17
N ASP C 126 -5.91 6.20 21.06
CA ASP C 126 -5.07 5.03 21.11
C ASP C 126 -3.82 5.41 21.90
N ASP C 127 -3.65 6.70 22.12
CA ASP C 127 -2.53 7.22 22.88
C ASP C 127 -2.85 7.25 24.38
N CYS C 128 -4.13 7.08 24.70
CA CYS C 128 -4.58 7.06 26.09
C CYS C 128 -3.86 5.92 26.82
N PRO C 129 -3.63 6.04 28.15
CA PRO C 129 -2.95 5.02 28.95
C PRO C 129 -3.72 3.74 29.21
N THR C 130 -4.94 3.88 29.71
CA THR C 130 -5.76 2.72 30.00
C THR C 130 -6.96 2.64 29.08
N PRO C 131 -7.38 1.40 28.77
CA PRO C 131 -8.52 1.11 27.89
C PRO C 131 -9.76 1.99 28.08
N MET C 132 -9.95 2.53 29.27
CA MET C 132 -11.09 3.40 29.50
C MET C 132 -10.57 4.80 29.72
N GLY C 133 -9.44 5.08 29.10
CA GLY C 133 -8.83 6.39 29.23
C GLY C 133 -7.73 6.37 30.27
N VAL C 134 -8.12 6.50 31.53
CA VAL C 134 -7.15 6.49 32.63
C VAL C 134 -7.55 5.53 33.75
N LYS C 135 -8.82 5.52 34.13
CA LYS C 135 -9.26 4.62 35.19
C LYS C 135 -9.16 3.18 34.73
N GLY C 136 -8.62 2.31 35.59
CA GLY C 136 -8.48 0.92 35.22
C GLY C 136 -7.05 0.46 35.07
N ASN C 137 -6.86 -0.75 34.59
CA ASN C 137 -5.52 -1.29 34.43
C ASN C 137 -5.05 -1.24 33.00
N LYS C 138 -3.79 -1.62 32.80
CA LYS C 138 -3.18 -1.64 31.48
C LYS C 138 -4.08 -2.42 30.54
N GLU C 139 -5.01 -3.18 31.11
CA GLU C 139 -5.94 -3.93 30.31
C GLU C 139 -7.29 -4.14 30.97
N LEU C 140 -8.12 -4.94 30.31
CA LEU C 140 -9.45 -5.25 30.77
C LEU C 140 -9.58 -6.76 31.03
N PRO C 141 -10.49 -7.12 31.95
CA PRO C 141 -10.72 -8.53 32.28
C PRO C 141 -10.80 -9.33 31.00
N ASP C 142 -10.21 -10.51 30.98
CA ASP C 142 -10.28 -11.34 29.79
C ASP C 142 -11.79 -11.51 29.58
N SER C 143 -12.22 -11.57 28.32
CA SER C 143 -13.64 -11.73 28.01
C SER C 143 -14.17 -13.11 28.34
N LYS C 144 -13.41 -14.16 27.96
CA LYS C 144 -13.77 -15.54 28.24
C LYS C 144 -14.34 -15.62 29.65
N GLU C 145 -13.59 -15.07 30.59
CA GLU C 145 -14.01 -15.04 31.98
C GLU C 145 -15.39 -14.42 32.00
N VAL C 146 -15.44 -13.10 32.10
CA VAL C 146 -16.71 -12.34 32.14
C VAL C 146 -17.84 -13.12 31.45
N LEU C 147 -17.54 -13.54 30.21
CA LEU C 147 -18.43 -14.32 29.36
C LEU C 147 -19.08 -15.40 30.20
N GLU C 148 -18.22 -16.28 30.72
CA GLU C 148 -18.64 -17.37 31.59
C GLU C 148 -19.04 -16.78 32.94
N LYS C 149 -18.05 -16.26 33.65
CA LYS C 149 -18.25 -15.66 34.97
C LYS C 149 -19.57 -14.93 35.20
N VAL C 150 -20.29 -14.54 34.15
CA VAL C 150 -21.56 -13.85 34.39
C VAL C 150 -22.49 -13.76 33.19
N LEU C 151 -22.08 -14.29 32.06
CA LEU C 151 -22.94 -14.17 30.89
C LEU C 151 -23.65 -15.42 30.44
N LEU C 152 -22.88 -16.44 30.08
CA LEU C 152 -23.44 -17.71 29.62
C LEU C 152 -24.58 -18.23 30.50
N ARG C 153 -25.66 -18.63 29.84
CA ARG C 153 -26.83 -19.13 30.53
C ARG C 153 -26.60 -20.51 31.10
N ARG C 154 -26.91 -20.66 32.39
CA ARG C 154 -26.80 -21.94 33.07
C ARG C 154 -28.20 -22.52 32.93
N GLU C 155 -29.12 -22.01 33.74
CA GLU C 155 -30.51 -22.43 33.71
C GLU C 155 -31.22 -21.42 32.83
N PHE C 156 -31.87 -21.87 31.77
CA PHE C 156 -32.57 -20.95 30.89
C PHE C 156 -33.48 -20.04 31.70
N ILE C 157 -33.34 -18.73 31.51
CA ILE C 157 -34.18 -17.80 32.22
C ILE C 157 -35.19 -17.27 31.23
N PRO C 158 -36.49 -17.45 31.52
CA PRO C 158 -37.49 -16.96 30.58
C PRO C 158 -37.69 -15.47 30.80
N ASP C 159 -38.04 -14.75 29.75
CA ASP C 159 -38.27 -13.34 29.93
C ASP C 159 -39.59 -13.22 30.68
N PRO C 160 -39.59 -12.54 31.82
CA PRO C 160 -40.84 -12.39 32.56
C PRO C 160 -41.91 -11.72 31.69
N GLN C 161 -41.48 -10.90 30.73
CA GLN C 161 -42.40 -10.16 29.84
C GLN C 161 -43.19 -10.99 28.83
N GLY C 162 -42.85 -12.26 28.67
CA GLY C 162 -43.60 -13.10 27.76
C GLY C 162 -43.14 -13.12 26.33
N SER C 163 -41.99 -12.51 26.11
CA SER C 163 -41.40 -12.43 24.77
C SER C 163 -41.29 -13.79 24.09
N ASN C 164 -42.21 -14.08 23.17
CA ASN C 164 -42.19 -15.35 22.46
C ASN C 164 -41.10 -15.37 21.40
N MET C 165 -41.05 -16.43 20.61
CA MET C 165 -40.07 -16.57 19.55
C MET C 165 -40.34 -15.56 18.41
N MET C 166 -41.63 -15.29 18.16
CA MET C 166 -42.02 -14.34 17.13
C MET C 166 -41.17 -13.12 17.38
N PHE C 167 -41.45 -12.43 18.48
CA PHE C 167 -40.69 -11.26 18.82
C PHE C 167 -39.22 -11.45 18.52
N ALA C 168 -38.61 -12.43 19.15
CA ALA C 168 -37.19 -12.67 18.92
C ALA C 168 -36.81 -12.57 17.44
N PHE C 169 -37.27 -13.52 16.64
CA PHE C 169 -36.97 -13.51 15.22
C PHE C 169 -37.33 -12.21 14.51
N PHE C 170 -38.36 -11.53 14.98
CA PHE C 170 -38.71 -10.27 14.37
C PHE C 170 -37.50 -9.41 14.67
N ALA C 171 -37.42 -8.89 15.90
CA ALA C 171 -36.30 -8.08 16.30
C ALA C 171 -35.06 -8.50 15.51
N GLN C 172 -34.78 -9.81 15.52
CA GLN C 172 -33.62 -10.32 14.80
C GLN C 172 -33.69 -9.89 13.33
N HIS C 173 -34.71 -10.38 12.64
CA HIS C 173 -34.96 -10.09 11.24
C HIS C 173 -34.95 -8.59 10.98
N PHE C 174 -35.83 -7.87 11.66
CA PHE C 174 -35.95 -6.43 11.52
C PHE C 174 -34.62 -5.70 11.69
N THR C 175 -34.04 -5.75 12.87
CA THR C 175 -32.79 -5.06 13.09
C THR C 175 -31.71 -5.41 12.07
N HIS C 176 -31.91 -6.47 11.30
CA HIS C 176 -30.90 -6.89 10.35
C HIS C 176 -30.74 -6.08 9.08
N GLN C 177 -31.51 -4.99 8.97
CA GLN C 177 -31.39 -4.11 7.83
C GLN C 177 -30.40 -3.05 8.26
N PHE C 178 -30.68 -2.33 9.34
CA PHE C 178 -29.74 -1.31 9.79
C PHE C 178 -28.38 -1.89 10.17
N PHE C 179 -28.34 -2.79 11.15
CA PHE C 179 -27.07 -3.40 11.53
C PHE C 179 -26.76 -4.37 10.41
N LYS C 180 -25.55 -4.27 9.88
CA LYS C 180 -25.14 -5.15 8.78
C LYS C 180 -23.64 -5.06 8.64
N THR C 181 -22.98 -4.81 9.77
CA THR C 181 -21.54 -4.67 9.83
C THR C 181 -20.79 -5.39 8.72
N ASP C 182 -19.94 -4.64 8.03
CA ASP C 182 -19.12 -5.20 6.97
C ASP C 182 -17.81 -5.52 7.65
N HIS C 183 -17.59 -6.80 7.91
CA HIS C 183 -16.38 -7.25 8.59
C HIS C 183 -15.11 -7.13 7.75
N LYS C 184 -15.24 -7.33 6.45
CA LYS C 184 -14.08 -7.22 5.58
C LYS C 184 -13.42 -5.88 5.91
N ARG C 185 -14.25 -4.88 6.19
CA ARG C 185 -13.79 -3.54 6.51
C ARG C 185 -13.43 -3.44 7.99
N GLY C 186 -14.40 -3.77 8.83
CA GLY C 186 -14.15 -3.69 10.25
C GLY C 186 -15.44 -3.73 11.05
N PRO C 187 -15.33 -3.70 12.39
CA PRO C 187 -16.49 -3.73 13.28
C PRO C 187 -17.30 -2.46 13.19
N GLY C 188 -16.59 -1.34 13.04
CA GLY C 188 -17.24 -0.03 12.96
C GLY C 188 -17.98 0.32 11.68
N PHE C 189 -17.77 -0.43 10.60
CA PHE C 189 -18.42 -0.13 9.33
C PHE C 189 -19.68 -0.92 9.02
N THR C 190 -20.70 -0.23 8.54
CA THR C 190 -21.96 -0.88 8.15
C THR C 190 -21.98 -1.00 6.62
N ARG C 191 -22.84 -1.88 6.10
CA ARG C 191 -22.97 -2.09 4.68
C ARG C 191 -24.34 -1.59 4.29
N GLY C 192 -25.16 -1.35 5.30
CA GLY C 192 -26.49 -0.84 5.06
C GLY C 192 -26.38 0.67 5.07
N LEU C 193 -26.03 1.24 3.92
CA LEU C 193 -25.90 2.68 3.84
C LEU C 193 -27.26 3.31 4.05
N GLY C 194 -28.32 2.51 3.92
CA GLY C 194 -29.64 3.02 4.14
C GLY C 194 -29.72 3.64 5.53
N HIS C 195 -28.83 3.19 6.41
CA HIS C 195 -28.79 3.68 7.77
C HIS C 195 -30.18 3.87 8.36
N GLY C 196 -31.02 2.85 8.23
CA GLY C 196 -32.36 2.97 8.75
C GLY C 196 -33.37 2.04 8.10
N VAL C 197 -34.62 2.18 8.55
CA VAL C 197 -35.69 1.36 8.05
C VAL C 197 -35.95 1.61 6.55
N ASP C 198 -35.32 0.80 5.72
CA ASP C 198 -35.50 0.95 4.30
C ASP C 198 -35.83 -0.39 3.64
N LEU C 199 -36.11 -1.40 4.45
CA LEU C 199 -36.44 -2.76 3.99
C LEU C 199 -35.48 -3.24 2.92
N ASN C 200 -34.23 -2.86 3.05
CA ASN C 200 -33.24 -3.30 2.09
C ASN C 200 -33.07 -4.80 2.24
N HIS C 201 -33.49 -5.36 3.37
CA HIS C 201 -33.37 -6.80 3.60
C HIS C 201 -34.42 -7.54 2.78
N ILE C 202 -35.41 -6.81 2.30
CA ILE C 202 -36.44 -7.41 1.48
C ILE C 202 -36.16 -7.21 0.00
N TYR C 203 -35.57 -6.07 -0.35
CA TYR C 203 -35.29 -5.76 -1.74
C TYR C 203 -33.81 -5.62 -2.10
N GLY C 204 -32.91 -5.96 -1.19
CA GLY C 204 -31.48 -5.84 -1.47
C GLY C 204 -31.01 -4.41 -1.27
N GLU C 205 -29.70 -4.19 -1.18
CA GLU C 205 -29.20 -2.82 -1.01
C GLU C 205 -29.02 -2.19 -2.41
N THR C 206 -28.35 -2.91 -3.30
CA THR C 206 -28.11 -2.38 -4.64
C THR C 206 -29.29 -2.66 -5.54
N LEU C 207 -29.45 -1.79 -6.54
CA LEU C 207 -30.52 -1.90 -7.52
C LEU C 207 -30.38 -3.22 -8.25
N ASP C 208 -29.15 -3.52 -8.64
CA ASP C 208 -28.84 -4.74 -9.34
C ASP C 208 -29.55 -5.90 -8.64
N ARG C 209 -29.28 -6.02 -7.35
CA ARG C 209 -29.90 -7.06 -6.54
C ARG C 209 -31.41 -6.92 -6.68
N GLN C 210 -31.91 -5.79 -6.19
CA GLN C 210 -33.32 -5.46 -6.20
C GLN C 210 -34.02 -5.91 -7.47
N HIS C 211 -33.40 -5.66 -8.61
CA HIS C 211 -34.00 -6.01 -9.89
C HIS C 211 -34.11 -7.49 -10.08
N LYS C 212 -33.15 -8.24 -9.55
CA LYS C 212 -33.19 -9.69 -9.67
C LYS C 212 -34.30 -10.25 -8.76
N LEU C 213 -34.56 -9.55 -7.65
CA LEU C 213 -35.59 -9.95 -6.72
C LEU C 213 -36.95 -9.47 -7.19
N ARG C 214 -36.92 -8.73 -8.31
CA ARG C 214 -38.13 -8.18 -8.92
C ARG C 214 -38.61 -9.04 -10.08
N LEU C 215 -39.93 -9.12 -10.20
CA LEU C 215 -40.52 -9.93 -11.25
C LEU C 215 -40.85 -9.04 -12.46
N PHE C 216 -40.96 -7.73 -12.20
CA PHE C 216 -41.27 -6.74 -13.22
C PHE C 216 -42.59 -7.03 -13.88
N LYS C 217 -43.62 -7.07 -13.03
CA LYS C 217 -44.97 -7.32 -13.45
C LYS C 217 -45.76 -6.93 -12.22
N ASP C 218 -46.65 -5.96 -12.36
CA ASP C 218 -47.46 -5.52 -11.24
C ASP C 218 -46.58 -5.15 -10.05
N GLY C 219 -45.35 -4.76 -10.35
CA GLY C 219 -44.41 -4.37 -9.33
C GLY C 219 -44.20 -5.42 -8.27
N LYS C 220 -44.38 -6.68 -8.65
CA LYS C 220 -44.23 -7.78 -7.71
C LYS C 220 -42.80 -8.33 -7.59
N LEU C 221 -42.48 -8.85 -6.41
CA LEU C 221 -41.17 -9.45 -6.15
C LEU C 221 -41.27 -10.87 -6.66
N LYS C 222 -40.20 -11.32 -7.31
CA LYS C 222 -40.18 -12.68 -7.83
C LYS C 222 -40.44 -13.62 -6.67
N TYR C 223 -41.30 -14.60 -6.89
CA TYR C 223 -41.60 -15.56 -5.84
C TYR C 223 -41.58 -16.98 -6.41
N GLN C 224 -42.10 -17.94 -5.64
CA GLN C 224 -42.15 -19.33 -6.08
C GLN C 224 -43.16 -20.11 -5.26
N VAL C 225 -43.86 -21.05 -5.92
CA VAL C 225 -44.86 -21.84 -5.22
C VAL C 225 -44.44 -23.27 -4.96
N ILE C 226 -44.30 -23.62 -3.69
CA ILE C 226 -43.92 -24.97 -3.32
C ILE C 226 -45.09 -25.54 -2.53
N GLY C 227 -45.53 -26.73 -2.95
CA GLY C 227 -46.64 -27.37 -2.28
C GLY C 227 -47.80 -26.42 -2.04
N GLY C 228 -48.16 -25.67 -3.07
CA GLY C 228 -49.27 -24.74 -2.95
C GLY C 228 -49.01 -23.55 -2.03
N GLU C 229 -47.76 -23.31 -1.69
CA GLU C 229 -47.44 -22.17 -0.81
C GLU C 229 -46.47 -21.18 -1.47
N VAL C 230 -46.65 -19.90 -1.11
CA VAL C 230 -45.81 -18.82 -1.64
C VAL C 230 -44.50 -18.71 -0.87
N TYR C 231 -43.39 -18.87 -1.57
CA TYR C 231 -42.08 -18.78 -0.92
C TYR C 231 -41.09 -17.95 -1.73
N PRO C 232 -40.05 -17.43 -1.08
CA PRO C 232 -39.06 -16.64 -1.82
C PRO C 232 -38.59 -17.52 -2.96
N PRO C 233 -37.93 -16.93 -3.97
CA PRO C 233 -37.48 -17.73 -5.10
C PRO C 233 -36.04 -18.17 -4.95
N THR C 234 -35.63 -19.10 -5.82
CA THR C 234 -34.28 -19.66 -5.80
C THR C 234 -33.13 -18.77 -6.31
N VAL C 235 -31.94 -19.08 -5.82
CA VAL C 235 -30.73 -18.38 -6.20
C VAL C 235 -30.38 -18.77 -7.63
N LYS C 236 -30.76 -19.98 -8.02
CA LYS C 236 -30.45 -20.48 -9.35
C LYS C 236 -31.32 -19.86 -10.42
N ASP C 237 -32.33 -19.11 -10.00
CA ASP C 237 -33.23 -18.49 -10.97
C ASP C 237 -33.12 -16.98 -10.96
N THR C 238 -32.47 -16.46 -9.93
CA THR C 238 -32.32 -15.02 -9.82
C THR C 238 -30.87 -14.62 -9.76
N GLN C 239 -30.01 -15.61 -9.60
CA GLN C 239 -28.58 -15.36 -9.52
C GLN C 239 -28.25 -14.42 -8.37
N VAL C 240 -29.25 -14.13 -7.54
CA VAL C 240 -29.06 -13.24 -6.41
C VAL C 240 -27.99 -13.80 -5.48
N GLU C 241 -27.28 -12.91 -4.79
CA GLU C 241 -26.22 -13.30 -3.87
C GLU C 241 -26.78 -13.74 -2.52
N MET C 242 -26.60 -15.02 -2.19
CA MET C 242 -27.07 -15.55 -0.92
C MET C 242 -25.97 -16.34 -0.21
N ILE C 243 -25.78 -16.09 1.08
CA ILE C 243 -24.77 -16.78 1.89
C ILE C 243 -25.28 -18.15 2.36
N TYR C 244 -24.79 -19.20 1.73
CA TYR C 244 -25.22 -20.56 2.07
C TYR C 244 -24.05 -21.54 2.19
N PRO C 245 -24.25 -22.63 2.97
CA PRO C 245 -23.22 -23.65 3.16
C PRO C 245 -23.33 -24.69 2.04
N PRO C 246 -22.17 -25.12 1.49
CA PRO C 246 -22.01 -26.09 0.41
C PRO C 246 -23.08 -27.15 0.16
N HIS C 247 -23.52 -27.85 1.19
CA HIS C 247 -24.52 -28.92 1.03
C HIS C 247 -25.90 -28.51 0.52
N ILE C 248 -26.39 -27.36 0.98
CA ILE C 248 -27.71 -26.89 0.56
C ILE C 248 -28.08 -27.12 -0.90
N PRO C 249 -29.24 -27.73 -1.13
CA PRO C 249 -29.66 -28.00 -2.51
C PRO C 249 -30.23 -26.72 -3.13
N GLU C 250 -29.97 -26.52 -4.42
CA GLU C 250 -30.45 -25.34 -5.12
C GLU C 250 -31.94 -25.12 -4.88
N ASN C 251 -32.70 -26.22 -4.91
CA ASN C 251 -34.15 -26.15 -4.69
C ASN C 251 -34.47 -25.55 -3.33
N LEU C 252 -33.44 -25.44 -2.50
CA LEU C 252 -33.61 -24.88 -1.18
C LEU C 252 -32.92 -23.53 -1.01
N GLN C 253 -31.94 -23.26 -1.86
CA GLN C 253 -31.22 -22.00 -1.80
C GLN C 253 -32.14 -20.81 -2.07
N PHE C 254 -32.63 -20.20 -1.00
CA PHE C 254 -33.53 -19.08 -1.15
C PHE C 254 -32.85 -17.76 -1.42
N ALA C 255 -33.50 -16.92 -2.22
CA ALA C 255 -32.98 -15.62 -2.56
C ALA C 255 -33.90 -14.55 -2.00
N VAL C 256 -33.35 -13.67 -1.17
CA VAL C 256 -34.13 -12.62 -0.56
C VAL C 256 -33.29 -11.36 -0.31
N GLY C 257 -33.97 -10.26 -0.03
CA GLY C 257 -33.28 -9.00 0.19
C GLY C 257 -31.96 -9.18 0.93
N GLN C 258 -31.99 -9.95 2.01
CA GLN C 258 -30.78 -10.16 2.78
C GLN C 258 -30.06 -11.47 2.45
N GLU C 259 -28.78 -11.37 2.13
CA GLU C 259 -28.00 -12.55 1.77
C GLU C 259 -27.75 -13.56 2.88
N VAL C 260 -27.78 -13.12 4.12
CA VAL C 260 -27.52 -14.01 5.25
C VAL C 260 -28.76 -14.79 5.73
N PHE C 261 -29.92 -14.16 5.62
CA PHE C 261 -31.20 -14.71 6.05
C PHE C 261 -31.54 -16.17 5.75
N GLY C 262 -30.74 -16.83 4.93
CA GLY C 262 -31.04 -18.21 4.63
C GLY C 262 -30.64 -19.19 5.72
N LEU C 263 -29.66 -18.78 6.53
CA LEU C 263 -29.14 -19.61 7.62
C LEU C 263 -30.05 -19.69 8.85
N VAL C 264 -31.25 -19.12 8.76
CA VAL C 264 -32.13 -19.14 9.91
C VAL C 264 -33.57 -19.27 9.51
N PRO C 265 -34.09 -20.51 9.51
CA PRO C 265 -35.48 -20.73 9.14
C PRO C 265 -36.41 -19.72 9.85
N GLY C 266 -35.94 -19.18 10.98
CA GLY C 266 -36.74 -18.19 11.68
C GLY C 266 -36.84 -16.95 10.81
N LEU C 267 -35.68 -16.48 10.35
CA LEU C 267 -35.56 -15.33 9.48
C LEU C 267 -36.36 -15.60 8.21
N MET C 268 -35.87 -16.57 7.44
CA MET C 268 -36.53 -16.96 6.21
C MET C 268 -38.05 -16.88 6.30
N MET C 269 -38.59 -17.39 7.41
CA MET C 269 -40.05 -17.40 7.63
C MET C 269 -40.58 -15.98 7.48
N TYR C 270 -40.05 -15.07 8.29
CA TYR C 270 -40.45 -13.68 8.24
C TYR C 270 -40.35 -13.15 6.82
N ALA C 271 -39.18 -13.30 6.21
CA ALA C 271 -38.98 -12.86 4.84
C ALA C 271 -40.26 -13.28 4.12
N THR C 272 -40.32 -14.54 3.75
CA THR C 272 -41.47 -15.11 3.08
C THR C 272 -42.76 -14.36 3.43
N ILE C 273 -42.94 -14.07 4.71
CA ILE C 273 -44.15 -13.35 5.09
C ILE C 273 -44.13 -12.02 4.36
N TRP C 274 -43.25 -11.13 4.78
CA TRP C 274 -43.11 -9.80 4.19
C TRP C 274 -43.20 -9.85 2.67
N LEU C 275 -42.37 -10.71 2.06
CA LEU C 275 -42.38 -10.86 0.62
C LEU C 275 -43.85 -11.00 0.22
N ARG C 276 -44.53 -11.95 0.84
CA ARG C 276 -45.92 -12.15 0.54
C ARG C 276 -46.69 -10.83 0.75
N GLU C 277 -46.35 -10.12 1.81
CA GLU C 277 -47.01 -8.85 2.12
C GLU C 277 -46.91 -7.91 0.94
N HIS C 278 -45.67 -7.67 0.50
CA HIS C 278 -45.40 -6.80 -0.64
C HIS C 278 -46.37 -7.08 -1.77
N ASN C 279 -46.17 -8.21 -2.45
CA ASN C 279 -47.02 -8.60 -3.55
C ASN C 279 -48.49 -8.51 -3.18
N ARG C 280 -48.81 -8.76 -1.91
CA ARG C 280 -50.20 -8.65 -1.48
C ARG C 280 -50.63 -7.20 -1.74
N VAL C 281 -49.81 -6.26 -1.27
CA VAL C 281 -50.06 -4.84 -1.47
C VAL C 281 -50.17 -4.53 -2.97
N CYS C 282 -49.21 -5.02 -3.74
CA CYS C 282 -49.22 -4.78 -5.16
C CYS C 282 -50.63 -4.99 -5.73
N ASP C 283 -51.24 -6.12 -5.41
CA ASP C 283 -52.58 -6.37 -5.91
C ASP C 283 -53.56 -5.28 -5.52
N ILE C 284 -53.55 -4.90 -4.24
CA ILE C 284 -54.45 -3.85 -3.76
C ILE C 284 -54.25 -2.58 -4.57
N LEU C 285 -53.00 -2.26 -4.86
CA LEU C 285 -52.69 -1.08 -5.65
C LEU C 285 -53.24 -1.27 -7.06
N LYS C 286 -52.77 -2.30 -7.77
CA LYS C 286 -53.22 -2.57 -9.14
C LYS C 286 -54.74 -2.53 -9.24
N GLN C 287 -55.41 -2.63 -8.10
CA GLN C 287 -56.86 -2.56 -8.07
C GLN C 287 -57.21 -1.08 -8.14
N GLU C 288 -56.55 -0.31 -7.28
CA GLU C 288 -56.75 1.12 -7.21
C GLU C 288 -56.34 1.82 -8.51
N HIS C 289 -55.19 1.45 -9.04
CA HIS C 289 -54.68 2.07 -10.26
C HIS C 289 -54.45 1.06 -11.36
N PRO C 290 -55.51 0.67 -12.07
CA PRO C 290 -55.34 -0.31 -13.14
C PRO C 290 -54.44 0.32 -14.20
N GLU C 291 -54.18 1.60 -14.01
CA GLU C 291 -53.37 2.40 -14.93
C GLU C 291 -51.96 2.68 -14.48
N TRP C 292 -51.45 1.90 -13.53
CA TRP C 292 -50.08 2.11 -13.07
C TRP C 292 -49.09 1.13 -13.67
N GLY C 293 -47.82 1.47 -13.58
CA GLY C 293 -46.81 0.60 -14.16
C GLY C 293 -46.09 -0.30 -13.16
N ASP C 294 -45.45 -1.34 -13.68
CA ASP C 294 -44.72 -2.25 -12.83
C ASP C 294 -43.84 -1.45 -11.88
N GLU C 295 -42.90 -0.70 -12.45
CA GLU C 295 -42.00 0.10 -11.62
C GLU C 295 -42.66 1.12 -10.68
N GLN C 296 -43.93 1.45 -10.88
CA GLN C 296 -44.54 2.41 -9.95
C GLN C 296 -45.19 1.64 -8.83
N LEU C 297 -45.81 0.52 -9.18
CA LEU C 297 -46.46 -0.34 -8.20
C LEU C 297 -45.36 -0.76 -7.24
N PHE C 298 -44.37 -1.46 -7.81
CA PHE C 298 -43.23 -1.91 -7.04
C PHE C 298 -42.73 -0.87 -6.07
N GLN C 299 -42.62 0.37 -6.51
CA GLN C 299 -42.12 1.42 -5.63
C GLN C 299 -43.13 1.91 -4.61
N THR C 300 -44.40 1.96 -5.00
CA THR C 300 -45.41 2.42 -4.05
C THR C 300 -45.48 1.37 -2.95
N SER C 301 -45.54 0.11 -3.34
CA SER C 301 -45.58 -0.96 -2.35
C SER C 301 -44.48 -0.70 -1.32
N ARG C 302 -43.23 -0.83 -1.74
CA ARG C 302 -42.10 -0.60 -0.86
C ARG C 302 -42.31 0.59 0.06
N LEU C 303 -43.05 1.59 -0.40
CA LEU C 303 -43.26 2.75 0.43
C LEU C 303 -44.28 2.41 1.52
N ILE C 304 -45.38 1.78 1.10
CA ILE C 304 -46.44 1.37 2.01
C ILE C 304 -45.88 0.39 3.04
N LEU C 305 -45.20 -0.66 2.55
CA LEU C 305 -44.62 -1.67 3.44
C LEU C 305 -43.71 -0.98 4.45
N ILE C 306 -42.75 -0.19 3.99
CA ILE C 306 -41.88 0.50 4.93
C ILE C 306 -42.76 1.15 6.00
N GLY C 307 -43.84 1.76 5.58
CA GLY C 307 -44.73 2.39 6.52
C GLY C 307 -45.18 1.38 7.57
N GLU C 308 -45.83 0.31 7.08
CA GLU C 308 -46.33 -0.77 7.94
C GLU C 308 -45.26 -1.10 8.97
N THR C 309 -44.11 -1.54 8.49
CA THR C 309 -43.00 -1.87 9.35
C THR C 309 -42.81 -0.80 10.44
N ILE C 310 -42.50 0.43 10.06
CA ILE C 310 -42.33 1.49 11.07
C ILE C 310 -43.49 1.46 12.05
N LYS C 311 -44.68 1.10 11.55
CA LYS C 311 -45.87 1.03 12.40
C LYS C 311 -45.77 -0.17 13.34
N ILE C 312 -45.83 -1.36 12.76
CA ILE C 312 -45.75 -2.62 13.49
C ILE C 312 -44.60 -2.64 14.51
N VAL C 313 -43.53 -1.92 14.24
CA VAL C 313 -42.44 -1.89 15.18
C VAL C 313 -42.88 -1.03 16.35
N ILE C 314 -42.96 0.28 16.11
CA ILE C 314 -43.35 1.21 17.15
C ILE C 314 -44.56 0.79 17.99
N GLU C 315 -45.67 0.50 17.33
CA GLU C 315 -46.90 0.14 17.99
C GLU C 315 -47.02 -1.28 18.60
N ASP C 316 -46.33 -2.25 18.03
CA ASP C 316 -46.35 -3.59 18.59
C ASP C 316 -45.00 -3.77 19.26
N TYR C 317 -44.09 -4.47 18.57
CA TYR C 317 -42.73 -4.70 19.05
C TYR C 317 -42.43 -3.69 20.16
N VAL C 318 -41.86 -2.53 19.85
CA VAL C 318 -41.56 -1.54 20.88
C VAL C 318 -42.60 -1.44 22.02
N GLN C 319 -43.88 -1.42 21.67
CA GLN C 319 -44.93 -1.32 22.68
C GLN C 319 -44.67 -2.40 23.73
N HIS C 320 -44.80 -3.65 23.30
CA HIS C 320 -44.57 -4.80 24.17
C HIS C 320 -43.27 -4.63 24.95
N LEU C 321 -42.17 -4.50 24.22
CA LEU C 321 -40.86 -4.33 24.82
C LEU C 321 -40.86 -3.37 26.00
N SER C 322 -41.79 -2.43 26.03
CA SER C 322 -41.84 -1.45 27.11
C SER C 322 -42.79 -1.84 28.23
N GLY C 323 -43.75 -2.71 27.92
CA GLY C 323 -44.70 -3.12 28.92
C GLY C 323 -45.43 -1.94 29.53
N TYR C 324 -45.45 -0.81 28.84
CA TYR C 324 -46.15 0.35 29.37
C TYR C 324 -47.62 0.05 29.20
N HIS C 325 -48.45 0.78 29.92
CA HIS C 325 -49.90 0.59 29.82
C HIS C 325 -50.43 1.52 28.75
N PHE C 326 -49.72 2.62 28.56
CA PHE C 326 -50.08 3.60 27.54
C PHE C 326 -49.85 2.94 26.18
N LYS C 327 -50.84 3.03 25.29
CA LYS C 327 -50.68 2.43 23.96
C LYS C 327 -49.87 3.33 23.06
N LEU C 328 -48.64 2.91 22.78
CA LEU C 328 -47.76 3.68 21.92
C LEU C 328 -48.40 3.87 20.56
N LYS C 329 -48.34 5.10 20.06
CA LYS C 329 -48.92 5.44 18.76
C LYS C 329 -47.87 5.94 17.79
N PHE C 330 -48.01 5.53 16.53
CA PHE C 330 -47.10 5.96 15.47
C PHE C 330 -47.85 6.91 14.56
N ASP C 331 -47.59 8.21 14.73
CA ASP C 331 -48.22 9.26 13.95
C ASP C 331 -47.23 10.42 13.80
N PRO C 332 -46.57 10.54 12.62
CA PRO C 332 -45.59 11.60 12.35
C PRO C 332 -46.15 13.00 12.52
N GLU C 333 -47.45 13.11 12.36
CA GLU C 333 -48.16 14.36 12.48
C GLU C 333 -47.93 14.98 13.85
N LEU C 334 -47.16 14.29 14.67
CA LEU C 334 -46.86 14.76 16.01
C LEU C 334 -45.62 15.65 16.02
N LEU C 335 -44.76 15.45 15.03
CA LEU C 335 -43.53 16.21 14.95
C LEU C 335 -43.61 17.36 13.97
N PHE C 336 -44.78 17.52 13.37
CA PHE C 336 -45.00 18.55 12.38
C PHE C 336 -44.96 19.97 12.93
N ASN C 337 -44.37 20.14 14.10
CA ASN C 337 -44.24 21.45 14.71
C ASN C 337 -43.19 21.25 15.77
N GLN C 338 -42.41 20.20 15.56
CA GLN C 338 -41.35 19.83 16.46
C GLN C 338 -40.04 19.90 15.71
N GLN C 339 -39.07 20.61 16.28
CA GLN C 339 -37.76 20.74 15.67
C GLN C 339 -37.09 19.36 15.57
N PHE C 340 -37.56 18.55 14.64
CA PHE C 340 -37.05 17.21 14.46
C PHE C 340 -36.32 17.04 13.14
N GLN C 341 -35.13 16.45 13.20
CA GLN C 341 -34.31 16.23 12.03
C GLN C 341 -34.67 14.93 11.33
N TYR C 342 -35.53 15.02 10.33
CA TYR C 342 -35.96 13.84 9.58
C TYR C 342 -34.81 13.22 8.81
N GLN C 343 -33.85 12.64 9.54
CA GLN C 343 -32.69 12.00 8.95
C GLN C 343 -32.07 11.09 10.01
N ASN C 344 -31.23 10.14 9.59
CA ASN C 344 -30.62 9.23 10.56
C ASN C 344 -29.35 8.50 10.15
N ARG C 345 -28.43 8.39 11.11
CA ARG C 345 -27.18 7.67 10.93
C ARG C 345 -27.13 6.66 12.08
N ILE C 346 -26.88 5.39 11.75
CA ILE C 346 -26.84 4.33 12.74
C ILE C 346 -25.56 4.27 13.57
N ALA C 347 -25.73 4.31 14.90
CA ALA C 347 -24.63 4.27 15.87
C ALA C 347 -24.12 2.86 16.23
N SER C 348 -22.83 2.77 16.52
CA SER C 348 -22.20 1.51 16.89
C SER C 348 -22.90 0.96 18.13
N GLU C 349 -22.96 1.81 19.14
CA GLU C 349 -23.60 1.47 20.41
C GLU C 349 -24.90 0.75 20.14
N PHE C 350 -25.87 1.48 19.59
CA PHE C 350 -27.17 0.91 19.26
C PHE C 350 -27.00 -0.49 18.69
N ASN C 351 -25.96 -0.70 17.90
CA ASN C 351 -25.74 -2.02 17.31
C ASN C 351 -25.40 -3.04 18.38
N THR C 352 -24.48 -2.68 19.28
CA THR C 352 -24.09 -3.58 20.34
C THR C 352 -25.27 -3.89 21.23
N LEU C 353 -25.89 -2.86 21.83
CA LEU C 353 -27.05 -3.09 22.69
C LEU C 353 -27.98 -4.11 22.07
N TYR C 354 -27.91 -4.24 20.75
CA TYR C 354 -28.76 -5.18 20.03
C TYR C 354 -28.47 -6.62 20.40
N HIS C 355 -27.19 -6.95 20.53
CA HIS C 355 -26.74 -8.30 20.89
C HIS C 355 -27.55 -8.87 22.05
N TRP C 356 -28.78 -9.23 21.72
CA TRP C 356 -29.79 -9.74 22.64
C TRP C 356 -29.88 -11.25 22.65
N HIS C 357 -28.73 -11.91 22.63
CA HIS C 357 -28.66 -13.38 22.62
C HIS C 357 -29.57 -14.08 23.63
N PRO C 358 -29.54 -13.64 24.91
CA PRO C 358 -30.38 -14.24 25.94
C PRO C 358 -31.78 -14.63 25.44
N LEU C 359 -32.32 -13.89 24.48
CA LEU C 359 -33.65 -14.13 23.93
C LEU C 359 -33.71 -15.55 23.39
N LEU C 360 -32.64 -15.91 22.71
CA LEU C 360 -32.49 -17.22 22.10
C LEU C 360 -32.78 -18.38 23.03
N PRO C 361 -33.68 -19.28 22.63
CA PRO C 361 -34.01 -20.43 23.48
C PRO C 361 -32.87 -21.47 23.44
N ASP C 362 -33.09 -22.64 24.03
CA ASP C 362 -32.07 -23.68 24.04
C ASP C 362 -32.37 -24.69 22.95
N THR C 363 -33.64 -24.75 22.57
CA THR C 363 -34.10 -25.61 21.50
C THR C 363 -35.18 -24.83 20.78
N PHE C 364 -35.56 -25.29 19.60
CA PHE C 364 -36.58 -24.60 18.84
C PHE C 364 -37.71 -25.57 18.64
N ASN C 365 -38.76 -25.36 19.41
CA ASN C 365 -39.91 -26.23 19.35
C ASN C 365 -40.94 -25.80 18.34
N ILE C 366 -40.95 -26.50 17.21
CA ILE C 366 -41.89 -26.24 16.14
C ILE C 366 -42.90 -27.37 16.21
N GLU C 367 -44.10 -27.05 16.66
CA GLU C 367 -45.13 -28.07 16.77
C GLU C 367 -44.62 -29.11 17.75
N ASP C 368 -44.66 -30.39 17.36
CA ASP C 368 -44.19 -31.46 18.21
C ASP C 368 -42.71 -31.28 18.44
N GLN C 369 -41.95 -31.50 17.38
CA GLN C 369 -40.50 -31.38 17.40
C GLN C 369 -39.86 -30.33 18.30
N GLU C 370 -38.57 -30.49 18.51
CA GLU C 370 -37.75 -29.59 19.29
C GLU C 370 -36.41 -29.66 18.58
N TYR C 371 -35.82 -28.51 18.28
CA TYR C 371 -34.57 -28.50 17.56
C TYR C 371 -33.46 -27.83 18.31
N SER C 372 -32.25 -28.14 17.87
CA SER C 372 -31.06 -27.58 18.49
C SER C 372 -30.51 -26.56 17.52
N PHE C 373 -29.67 -25.66 18.01
CA PHE C 373 -29.06 -24.69 17.14
C PHE C 373 -28.41 -25.50 16.01
N LYS C 374 -27.61 -26.47 16.41
CA LYS C 374 -26.92 -27.34 15.47
C LYS C 374 -27.91 -27.86 14.42
N GLN C 375 -29.16 -28.03 14.84
CA GLN C 375 -30.21 -28.52 13.95
C GLN C 375 -30.76 -27.40 13.08
N PHE C 376 -31.43 -26.46 13.73
CA PHE C 376 -32.05 -25.29 13.10
C PHE C 376 -31.21 -24.62 11.99
N LEU C 377 -30.01 -24.21 12.35
CA LEU C 377 -29.11 -23.55 11.43
C LEU C 377 -29.10 -24.04 9.99
N TYR C 378 -29.33 -23.10 9.08
CA TYR C 378 -29.35 -23.35 7.65
C TYR C 378 -30.26 -24.47 7.24
N ASN C 379 -31.22 -24.83 8.08
CA ASN C 379 -32.11 -25.91 7.71
C ASN C 379 -33.49 -25.39 7.37
N ASN C 380 -33.58 -24.69 6.25
CA ASN C 380 -34.86 -24.15 5.85
C ASN C 380 -35.78 -25.30 5.46
N SER C 381 -35.18 -26.47 5.30
CA SER C 381 -35.95 -27.66 4.97
C SER C 381 -36.99 -27.75 6.06
N ILE C 382 -36.59 -27.35 7.26
CA ILE C 382 -37.47 -27.33 8.43
C ILE C 382 -38.70 -26.50 8.04
N LEU C 383 -38.47 -25.23 7.77
CA LEU C 383 -39.53 -24.31 7.39
C LEU C 383 -40.48 -24.95 6.41
N LEU C 384 -39.91 -25.46 5.32
CA LEU C 384 -40.69 -26.11 4.28
C LEU C 384 -41.50 -27.25 4.82
N GLU C 385 -40.86 -28.04 5.68
CA GLU C 385 -41.49 -29.21 6.27
C GLU C 385 -42.78 -28.93 7.04
N HIS C 386 -42.71 -28.07 8.04
CA HIS C 386 -43.87 -27.75 8.87
C HIS C 386 -44.86 -26.76 8.27
N GLY C 387 -44.34 -25.73 7.59
CA GLY C 387 -45.22 -24.75 7.01
C GLY C 387 -45.20 -23.46 7.82
N LEU C 388 -45.47 -22.35 7.15
CA LEU C 388 -45.44 -21.05 7.81
C LEU C 388 -46.41 -20.96 8.96
N THR C 389 -47.64 -21.41 8.71
CA THR C 389 -48.71 -21.39 9.69
C THR C 389 -48.31 -22.01 11.03
N GLN C 390 -47.76 -23.22 10.99
CA GLN C 390 -47.34 -23.88 12.21
C GLN C 390 -46.29 -22.99 12.83
N PHE C 391 -45.21 -22.78 12.10
CA PHE C 391 -44.10 -21.93 12.52
C PHE C 391 -44.60 -20.76 13.32
N VAL C 392 -45.59 -20.10 12.76
CA VAL C 392 -46.19 -18.96 13.41
C VAL C 392 -46.63 -19.42 14.79
N GLU C 393 -47.75 -20.14 14.80
CA GLU C 393 -48.34 -20.67 16.04
C GLU C 393 -47.24 -21.09 17.02
N SER C 394 -46.46 -22.07 16.62
CA SER C 394 -45.37 -22.56 17.44
C SER C 394 -44.59 -21.41 18.05
N PHE C 395 -43.88 -20.68 17.20
CA PHE C 395 -43.08 -19.54 17.66
C PHE C 395 -43.90 -18.54 18.47
N THR C 396 -45.19 -18.48 18.21
CA THR C 396 -46.05 -17.54 18.91
C THR C 396 -46.11 -17.84 20.39
N ARG C 397 -45.64 -19.03 20.77
CA ARG C 397 -45.67 -19.42 22.19
C ARG C 397 -44.31 -19.70 22.81
N GLN C 398 -43.43 -20.43 22.12
CA GLN C 398 -42.12 -20.72 22.70
C GLN C 398 -41.39 -19.52 23.30
N ILE C 399 -41.68 -19.22 24.56
CA ILE C 399 -41.06 -18.09 25.27
C ILE C 399 -39.56 -17.96 25.02
N ALA C 400 -39.10 -16.71 25.00
CA ALA C 400 -37.70 -16.39 24.77
C ALA C 400 -37.04 -15.99 26.10
N GLY C 401 -35.73 -16.22 26.16
CA GLY C 401 -35.01 -15.90 27.36
C GLY C 401 -34.90 -14.44 27.72
N ARG C 402 -35.03 -14.16 29.02
CA ARG C 402 -34.90 -12.81 29.53
C ARG C 402 -33.49 -12.37 29.10
N VAL C 403 -33.21 -11.08 29.16
CA VAL C 403 -31.92 -10.62 28.71
C VAL C 403 -31.10 -9.80 29.69
N ALA C 404 -31.76 -9.01 30.54
CA ALA C 404 -31.02 -8.18 31.50
C ALA C 404 -30.65 -8.90 32.81
N GLY C 405 -31.41 -9.93 33.18
CA GLY C 405 -31.15 -10.66 34.41
C GLY C 405 -29.70 -11.02 34.71
N GLY C 406 -29.05 -11.67 33.74
CA GLY C 406 -27.67 -12.06 33.93
C GLY C 406 -27.46 -13.50 33.52
N ARG C 407 -26.20 -13.84 33.27
CA ARG C 407 -25.81 -15.18 32.86
C ARG C 407 -26.91 -15.97 32.15
N ASN C 408 -27.40 -15.44 31.04
CA ASN C 408 -28.45 -16.13 30.29
C ASN C 408 -28.15 -16.25 28.79
N VAL C 409 -26.87 -16.33 28.46
CA VAL C 409 -26.46 -16.44 27.07
C VAL C 409 -26.19 -17.85 26.61
N PRO C 410 -27.02 -18.35 25.69
CA PRO C 410 -26.85 -19.69 25.15
C PRO C 410 -25.37 -20.01 24.91
N ILE C 411 -24.99 -21.26 25.09
CA ILE C 411 -23.62 -21.63 24.92
C ILE C 411 -23.25 -21.72 23.45
N ALA C 412 -24.24 -22.03 22.63
CA ALA C 412 -23.99 -22.12 21.20
C ALA C 412 -23.55 -20.74 20.74
N VAL C 413 -24.24 -19.74 21.28
CA VAL C 413 -24.00 -18.33 20.99
C VAL C 413 -22.70 -17.84 21.65
N GLN C 414 -22.06 -18.73 22.39
CA GLN C 414 -20.81 -18.41 23.07
C GLN C 414 -19.93 -17.43 22.29
N ALA C 415 -19.33 -17.95 21.22
CA ALA C 415 -18.46 -17.18 20.34
C ALA C 415 -18.92 -15.75 20.14
N VAL C 416 -20.16 -15.61 19.68
CA VAL C 416 -20.74 -14.31 19.41
C VAL C 416 -20.60 -13.36 20.58
N ALA C 417 -21.39 -13.59 21.61
CA ALA C 417 -21.35 -12.72 22.79
C ALA C 417 -19.94 -12.31 23.18
N LYS C 418 -18.98 -13.21 23.03
CA LYS C 418 -17.61 -12.87 23.38
C LYS C 418 -17.18 -11.74 22.47
N ALA C 419 -17.29 -11.99 21.16
CA ALA C 419 -16.95 -10.98 20.17
C ALA C 419 -17.59 -9.67 20.63
N SER C 420 -18.92 -9.67 20.74
CA SER C 420 -19.64 -8.50 21.19
C SER C 420 -18.81 -7.71 22.20
N ILE C 421 -18.06 -8.41 23.04
CA ILE C 421 -17.23 -7.74 24.04
C ILE C 421 -15.91 -7.37 23.40
N ASP C 422 -15.22 -8.36 22.85
CA ASP C 422 -13.94 -8.12 22.19
C ASP C 422 -14.05 -6.85 21.34
N GLN C 423 -15.03 -6.85 20.44
CA GLN C 423 -15.27 -5.73 19.53
C GLN C 423 -15.27 -4.36 20.19
N SER C 424 -16.32 -4.08 20.93
CA SER C 424 -16.44 -2.79 21.61
C SER C 424 -15.08 -2.36 22.12
N ARG C 425 -14.29 -3.34 22.54
CA ARG C 425 -12.97 -3.06 23.06
C ARG C 425 -12.10 -2.49 21.93
N GLU C 426 -12.06 -3.19 20.79
CA GLU C 426 -11.29 -2.74 19.65
C GLU C 426 -11.73 -1.32 19.35
N MET C 427 -13.05 -1.17 19.17
CA MET C 427 -13.62 0.14 18.89
C MET C 427 -13.47 1.08 20.10
N LYS C 428 -12.46 0.83 20.92
CA LYS C 428 -12.20 1.63 22.10
C LYS C 428 -13.46 2.24 22.69
N TYR C 429 -14.53 1.45 22.78
CA TYR C 429 -15.77 1.94 23.34
C TYR C 429 -15.45 2.61 24.66
N GLN C 430 -16.37 3.41 25.19
CA GLN C 430 -16.13 4.08 26.47
C GLN C 430 -16.69 3.30 27.65
N SER C 431 -16.53 3.87 28.86
CA SER C 431 -17.02 3.22 30.07
C SER C 431 -18.55 3.22 30.08
N LEU C 432 -19.13 2.22 30.74
CA LEU C 432 -20.58 2.11 30.82
C LEU C 432 -21.17 3.28 31.59
N ASN C 433 -20.39 3.81 32.52
CA ASN C 433 -20.82 4.95 33.33
C ASN C 433 -20.82 6.18 32.42
N GLU C 434 -19.91 6.18 31.44
CA GLU C 434 -19.81 7.26 30.48
C GLU C 434 -21.08 7.24 29.65
N TYR C 435 -21.34 6.12 28.99
CA TYR C 435 -22.53 5.98 28.18
C TYR C 435 -23.77 6.16 29.01
N ARG C 436 -23.63 6.01 30.32
CA ARG C 436 -24.76 6.17 31.22
C ARG C 436 -24.97 7.66 31.37
N LYS C 437 -23.89 8.31 31.81
CA LYS C 437 -23.85 9.75 32.03
C LYS C 437 -24.37 10.42 30.77
N ARG C 438 -23.82 9.98 29.63
CA ARG C 438 -24.17 10.48 28.31
C ARG C 438 -25.66 10.65 28.22
N PHE C 439 -26.41 9.57 28.43
CA PHE C 439 -27.86 9.68 28.33
C PHE C 439 -28.51 10.13 29.62
N SER C 440 -27.84 11.09 30.27
CA SER C 440 -28.30 11.68 31.53
C SER C 440 -28.77 10.64 32.53
N LEU C 441 -27.94 9.63 32.75
CA LEU C 441 -28.23 8.58 33.70
C LEU C 441 -27.22 8.65 34.83
N LYS C 442 -27.67 8.60 36.08
CA LYS C 442 -26.76 8.63 37.22
C LYS C 442 -25.92 7.38 37.04
N PRO C 443 -24.60 7.50 37.12
CA PRO C 443 -23.75 6.31 36.95
C PRO C 443 -23.88 5.30 38.10
N TYR C 444 -23.58 4.05 37.82
CA TYR C 444 -23.65 3.03 38.85
C TYR C 444 -22.45 3.13 39.78
N THR C 445 -22.74 3.33 41.07
CA THR C 445 -21.73 3.48 42.12
C THR C 445 -21.11 2.18 42.63
N SER C 446 -21.72 1.04 42.30
CA SER C 446 -21.24 -0.26 42.74
C SER C 446 -21.80 -1.33 41.82
N PHE C 447 -21.04 -2.38 41.60
CA PHE C 447 -21.51 -3.45 40.73
C PHE C 447 -22.81 -4.00 41.30
N GLU C 448 -22.94 -3.96 42.63
CA GLU C 448 -24.12 -4.45 43.31
C GLU C 448 -25.34 -3.65 42.92
N GLU C 449 -25.12 -2.37 42.63
CA GLU C 449 -26.19 -1.48 42.22
C GLU C 449 -26.63 -1.86 40.80
N LEU C 450 -25.63 -2.10 39.94
CA LEU C 450 -25.89 -2.46 38.55
C LEU C 450 -26.66 -3.79 38.45
N THR C 451 -26.46 -4.67 39.42
CA THR C 451 -27.12 -5.97 39.39
C THR C 451 -28.21 -6.19 40.44
N GLY C 452 -28.05 -5.53 41.58
CA GLY C 452 -29.00 -5.72 42.66
C GLY C 452 -28.50 -6.89 43.48
N GLU C 453 -28.42 -8.06 42.83
CA GLU C 453 -27.92 -9.26 43.48
C GLU C 453 -26.46 -9.02 43.88
N LYS C 454 -25.96 -9.79 44.85
CA LYS C 454 -24.58 -9.64 45.30
C LYS C 454 -23.64 -10.62 44.63
N GLU C 455 -24.18 -11.73 44.15
CA GLU C 455 -23.35 -12.76 43.51
C GLU C 455 -22.46 -12.20 42.40
N MET C 456 -23.01 -12.17 41.19
CA MET C 456 -22.32 -11.67 40.01
C MET C 456 -21.55 -10.41 40.34
N ALA C 457 -22.26 -9.45 40.93
CA ALA C 457 -21.65 -8.17 41.32
C ALA C 457 -20.26 -8.44 41.89
N ALA C 458 -20.22 -9.10 43.04
CA ALA C 458 -18.98 -9.44 43.70
C ALA C 458 -18.04 -10.13 42.69
N GLU C 459 -18.59 -11.08 41.94
CA GLU C 459 -17.82 -11.81 40.95
C GLU C 459 -17.16 -10.85 39.96
N LEU C 460 -17.89 -9.80 39.59
CA LEU C 460 -17.41 -8.81 38.64
C LEU C 460 -16.39 -7.90 39.30
N LYS C 461 -16.74 -7.35 40.46
CA LYS C 461 -15.88 -6.46 41.22
C LYS C 461 -14.50 -7.10 41.31
N ALA C 462 -14.49 -8.41 41.24
CA ALA C 462 -13.24 -9.16 41.28
C ALA C 462 -12.47 -8.76 40.03
N LEU C 463 -13.15 -8.91 38.90
CA LEU C 463 -12.63 -8.64 37.57
C LEU C 463 -12.36 -7.19 37.15
N TYR C 464 -13.29 -6.27 37.44
CA TYR C 464 -13.12 -4.88 37.01
C TYR C 464 -12.57 -3.96 38.07
N SER C 465 -12.79 -4.28 39.34
CA SER C 465 -12.32 -3.43 40.43
C SER C 465 -13.16 -2.14 40.48
N ASP C 466 -12.82 -1.17 39.64
CA ASP C 466 -13.57 0.09 39.62
C ASP C 466 -14.87 -0.02 38.82
N ILE C 467 -15.98 0.21 39.48
CA ILE C 467 -17.29 0.14 38.84
C ILE C 467 -17.23 0.90 37.51
N ASP C 468 -16.62 2.08 37.55
CA ASP C 468 -16.46 2.90 36.36
C ASP C 468 -15.95 2.04 35.21
N VAL C 469 -14.76 1.49 35.38
CA VAL C 469 -14.19 0.65 34.34
C VAL C 469 -15.09 -0.49 33.83
N MET C 470 -16.33 -0.51 34.26
CA MET C 470 -17.25 -1.55 33.82
C MET C 470 -17.65 -1.30 32.37
N GLU C 471 -17.53 -2.33 31.55
CA GLU C 471 -17.88 -2.24 30.16
C GLU C 471 -19.40 -2.22 30.01
N LEU C 472 -19.86 -1.45 29.02
CA LEU C 472 -21.27 -1.31 28.72
C LEU C 472 -21.95 -2.62 28.31
N TYR C 473 -21.65 -3.10 27.11
CA TYR C 473 -22.28 -4.33 26.62
C TYR C 473 -22.51 -5.33 27.73
N PRO C 474 -21.43 -5.70 28.44
CA PRO C 474 -21.55 -6.67 29.54
C PRO C 474 -22.59 -6.17 30.52
N ALA C 475 -22.25 -5.07 31.17
CA ALA C 475 -23.12 -4.44 32.15
C ALA C 475 -24.59 -4.46 31.71
N LEU C 476 -24.81 -4.46 30.41
CA LEU C 476 -26.18 -4.46 29.89
C LEU C 476 -26.91 -5.78 30.09
N LEU C 477 -26.25 -6.88 29.73
CA LEU C 477 -26.83 -8.21 29.86
C LEU C 477 -26.91 -8.64 31.32
N VAL C 478 -26.00 -8.11 32.12
CA VAL C 478 -25.94 -8.44 33.53
C VAL C 478 -26.76 -7.43 34.31
N GLU C 479 -26.99 -6.27 33.72
CA GLU C 479 -27.75 -5.20 34.37
C GLU C 479 -28.87 -5.76 35.23
N LYS C 480 -29.37 -4.94 36.15
CA LYS C 480 -30.42 -5.38 37.06
C LYS C 480 -31.82 -5.07 36.54
N PRO C 481 -32.44 -6.02 35.85
CA PRO C 481 -33.78 -5.85 35.30
C PRO C 481 -34.77 -4.99 36.06
N ARG C 482 -35.76 -4.51 35.34
CA ARG C 482 -36.80 -3.70 35.91
C ARG C 482 -37.80 -4.71 36.42
N PRO C 483 -38.61 -4.33 37.41
CA PRO C 483 -39.63 -5.20 38.00
C PRO C 483 -40.34 -6.11 37.01
N ASP C 484 -39.74 -7.26 36.73
CA ASP C 484 -40.34 -8.22 35.80
C ASP C 484 -40.08 -7.88 34.35
N ALA C 485 -39.31 -6.83 34.13
CA ALA C 485 -38.99 -6.41 32.79
C ALA C 485 -37.94 -7.32 32.20
N ILE C 486 -37.66 -7.14 30.92
CA ILE C 486 -36.66 -7.97 30.24
C ILE C 486 -35.35 -7.21 30.12
N PHE C 487 -35.44 -5.88 30.23
CA PHE C 487 -34.26 -5.04 30.14
C PHE C 487 -34.07 -4.22 31.41
N GLY C 488 -32.86 -3.73 31.59
CA GLY C 488 -32.58 -2.90 32.74
C GLY C 488 -32.95 -1.50 32.29
N GLU C 489 -32.49 -0.50 33.03
CA GLU C 489 -32.78 0.88 32.66
C GLU C 489 -31.81 1.29 31.54
N THR C 490 -30.53 1.05 31.78
CA THR C 490 -29.51 1.38 30.81
C THR C 490 -29.93 1.02 29.37
N MET C 491 -30.11 -0.27 29.08
CA MET C 491 -30.48 -0.68 27.72
C MET C 491 -31.71 0.07 27.20
N VAL C 492 -32.69 0.29 28.06
CA VAL C 492 -33.87 0.98 27.60
C VAL C 492 -33.56 2.43 27.25
N GLU C 493 -32.99 3.17 28.19
CA GLU C 493 -32.67 4.58 27.97
C GLU C 493 -31.64 4.88 26.85
N LEU C 494 -31.09 3.86 26.21
CA LEU C 494 -30.14 4.09 25.14
C LEU C 494 -30.85 3.82 23.84
N GLY C 495 -31.50 2.68 23.76
CA GLY C 495 -32.20 2.31 22.54
C GLY C 495 -33.45 3.11 22.31
N ALA C 496 -33.99 3.69 23.37
CA ALA C 496 -35.20 4.48 23.23
C ALA C 496 -34.95 5.63 22.25
N PRO C 497 -33.92 6.45 22.52
CA PRO C 497 -33.64 7.56 21.62
C PRO C 497 -33.20 6.98 20.28
N PHE C 498 -32.04 6.36 20.29
CA PHE C 498 -31.45 5.72 19.12
C PHE C 498 -32.53 5.21 18.18
N SER C 499 -33.49 4.51 18.76
CA SER C 499 -34.56 3.92 18.00
C SER C 499 -35.54 4.90 17.39
N LEU C 500 -36.29 5.59 18.23
CA LEU C 500 -37.29 6.52 17.74
C LEU C 500 -36.74 7.57 16.75
N LYS C 501 -35.43 7.52 16.52
CA LYS C 501 -34.80 8.40 15.56
C LYS C 501 -35.04 7.66 14.26
N GLY C 502 -34.11 6.80 13.87
CA GLY C 502 -34.25 6.03 12.65
C GLY C 502 -35.67 5.52 12.39
N LEU C 503 -36.51 5.58 13.42
CA LEU C 503 -37.89 5.15 13.27
C LEU C 503 -38.67 6.31 12.70
N MET C 504 -38.60 7.44 13.40
CA MET C 504 -39.27 8.66 12.98
C MET C 504 -38.47 9.38 11.87
N GLY C 505 -37.18 9.59 12.13
CA GLY C 505 -36.31 10.26 11.17
C GLY C 505 -36.34 9.71 9.76
N ASN C 506 -37.13 8.68 9.55
CA ASN C 506 -37.23 8.13 8.21
C ASN C 506 -37.96 9.13 7.35
N PRO C 507 -37.54 9.26 6.07
CA PRO C 507 -38.15 10.17 5.10
C PRO C 507 -39.67 10.19 5.19
N ILE C 508 -40.29 9.08 4.80
CA ILE C 508 -41.75 8.94 4.81
C ILE C 508 -42.47 9.50 6.03
N CYS C 509 -41.74 9.83 7.09
CA CYS C 509 -42.40 10.37 8.27
C CYS C 509 -42.35 11.88 8.27
N SER C 510 -41.72 12.43 7.22
CA SER C 510 -41.56 13.87 7.05
C SER C 510 -42.80 14.44 6.40
N PRO C 511 -43.07 15.73 6.64
CA PRO C 511 -44.24 16.43 6.12
C PRO C 511 -44.51 16.22 4.63
N GLN C 512 -43.54 16.54 3.79
CA GLN C 512 -43.75 16.39 2.36
C GLN C 512 -43.70 14.93 1.91
N TYR C 513 -44.31 14.04 2.69
CA TYR C 513 -44.29 12.62 2.36
C TYR C 513 -45.49 11.96 2.97
N TRP C 514 -45.83 12.43 4.16
CA TRP C 514 -46.96 11.91 4.91
C TRP C 514 -48.31 12.29 4.30
N LYS C 515 -48.70 11.57 3.25
CA LYS C 515 -49.99 11.82 2.58
C LYS C 515 -50.38 10.70 1.60
N PRO C 516 -51.68 10.38 1.55
CA PRO C 516 -52.25 9.33 0.69
C PRO C 516 -51.49 9.17 -0.63
N SER C 517 -51.34 10.31 -1.30
CA SER C 517 -50.65 10.38 -2.58
C SER C 517 -49.41 9.53 -2.53
N THR C 518 -48.49 9.91 -1.65
CA THR C 518 -47.21 9.20 -1.48
C THR C 518 -47.38 7.71 -1.57
N PHE C 519 -48.58 7.22 -1.23
CA PHE C 519 -48.87 5.80 -1.22
C PHE C 519 -49.99 5.31 -2.13
N GLY C 520 -50.27 5.99 -3.20
CA GLY C 520 -51.34 5.48 -4.03
C GLY C 520 -52.63 5.89 -3.36
N GLY C 521 -52.54 6.92 -2.51
CA GLY C 521 -53.72 7.45 -1.85
C GLY C 521 -54.31 6.70 -0.68
N GLU C 522 -55.39 7.25 -0.13
CA GLU C 522 -56.09 6.71 1.04
C GLU C 522 -56.05 5.21 1.22
N VAL C 523 -56.53 4.46 0.25
CA VAL C 523 -56.53 3.00 0.38
C VAL C 523 -55.15 2.52 0.84
N GLY C 524 -54.17 2.60 -0.05
CA GLY C 524 -52.82 2.17 0.28
C GLY C 524 -52.23 2.89 1.49
N PHE C 525 -52.82 4.03 1.85
CA PHE C 525 -52.34 4.79 3.01
C PHE C 525 -52.86 4.08 4.25
N LYS C 526 -54.17 3.91 4.32
CA LYS C 526 -54.82 3.24 5.45
C LYS C 526 -53.98 2.04 5.82
N ILE C 527 -53.69 1.19 4.82
CA ILE C 527 -52.89 0.01 5.05
C ILE C 527 -51.84 0.26 6.14
N ILE C 528 -50.96 1.22 5.93
CA ILE C 528 -49.96 1.51 6.94
C ILE C 528 -50.58 1.86 8.29
N ASN C 529 -51.48 2.84 8.30
CA ASN C 529 -52.15 3.26 9.54
C ASN C 529 -52.97 2.17 10.26
N THR C 530 -53.18 1.03 9.59
CA THR C 530 -53.91 -0.09 10.17
C THR C 530 -53.09 -1.35 9.94
N ALA C 531 -51.90 -1.35 10.53
CA ALA C 531 -50.98 -2.47 10.39
C ALA C 531 -50.55 -2.97 11.76
N SER C 532 -50.60 -4.28 11.94
CA SER C 532 -50.23 -4.91 13.19
C SER C 532 -49.56 -6.21 12.84
N ILE C 533 -48.53 -6.56 13.59
CA ILE C 533 -47.83 -7.81 13.35
C ILE C 533 -48.90 -8.86 13.14
N GLN C 534 -50.00 -8.68 13.88
CA GLN C 534 -51.13 -9.58 13.81
C GLN C 534 -51.59 -9.71 12.36
N SER C 535 -52.22 -8.67 11.86
CA SER C 535 -52.70 -8.67 10.48
C SER C 535 -51.57 -9.07 9.54
N LEU C 536 -50.39 -8.48 9.71
CA LEU C 536 -49.26 -8.81 8.85
C LEU C 536 -49.25 -10.32 8.64
N ILE C 537 -49.42 -11.05 9.74
CA ILE C 537 -49.44 -12.50 9.67
C ILE C 537 -50.82 -12.99 9.22
N CYS C 538 -51.86 -12.32 9.66
CA CYS C 538 -53.22 -12.70 9.32
C CYS C 538 -53.41 -12.81 7.81
N ASN C 539 -53.02 -11.75 7.12
CA ASN C 539 -53.14 -11.69 5.66
C ASN C 539 -52.17 -12.62 4.97
N ASN C 540 -50.89 -12.44 5.25
CA ASN C 540 -49.86 -13.23 4.61
C ASN C 540 -49.85 -14.72 4.92
N VAL C 541 -50.32 -15.11 6.10
CA VAL C 541 -50.30 -16.52 6.49
C VAL C 541 -51.67 -17.18 6.46
N LYS C 542 -51.69 -18.46 6.09
CA LYS C 542 -52.92 -19.23 5.99
C LYS C 542 -53.68 -19.29 7.30
N GLY C 543 -55.00 -19.39 7.20
CA GLY C 543 -55.82 -19.48 8.39
C GLY C 543 -55.74 -18.36 9.41
N CYS C 544 -55.00 -17.31 9.12
CA CYS C 544 -54.90 -16.20 10.06
C CYS C 544 -54.56 -16.66 11.47
N PRO C 545 -53.47 -17.42 11.63
CA PRO C 545 -53.05 -17.92 12.93
C PRO C 545 -52.82 -16.78 13.89
N PHE C 546 -53.54 -16.76 15.01
CA PHE C 546 -53.35 -15.68 15.97
C PHE C 546 -51.86 -15.53 16.33
N THR C 547 -51.45 -14.31 16.66
CA THR C 547 -50.09 -14.06 17.08
C THR C 547 -49.95 -12.79 17.90
N SER C 548 -48.80 -12.67 18.51
CA SER C 548 -48.47 -11.54 19.32
C SER C 548 -46.99 -11.72 19.58
N PHE C 549 -46.37 -10.70 20.15
CA PHE C 549 -44.97 -10.81 20.45
C PHE C 549 -44.96 -11.26 21.88
N ASN C 550 -46.17 -11.55 22.36
CA ASN C 550 -46.38 -12.01 23.72
C ASN C 550 -46.95 -13.41 23.73
N VAL C 551 -46.35 -14.28 24.52
CA VAL C 551 -46.82 -15.65 24.61
C VAL C 551 -47.99 -15.71 25.61
N GLN C 552 -49.17 -15.33 25.11
CA GLN C 552 -50.38 -15.32 25.92
C GLN C 552 -50.17 -14.77 27.33
N ALA D 1 -51.32 9.91 -22.14
CA ALA D 1 -52.62 9.41 -21.63
C ALA D 1 -52.76 9.77 -20.13
N ASN D 2 -51.66 10.16 -19.51
CA ASN D 2 -51.69 10.49 -18.10
C ASN D 2 -52.59 11.67 -17.74
N PRO D 3 -53.71 11.40 -17.05
CA PRO D 3 -54.69 12.41 -16.62
C PRO D 3 -54.08 13.52 -15.78
N CYS D 4 -52.82 13.38 -15.40
CA CYS D 4 -52.19 14.41 -14.61
C CYS D 4 -51.39 15.32 -15.52
N CYS D 5 -51.08 14.81 -16.71
CA CYS D 5 -50.32 15.55 -17.71
C CYS D 5 -50.54 17.04 -17.64
N SER D 6 -51.80 17.44 -17.55
CA SER D 6 -52.17 18.85 -17.48
C SER D 6 -51.74 19.63 -16.24
N ASN D 7 -50.91 19.05 -15.39
CA ASN D 7 -50.49 19.74 -14.16
C ASN D 7 -51.66 20.42 -13.43
N PRO D 8 -52.83 19.74 -13.36
CA PRO D 8 -54.03 20.27 -12.72
C PRO D 8 -53.94 20.72 -11.26
N CYS D 9 -53.33 19.90 -10.42
CA CYS D 9 -53.23 20.22 -8.99
C CYS D 9 -52.40 21.47 -8.71
N GLN D 10 -53.03 22.41 -8.01
CA GLN D 10 -52.38 23.67 -7.69
C GLN D 10 -51.86 23.78 -6.26
N ASN D 11 -51.11 24.85 -6.00
CA ASN D 11 -50.54 25.12 -4.68
C ASN D 11 -49.83 23.94 -4.03
N ARG D 12 -48.81 23.43 -4.70
CA ARG D 12 -48.03 22.31 -4.20
C ARG D 12 -48.88 21.07 -3.99
N GLY D 13 -50.11 21.09 -4.51
CA GLY D 13 -50.97 19.93 -4.39
C GLY D 13 -50.33 18.79 -5.16
N GLU D 14 -50.75 17.55 -4.89
CA GLU D 14 -50.16 16.42 -5.59
C GLU D 14 -51.15 15.71 -6.47
N CYS D 15 -50.81 15.51 -7.73
CA CYS D 15 -51.72 14.82 -8.62
C CYS D 15 -51.51 13.32 -8.63
N MET D 16 -52.61 12.57 -8.60
CA MET D 16 -52.55 11.11 -8.62
C MET D 16 -53.57 10.51 -9.57
N SER D 17 -53.11 9.61 -10.45
CA SER D 17 -53.96 8.95 -11.43
C SER D 17 -54.95 7.99 -10.81
N THR D 18 -56.17 8.48 -10.57
CA THR D 18 -57.21 7.64 -9.98
C THR D 18 -57.96 6.88 -11.06
N GLY D 19 -57.21 6.25 -11.94
CA GLY D 19 -57.83 5.52 -13.03
C GLY D 19 -57.24 6.01 -14.35
N PHE D 20 -57.40 5.22 -15.41
CA PHE D 20 -56.86 5.53 -16.72
C PHE D 20 -57.02 6.98 -17.22
N ASP D 21 -58.25 7.50 -17.16
CA ASP D 21 -58.50 8.86 -17.63
C ASP D 21 -59.14 9.74 -16.57
N GLN D 22 -58.63 9.65 -15.35
CA GLN D 22 -59.12 10.44 -14.21
C GLN D 22 -57.94 10.64 -13.27
N TYR D 23 -58.01 11.66 -12.42
CA TYR D 23 -56.92 11.94 -11.50
C TYR D 23 -57.42 12.43 -10.15
N LYS D 24 -56.49 12.82 -9.28
CA LYS D 24 -56.85 13.32 -7.97
C LYS D 24 -55.76 14.21 -7.37
N CYS D 25 -56.20 15.23 -6.64
CA CYS D 25 -55.30 16.19 -6.03
C CYS D 25 -55.18 16.06 -4.52
N ASP D 26 -53.94 15.96 -4.05
CA ASP D 26 -53.66 15.81 -2.63
C ASP D 26 -53.37 17.16 -2.02
N CYS D 27 -54.42 17.93 -1.78
CA CYS D 27 -54.26 19.26 -1.20
C CYS D 27 -54.06 19.13 0.30
N THR D 28 -52.94 18.51 0.68
CA THR D 28 -52.63 18.30 2.08
C THR D 28 -51.68 19.35 2.65
N ARG D 29 -52.13 20.03 3.70
CA ARG D 29 -51.33 21.06 4.33
C ARG D 29 -51.03 22.15 3.31
N THR D 30 -51.75 22.09 2.19
CA THR D 30 -51.60 23.05 1.11
C THR D 30 -52.25 24.38 1.47
N GLY D 31 -53.49 24.32 1.96
CA GLY D 31 -54.22 25.51 2.32
C GLY D 31 -55.40 25.71 1.39
N PHE D 32 -55.62 24.72 0.53
CA PHE D 32 -56.72 24.80 -0.42
C PHE D 32 -57.37 23.44 -0.62
N TYR D 33 -58.69 23.43 -0.74
CA TYR D 33 -59.41 22.20 -1.01
C TYR D 33 -59.81 22.25 -2.48
N GLY D 34 -60.98 21.74 -2.81
CA GLY D 34 -61.39 21.77 -4.19
C GLY D 34 -60.60 20.74 -4.98
N GLU D 35 -61.26 20.16 -5.97
CA GLU D 35 -60.65 19.14 -6.81
C GLU D 35 -59.24 19.51 -7.29
N ASN D 36 -58.97 20.81 -7.42
CA ASN D 36 -57.68 21.26 -7.91
C ASN D 36 -56.79 21.95 -6.89
N CYS D 37 -57.20 21.92 -5.63
CA CYS D 37 -56.41 22.54 -4.55
C CYS D 37 -56.42 24.03 -4.72
N THR D 38 -57.58 24.53 -5.11
CA THR D 38 -57.79 25.95 -5.37
C THR D 38 -58.51 26.66 -4.24
N THR D 39 -59.73 26.23 -3.93
CA THR D 39 -60.48 26.85 -2.84
C THR D 39 -59.58 26.92 -1.62
N PRO D 40 -59.32 28.13 -1.12
CA PRO D 40 -58.45 28.26 0.05
C PRO D 40 -59.23 28.21 1.35
N GLU D 41 -58.48 28.09 2.45
CA GLU D 41 -59.09 28.07 3.76
C GLU D 41 -58.93 29.49 4.27
N PHE D 42 -59.56 29.80 5.39
CA PHE D 42 -59.48 31.15 5.93
C PHE D 42 -58.05 31.63 6.18
N LEU D 43 -57.38 31.08 7.18
CA LEU D 43 -56.03 31.53 7.48
C LEU D 43 -55.22 31.66 6.21
N THR D 44 -55.54 30.82 5.23
CA THR D 44 -54.86 30.88 3.94
C THR D 44 -55.02 32.29 3.41
N ARG D 45 -56.28 32.70 3.28
CA ARG D 45 -56.63 34.03 2.78
C ARG D 45 -55.86 35.10 3.52
N ILE D 46 -56.13 35.21 4.81
CA ILE D 46 -55.45 36.20 5.64
C ILE D 46 -53.94 36.12 5.47
N LYS D 47 -53.45 34.94 5.17
CA LYS D 47 -52.01 34.72 4.99
C LYS D 47 -51.58 35.38 3.68
N LEU D 48 -52.43 35.28 2.67
CA LEU D 48 -52.14 35.87 1.37
C LEU D 48 -52.39 37.37 1.36
N LEU D 49 -53.42 37.80 2.08
CA LEU D 49 -53.76 39.21 2.16
C LEU D 49 -52.85 39.87 3.19
N LEU D 50 -51.61 39.38 3.21
CA LEU D 50 -50.57 39.86 4.10
C LEU D 50 -49.25 39.40 3.51
N LYS D 51 -49.32 38.92 2.27
CA LYS D 51 -48.15 38.42 1.54
C LYS D 51 -47.73 39.41 0.45
N PRO D 52 -46.70 40.22 0.74
CA PRO D 52 -46.16 41.24 -0.16
C PRO D 52 -45.40 40.66 -1.35
N THR D 53 -45.68 41.16 -2.55
CA THR D 53 -45.00 40.68 -3.75
C THR D 53 -43.47 40.77 -3.61
N PRO D 54 -42.76 39.75 -4.12
CA PRO D 54 -41.29 39.73 -4.05
C PRO D 54 -40.69 41.02 -4.59
N ASN D 55 -41.30 41.54 -5.64
CA ASN D 55 -40.85 42.77 -6.26
C ASN D 55 -40.96 43.89 -5.25
N THR D 56 -42.10 43.94 -4.56
CA THR D 56 -42.34 44.94 -3.54
C THR D 56 -41.16 44.88 -2.57
N VAL D 57 -41.02 43.73 -1.93
CA VAL D 57 -39.94 43.50 -0.97
C VAL D 57 -38.60 43.88 -1.56
N HIS D 58 -38.22 43.20 -2.64
CA HIS D 58 -36.97 43.46 -3.32
C HIS D 58 -36.76 44.95 -3.32
N TYR D 59 -37.81 45.65 -3.70
CA TYR D 59 -37.77 47.09 -3.73
C TYR D 59 -37.32 47.59 -2.35
N ILE D 60 -38.19 47.41 -1.35
CA ILE D 60 -37.87 47.87 -0.01
C ILE D 60 -36.46 47.49 0.45
N LEU D 61 -35.99 46.35 -0.03
CA LEU D 61 -34.67 45.82 0.31
C LEU D 61 -33.55 46.65 -0.29
N THR D 62 -33.83 47.17 -1.47
CA THR D 62 -32.87 47.96 -2.23
C THR D 62 -33.04 49.48 -2.08
N HIS D 63 -33.96 49.91 -1.23
CA HIS D 63 -34.19 51.33 -1.04
C HIS D 63 -34.00 51.79 0.40
N PHE D 64 -34.60 52.92 0.75
CA PHE D 64 -34.51 53.47 2.10
C PHE D 64 -33.13 53.32 2.71
N LYS D 65 -32.13 53.15 1.85
CA LYS D 65 -30.73 52.99 2.26
C LYS D 65 -30.44 53.62 3.61
N GLY D 66 -30.98 54.81 3.85
CA GLY D 66 -30.73 55.49 5.11
C GLY D 66 -31.16 54.61 6.25
N VAL D 67 -32.41 54.17 6.20
CA VAL D 67 -32.97 53.30 7.22
C VAL D 67 -32.16 52.00 7.33
N TRP D 68 -31.90 51.37 6.18
CA TRP D 68 -31.13 50.14 6.17
C TRP D 68 -29.81 50.34 6.89
N ASN D 69 -29.26 51.54 6.81
CA ASN D 69 -28.01 51.84 7.48
C ASN D 69 -28.22 51.80 8.99
N ILE D 70 -29.40 52.23 9.42
CA ILE D 70 -29.73 52.25 10.83
C ILE D 70 -29.73 50.81 11.38
N VAL D 71 -30.54 49.96 10.75
CA VAL D 71 -30.63 48.57 11.17
C VAL D 71 -29.30 47.86 11.00
N ASN D 72 -28.60 48.12 9.91
CA ASN D 72 -27.32 47.48 9.64
C ASN D 72 -26.34 47.68 10.77
N ASN D 73 -26.73 48.47 11.78
CA ASN D 73 -25.87 48.74 12.90
C ASN D 73 -26.50 48.32 14.21
N ILE D 74 -27.67 47.69 14.11
CA ILE D 74 -28.37 47.21 15.30
C ILE D 74 -28.47 45.69 15.30
N PRO D 75 -27.46 45.01 15.90
CA PRO D 75 -27.40 43.56 16.00
C PRO D 75 -28.74 42.84 16.01
N PHE D 76 -29.48 42.92 17.11
CA PHE D 76 -30.77 42.24 17.16
C PHE D 76 -31.60 42.56 15.92
N LEU D 77 -31.68 43.83 15.57
CA LEU D 77 -32.43 44.22 14.38
C LEU D 77 -31.95 43.46 13.14
N ARG D 78 -30.68 43.67 12.80
CA ARG D 78 -30.09 43.02 11.64
C ARG D 78 -30.48 41.55 11.62
N SER D 79 -30.06 40.83 12.65
CA SER D 79 -30.36 39.41 12.77
C SER D 79 -31.86 39.19 12.60
N LEU D 80 -32.65 39.87 13.42
CA LEU D 80 -34.10 39.76 13.35
C LEU D 80 -34.54 39.75 11.89
N ILE D 81 -33.91 40.59 11.10
CA ILE D 81 -34.21 40.66 9.68
C ILE D 81 -33.66 39.43 8.94
N MET D 82 -32.33 39.36 8.88
CA MET D 82 -31.62 38.28 8.22
C MET D 82 -32.34 36.97 8.46
N LYS D 83 -32.75 36.81 9.71
CA LYS D 83 -33.47 35.63 10.13
C LYS D 83 -34.75 35.60 9.33
N TYR D 84 -35.52 36.68 9.44
CA TYR D 84 -36.78 36.76 8.71
C TYR D 84 -36.54 36.31 7.28
N VAL D 85 -35.48 36.83 6.67
CA VAL D 85 -35.15 36.48 5.30
C VAL D 85 -34.87 34.98 5.21
N LEU D 86 -34.10 34.49 6.16
CA LEU D 86 -33.78 33.08 6.18
C LEU D 86 -35.07 32.27 6.18
N THR D 87 -35.89 32.52 7.19
CA THR D 87 -37.16 31.84 7.36
C THR D 87 -38.16 32.09 6.24
N SER D 88 -38.15 33.29 5.68
CA SER D 88 -39.08 33.62 4.62
C SER D 88 -38.99 32.54 3.56
N ARG D 89 -37.76 32.24 3.13
CA ARG D 89 -37.55 31.21 2.13
C ARG D 89 -37.90 29.85 2.74
N SER D 90 -36.92 29.24 3.38
CA SER D 90 -37.08 27.95 4.06
C SER D 90 -38.25 27.08 3.61
N TYR D 91 -39.46 27.43 4.08
CA TYR D 91 -40.66 26.68 3.76
C TYR D 91 -40.90 26.41 2.28
N LEU D 92 -39.92 26.67 1.44
CA LEU D 92 -40.10 26.46 0.01
C LEU D 92 -39.60 25.15 -0.58
N ILE D 93 -38.34 24.80 -0.30
CA ILE D 93 -37.74 23.56 -0.82
C ILE D 93 -38.35 22.28 -0.25
N ASP D 94 -38.15 21.19 -0.98
CA ASP D 94 -38.68 19.89 -0.60
C ASP D 94 -37.62 19.05 0.11
N SER D 95 -37.29 19.41 1.35
CA SER D 95 -36.30 18.62 2.09
C SER D 95 -36.97 17.96 3.28
N PRO D 96 -36.79 16.64 3.41
CA PRO D 96 -36.00 15.78 2.53
C PRO D 96 -36.50 15.68 1.08
N PRO D 97 -35.56 15.51 0.13
CA PRO D 97 -35.76 15.38 -1.33
C PRO D 97 -36.93 14.53 -1.75
N THR D 98 -37.46 14.83 -2.94
CA THR D 98 -38.60 14.09 -3.46
C THR D 98 -38.31 13.52 -4.83
N TYR D 99 -38.84 14.15 -5.88
CA TYR D 99 -38.66 13.66 -7.26
C TYR D 99 -37.33 13.92 -7.92
N ASN D 100 -37.14 13.26 -9.06
CA ASN D 100 -35.92 13.40 -9.84
C ASN D 100 -36.27 13.11 -11.30
N VAL D 101 -35.24 13.07 -12.15
CA VAL D 101 -35.43 12.80 -13.56
C VAL D 101 -36.45 11.71 -13.83
N HIS D 102 -36.10 10.49 -13.47
CA HIS D 102 -36.96 9.34 -13.73
C HIS D 102 -38.18 9.18 -12.85
N TYR D 103 -38.26 9.89 -11.74
CA TYR D 103 -39.40 9.73 -10.84
C TYR D 103 -40.28 10.96 -10.60
N GLY D 104 -41.51 10.84 -11.09
CA GLY D 104 -42.50 11.87 -10.94
C GLY D 104 -43.34 11.71 -9.67
N TYR D 105 -43.28 10.52 -9.08
CA TYR D 105 -44.00 10.26 -7.82
C TYR D 105 -42.90 10.03 -6.79
N LYS D 106 -43.22 10.22 -5.51
CA LYS D 106 -42.21 10.00 -4.46
C LYS D 106 -41.87 8.51 -4.49
N SER D 107 -40.59 8.20 -4.38
CA SER D 107 -40.16 6.82 -4.42
C SER D 107 -38.88 6.65 -3.61
N TRP D 108 -38.68 5.44 -3.09
CA TRP D 108 -37.51 5.16 -2.30
C TRP D 108 -36.30 5.30 -3.18
N GLU D 109 -36.33 4.60 -4.32
CA GLU D 109 -35.24 4.64 -5.28
C GLU D 109 -34.87 6.08 -5.48
N ALA D 110 -35.90 6.91 -5.48
CA ALA D 110 -35.73 8.34 -5.62
C ALA D 110 -34.91 8.79 -4.41
N PHE D 111 -35.62 9.06 -3.33
CA PHE D 111 -34.99 9.51 -2.11
C PHE D 111 -33.65 8.86 -1.76
N SER D 112 -33.40 7.66 -2.26
CA SER D 112 -32.17 6.97 -1.94
C SER D 112 -30.99 7.29 -2.84
N ASN D 113 -31.14 7.02 -4.14
CA ASN D 113 -30.06 7.26 -5.10
C ASN D 113 -29.46 8.64 -4.96
N LEU D 114 -28.17 8.71 -4.71
CA LEU D 114 -27.50 9.98 -4.53
C LEU D 114 -26.83 10.52 -5.79
N SER D 115 -26.78 9.69 -6.83
CA SER D 115 -26.18 10.10 -8.09
C SER D 115 -27.15 10.96 -8.90
N TYR D 116 -28.43 10.92 -8.52
CA TYR D 116 -29.45 11.72 -9.19
C TYR D 116 -29.37 13.17 -8.71
N TYR D 117 -30.12 14.04 -9.38
CA TYR D 117 -30.23 15.45 -9.02
C TYR D 117 -31.72 15.54 -8.62
N THR D 118 -32.03 16.13 -7.47
CA THR D 118 -33.44 16.17 -7.10
C THR D 118 -34.12 17.20 -7.96
N ARG D 119 -35.42 17.06 -8.18
CA ARG D 119 -36.11 18.03 -9.01
C ARG D 119 -37.24 18.75 -8.26
N ALA D 120 -37.11 20.07 -8.19
CA ALA D 120 -38.09 20.91 -7.52
C ALA D 120 -39.49 20.67 -8.09
N LEU D 121 -39.53 20.22 -9.34
CA LEU D 121 -40.80 19.91 -9.98
C LEU D 121 -40.63 18.62 -10.75
N PRO D 122 -41.62 17.76 -10.68
CA PRO D 122 -41.57 16.47 -11.37
C PRO D 122 -41.43 16.63 -12.87
N PRO D 123 -40.86 15.61 -13.54
CA PRO D 123 -40.71 15.69 -14.99
C PRO D 123 -42.09 15.50 -15.61
N VAL D 124 -42.14 15.27 -16.91
CA VAL D 124 -43.43 15.08 -17.56
C VAL D 124 -43.51 13.68 -18.12
N ALA D 125 -44.62 13.01 -17.85
CA ALA D 125 -44.81 11.66 -18.35
C ALA D 125 -44.41 11.57 -19.81
N ASP D 126 -43.52 10.64 -20.12
CA ASP D 126 -43.10 10.45 -21.49
C ASP D 126 -44.33 10.07 -22.30
N ASP D 127 -45.39 9.71 -21.59
CA ASP D 127 -46.63 9.32 -22.21
C ASP D 127 -47.49 10.57 -22.50
N CYS D 128 -47.13 11.70 -21.86
CA CYS D 128 -47.84 12.95 -22.07
C CYS D 128 -47.80 13.30 -23.57
N PRO D 129 -48.83 14.00 -24.08
CA PRO D 129 -48.92 14.39 -25.50
C PRO D 129 -47.94 15.47 -25.98
N THR D 130 -47.90 16.59 -25.26
CA THR D 130 -47.02 17.68 -25.63
C THR D 130 -45.91 17.86 -24.61
N PRO D 131 -44.73 18.29 -25.08
CA PRO D 131 -43.53 18.55 -24.26
C PRO D 131 -43.80 19.26 -22.92
N MET D 132 -44.87 20.02 -22.82
CA MET D 132 -45.17 20.70 -21.57
C MET D 132 -46.43 20.10 -21.01
N GLY D 133 -46.63 18.83 -21.34
CA GLY D 133 -47.81 18.13 -20.87
C GLY D 133 -48.88 18.10 -21.93
N VAL D 134 -49.62 19.19 -22.05
CA VAL D 134 -50.70 19.31 -23.03
C VAL D 134 -50.64 20.62 -23.83
N LYS D 135 -50.41 21.72 -23.14
CA LYS D 135 -50.33 23.02 -23.82
C LYS D 135 -49.09 23.05 -24.72
N GLY D 136 -49.28 23.51 -25.94
CA GLY D 136 -48.16 23.60 -26.87
C GLY D 136 -48.31 22.68 -28.06
N ASN D 137 -47.25 22.57 -28.86
CA ASN D 137 -47.29 21.72 -30.05
C ASN D 137 -46.58 20.41 -29.82
N LYS D 138 -46.65 19.53 -30.83
CA LYS D 138 -46.01 18.23 -30.78
C LYS D 138 -44.55 18.39 -30.41
N GLU D 139 -44.07 19.63 -30.52
CA GLU D 139 -42.69 19.92 -30.18
C GLU D 139 -42.50 21.32 -29.68
N LEU D 140 -41.23 21.65 -29.48
CA LEU D 140 -40.83 22.95 -28.99
C LEU D 140 -39.96 23.65 -30.03
N PRO D 141 -39.96 24.98 -30.01
CA PRO D 141 -39.15 25.77 -30.94
C PRO D 141 -37.74 25.18 -31.02
N ASP D 142 -37.17 25.12 -32.20
CA ASP D 142 -35.82 24.59 -32.30
C ASP D 142 -35.00 25.52 -31.40
N SER D 143 -33.98 24.97 -30.74
CA SER D 143 -33.16 25.74 -29.83
C SER D 143 -32.24 26.72 -30.55
N LYS D 144 -31.60 26.25 -31.63
CA LYS D 144 -30.70 27.08 -32.43
C LYS D 144 -31.34 28.45 -32.58
N GLU D 145 -32.59 28.44 -33.05
CA GLU D 145 -33.37 29.67 -33.22
C GLU D 145 -33.29 30.44 -31.91
N VAL D 146 -34.20 30.14 -31.00
CA VAL D 146 -34.25 30.78 -29.68
C VAL D 146 -32.86 31.29 -29.29
N LEU D 147 -31.92 30.35 -29.33
CA LEU D 147 -30.52 30.58 -29.01
C LEU D 147 -30.10 31.92 -29.62
N GLU D 148 -30.15 31.94 -30.95
CA GLU D 148 -29.82 33.14 -31.72
C GLU D 148 -30.93 34.18 -31.53
N LYS D 149 -32.12 33.86 -32.03
CA LYS D 149 -33.28 34.73 -31.93
C LYS D 149 -33.43 35.56 -30.66
N VAL D 150 -32.75 35.21 -29.57
CA VAL D 150 -32.89 36.02 -28.36
C VAL D 150 -31.85 35.79 -27.30
N LEU D 151 -30.92 34.87 -27.54
CA LEU D 151 -29.92 34.62 -26.52
C LEU D 151 -28.51 35.16 -26.80
N LEU D 152 -27.90 34.69 -27.87
CA LEU D 152 -26.55 35.11 -28.20
C LEU D 152 -26.33 36.61 -28.09
N ARG D 153 -25.23 36.98 -27.45
CA ARG D 153 -24.89 38.39 -27.27
C ARG D 153 -24.47 39.03 -28.58
N ARG D 154 -25.06 40.20 -28.88
CA ARG D 154 -24.69 40.94 -30.08
C ARG D 154 -23.69 41.97 -29.56
N GLU D 155 -24.21 42.97 -28.87
CA GLU D 155 -23.36 44.00 -28.30
C GLU D 155 -23.22 43.58 -26.85
N PHE D 156 -21.98 43.42 -26.38
CA PHE D 156 -21.78 43.02 -24.99
C PHE D 156 -22.57 43.93 -24.04
N ILE D 157 -23.37 43.33 -23.18
CA ILE D 157 -24.13 44.09 -22.20
C ILE D 157 -23.47 43.95 -20.85
N PRO D 158 -23.04 45.07 -20.26
CA PRO D 158 -22.40 44.95 -18.95
C PRO D 158 -23.44 44.80 -17.88
N ASP D 159 -23.11 44.10 -16.81
CA ASP D 159 -24.08 43.99 -15.76
C ASP D 159 -24.15 45.34 -15.08
N PRO D 160 -25.35 45.93 -15.00
CA PRO D 160 -25.46 47.22 -14.33
C PRO D 160 -24.93 47.15 -12.89
N GLN D 161 -25.02 45.96 -12.27
CA GLN D 161 -24.60 45.76 -10.89
C GLN D 161 -23.09 45.83 -10.61
N GLY D 162 -22.28 45.89 -11.66
CA GLY D 162 -20.85 46.00 -11.49
C GLY D 162 -20.10 44.70 -11.30
N SER D 163 -20.80 43.59 -11.50
CA SER D 163 -20.21 42.27 -11.35
C SER D 163 -18.92 42.10 -12.14
N ASN D 164 -17.78 42.16 -11.44
CA ASN D 164 -16.47 42.00 -12.08
C ASN D 164 -16.19 40.55 -12.44
N MET D 165 -14.98 40.31 -12.92
CA MET D 165 -14.57 38.96 -13.31
C MET D 165 -14.39 38.10 -12.06
N MET D 166 -13.94 38.73 -10.97
CA MET D 166 -13.77 38.02 -9.72
C MET D 166 -15.07 37.25 -9.51
N PHE D 167 -16.12 37.99 -9.19
CA PHE D 167 -17.40 37.37 -8.99
C PHE D 167 -17.64 36.24 -9.97
N ALA D 168 -17.62 36.54 -11.26
CA ALA D 168 -17.86 35.50 -12.24
C ALA D 168 -17.09 34.22 -11.90
N PHE D 169 -15.77 34.27 -12.00
CA PHE D 169 -14.95 33.09 -11.72
C PHE D 169 -15.24 32.44 -10.37
N PHE D 170 -15.63 33.24 -9.38
CA PHE D 170 -15.94 32.70 -8.08
C PHE D 170 -17.14 31.85 -8.38
N ALA D 171 -18.31 32.49 -8.48
CA ALA D 171 -19.54 31.79 -8.82
C ALA D 171 -19.22 30.56 -9.65
N GLN D 172 -18.44 30.74 -10.71
CA GLN D 172 -18.08 29.62 -11.58
C GLN D 172 -17.39 28.53 -10.76
N HIS D 173 -16.26 28.90 -10.18
CA HIS D 173 -15.45 28.01 -9.35
C HIS D 173 -16.27 27.39 -8.23
N PHE D 174 -16.86 28.23 -7.40
CA PHE D 174 -17.69 27.79 -6.27
C PHE D 174 -18.78 26.80 -6.70
N THR D 175 -19.75 27.26 -7.47
CA THR D 175 -20.82 26.37 -7.90
C THR D 175 -20.32 25.05 -8.48
N HIS D 176 -19.05 24.97 -8.84
CA HIS D 176 -18.55 23.76 -9.46
C HIS D 176 -18.34 22.54 -8.56
N GLN D 177 -18.70 22.69 -7.29
CA GLN D 177 -18.57 21.56 -6.37
C GLN D 177 -19.93 20.87 -6.45
N PHE D 178 -21.00 21.60 -6.12
CA PHE D 178 -22.32 20.98 -6.17
C PHE D 178 -22.67 20.51 -7.57
N PHE D 179 -22.73 21.42 -8.52
CA PHE D 179 -23.04 21.02 -9.89
C PHE D 179 -21.80 20.32 -10.39
N LYS D 180 -21.98 19.12 -10.91
CA LYS D 180 -20.86 18.33 -11.42
C LYS D 180 -21.40 17.20 -12.26
N THR D 181 -22.52 17.47 -12.89
CA THR D 181 -23.18 16.51 -13.75
C THR D 181 -22.26 15.46 -14.37
N ASP D 182 -22.63 14.20 -14.17
CA ASP D 182 -21.89 13.08 -14.73
C ASP D 182 -22.59 12.74 -16.02
N HIS D 183 -22.01 13.18 -17.13
CA HIS D 183 -22.61 12.95 -18.43
C HIS D 183 -22.61 11.50 -18.88
N LYS D 184 -21.58 10.75 -18.49
CA LYS D 184 -21.53 9.34 -18.87
C LYS D 184 -22.87 8.74 -18.50
N ARG D 185 -23.39 9.19 -17.36
CA ARG D 185 -24.67 8.72 -16.85
C ARG D 185 -25.83 9.47 -17.50
N GLY D 186 -25.79 10.79 -17.41
CA GLY D 186 -26.85 11.58 -17.99
C GLY D 186 -26.87 13.01 -17.46
N PRO D 187 -27.80 13.84 -17.95
CA PRO D 187 -27.90 15.23 -17.51
C PRO D 187 -28.42 15.37 -16.10
N GLY D 188 -29.28 14.43 -15.72
CA GLY D 188 -29.87 14.44 -14.39
C GLY D 188 -29.00 13.96 -13.23
N PHE D 189 -27.90 13.28 -13.53
CA PHE D 189 -27.04 12.77 -12.47
C PHE D 189 -25.85 13.63 -12.10
N THR D 190 -25.61 13.80 -10.80
CA THR D 190 -24.47 14.57 -10.33
C THR D 190 -23.41 13.56 -9.87
N ARG D 191 -22.17 14.01 -9.77
CA ARG D 191 -21.06 13.17 -9.33
C ARG D 191 -20.63 13.68 -7.96
N GLY D 192 -21.10 14.86 -7.62
CA GLY D 192 -20.79 15.44 -6.34
C GLY D 192 -21.85 14.97 -5.37
N LEU D 193 -21.63 13.79 -4.80
CA LEU D 193 -22.57 13.21 -3.86
C LEU D 193 -22.63 14.06 -2.59
N GLY D 194 -21.62 14.91 -2.43
CA GLY D 194 -21.59 15.80 -1.30
C GLY D 194 -22.84 16.65 -1.31
N HIS D 195 -23.46 16.75 -2.50
CA HIS D 195 -24.66 17.54 -2.67
C HIS D 195 -24.65 18.78 -1.83
N GLY D 196 -23.56 19.53 -1.93
CA GLY D 196 -23.47 20.76 -1.16
C GLY D 196 -22.05 21.27 -0.93
N VAL D 197 -21.97 22.39 -0.22
CA VAL D 197 -20.70 23.03 0.07
C VAL D 197 -19.81 22.12 0.89
N ASP D 198 -19.01 21.32 0.22
CA ASP D 198 -18.11 20.43 0.92
C ASP D 198 -16.68 20.57 0.44
N LEU D 199 -16.43 21.61 -0.36
CA LEU D 199 -15.11 21.90 -0.92
C LEU D 199 -14.46 20.67 -1.49
N ASN D 200 -15.26 19.83 -2.11
CA ASN D 200 -14.71 18.64 -2.70
C ASN D 200 -13.85 19.03 -3.89
N HIS D 201 -14.06 20.25 -4.40
CA HIS D 201 -13.30 20.76 -5.54
C HIS D 201 -11.88 21.10 -5.13
N ILE D 202 -11.67 21.24 -3.82
CA ILE D 202 -10.36 21.54 -3.28
C ILE D 202 -9.67 20.29 -2.84
N TYR D 203 -10.45 19.35 -2.29
CA TYR D 203 -9.92 18.09 -1.78
C TYR D 203 -10.34 16.81 -2.49
N GLY D 204 -10.98 16.93 -3.65
CA GLY D 204 -11.39 15.74 -4.37
C GLY D 204 -12.62 15.14 -3.74
N GLU D 205 -13.34 14.30 -4.46
CA GLU D 205 -14.54 13.69 -3.89
C GLU D 205 -14.14 12.46 -3.12
N THR D 206 -13.34 11.59 -3.75
CA THR D 206 -12.90 10.36 -3.09
C THR D 206 -11.69 10.61 -2.21
N LEU D 207 -11.58 9.77 -1.17
CA LEU D 207 -10.47 9.82 -0.21
C LEU D 207 -9.19 9.62 -0.98
N ASP D 208 -9.18 8.58 -1.81
CA ASP D 208 -8.03 8.27 -2.63
C ASP D 208 -7.45 9.55 -3.23
N ARG D 209 -8.30 10.29 -3.92
CA ARG D 209 -7.91 11.55 -4.51
C ARG D 209 -7.36 12.44 -3.41
N GLN D 210 -8.24 12.73 -2.45
CA GLN D 210 -7.89 13.59 -1.32
C GLN D 210 -6.50 13.34 -0.78
N HIS D 211 -6.18 12.08 -0.56
CA HIS D 211 -4.89 11.71 0.00
C HIS D 211 -3.73 12.09 -0.88
N LYS D 212 -3.93 12.01 -2.19
CA LYS D 212 -2.89 12.37 -3.14
C LYS D 212 -2.68 13.88 -3.13
N LEU D 213 -3.75 14.61 -2.83
CA LEU D 213 -3.67 16.07 -2.79
C LEU D 213 -3.19 16.49 -1.42
N ARG D 214 -2.99 15.50 -0.56
CA ARG D 214 -2.52 15.77 0.79
C ARG D 214 -1.01 15.57 0.88
N LEU D 215 -0.40 16.37 1.74
CA LEU D 215 1.03 16.29 1.94
C LEU D 215 1.34 15.42 3.16
N PHE D 216 0.34 15.29 4.05
CA PHE D 216 0.46 14.50 5.27
C PHE D 216 1.58 15.00 6.14
N LYS D 217 1.44 16.27 6.51
CA LYS D 217 2.38 16.96 7.37
C LYS D 217 1.63 18.22 7.71
N ASP D 218 1.39 18.44 8.98
CA ASP D 218 0.68 19.64 9.42
C ASP D 218 -0.66 19.75 8.70
N GLY D 219 -1.16 18.59 8.26
CA GLY D 219 -2.44 18.53 7.57
C GLY D 219 -2.52 19.44 6.36
N LYS D 220 -1.38 19.68 5.73
CA LYS D 220 -1.31 20.56 4.56
C LYS D 220 -1.53 19.84 3.24
N LEU D 221 -2.09 20.57 2.29
CA LEU D 221 -2.33 20.05 0.95
C LEU D 221 -1.02 20.20 0.19
N LYS D 222 -0.65 19.15 -0.53
CA LYS D 222 0.57 19.17 -1.31
C LYS D 222 0.52 20.40 -2.19
N TYR D 223 1.64 21.13 -2.23
CA TYR D 223 1.72 22.32 -3.07
C TYR D 223 3.02 22.32 -3.86
N GLN D 224 3.36 23.48 -4.45
CA GLN D 224 4.59 23.60 -5.23
C GLN D 224 4.96 25.06 -5.41
N VAL D 225 6.25 25.35 -5.38
CA VAL D 225 6.70 26.72 -5.51
C VAL D 225 7.34 27.02 -6.86
N ILE D 226 6.69 27.91 -7.60
CA ILE D 226 7.19 28.33 -8.90
C ILE D 226 7.50 29.81 -8.82
N GLY D 227 8.72 30.16 -9.20
CA GLY D 227 9.12 31.55 -9.17
C GLY D 227 8.79 32.19 -7.85
N GLY D 228 9.11 31.50 -6.75
CA GLY D 228 8.83 32.04 -5.43
C GLY D 228 7.36 32.18 -5.09
N GLU D 229 6.50 31.49 -5.83
CA GLU D 229 5.07 31.55 -5.56
C GLU D 229 4.46 30.17 -5.28
N VAL D 230 3.44 30.16 -4.42
CA VAL D 230 2.75 28.93 -4.04
C VAL D 230 1.69 28.56 -5.08
N TYR D 231 1.82 27.37 -5.64
CA TYR D 231 0.88 26.91 -6.66
C TYR D 231 0.49 25.46 -6.45
N PRO D 232 -0.70 25.07 -6.96
CA PRO D 232 -1.11 23.68 -6.82
C PRO D 232 0.03 22.82 -7.32
N PRO D 233 0.05 21.53 -7.00
CA PRO D 233 1.11 20.65 -7.46
C PRO D 233 0.78 19.91 -8.74
N THR D 234 1.81 19.30 -9.35
CA THR D 234 1.65 18.59 -10.62
C THR D 234 0.98 17.24 -10.58
N VAL D 235 0.41 16.87 -11.73
CA VAL D 235 -0.26 15.59 -11.90
C VAL D 235 0.77 14.49 -11.89
N LYS D 236 1.97 14.80 -12.36
CA LYS D 236 3.05 13.84 -12.45
C LYS D 236 3.67 13.52 -11.09
N ASP D 237 3.27 14.27 -10.07
CA ASP D 237 3.81 14.03 -8.74
C ASP D 237 2.77 13.53 -7.76
N THR D 238 1.51 13.65 -8.15
CA THR D 238 0.42 13.20 -7.29
C THR D 238 -0.42 12.17 -7.99
N GLN D 239 -0.19 12.00 -9.28
CA GLN D 239 -0.94 11.03 -10.09
C GLN D 239 -2.42 11.34 -10.04
N VAL D 240 -2.78 12.48 -9.46
CA VAL D 240 -4.18 12.89 -9.36
C VAL D 240 -4.80 12.93 -10.74
N GLU D 241 -6.10 12.69 -10.82
CA GLU D 241 -6.83 12.72 -12.08
C GLU D 241 -7.21 14.15 -12.48
N MET D 242 -6.64 14.63 -13.59
CA MET D 242 -6.92 15.98 -14.07
C MET D 242 -7.26 15.96 -15.56
N ILE D 243 -8.34 16.66 -15.92
CA ILE D 243 -8.77 16.73 -17.32
C ILE D 243 -7.98 17.79 -18.08
N TYR D 244 -7.06 17.33 -18.93
CA TYR D 244 -6.21 18.22 -19.71
C TYR D 244 -6.04 17.80 -21.18
N PRO D 245 -5.77 18.78 -22.07
CA PRO D 245 -5.58 18.53 -23.50
C PRO D 245 -4.13 18.13 -23.79
N PRO D 246 -3.94 17.10 -24.63
CA PRO D 246 -2.66 16.52 -25.05
C PRO D 246 -1.38 17.37 -25.01
N HIS D 247 -1.44 18.60 -25.51
CA HIS D 247 -0.24 19.44 -25.55
C HIS D 247 0.33 19.90 -24.20
N ILE D 248 -0.54 20.22 -23.25
CA ILE D 248 -0.10 20.71 -21.95
C ILE D 248 1.13 20.01 -21.39
N PRO D 249 2.14 20.79 -20.96
CA PRO D 249 3.35 20.21 -20.41
C PRO D 249 3.13 19.78 -18.97
N GLU D 250 3.74 18.68 -18.57
CA GLU D 250 3.60 18.18 -17.22
C GLU D 250 3.86 19.29 -16.21
N ASN D 251 4.90 20.08 -16.43
CA ASN D 251 5.24 21.16 -15.52
C ASN D 251 4.07 22.13 -15.34
N LEU D 252 3.07 21.98 -16.20
CA LEU D 252 1.91 22.85 -16.15
C LEU D 252 0.65 22.12 -15.75
N GLN D 253 0.64 20.81 -15.92
CA GLN D 253 -0.52 20.00 -15.54
C GLN D 253 -0.79 20.09 -14.05
N PHE D 254 -1.70 20.99 -13.68
CA PHE D 254 -2.03 21.16 -12.28
C PHE D 254 -3.01 20.13 -11.72
N ALA D 255 -2.79 19.78 -10.46
CA ALA D 255 -3.63 18.80 -9.76
C ALA D 255 -4.35 19.51 -8.62
N VAL D 256 -5.68 19.45 -8.64
CA VAL D 256 -6.46 20.09 -7.61
C VAL D 256 -7.75 19.33 -7.39
N GLY D 257 -8.41 19.63 -6.28
CA GLY D 257 -9.66 18.98 -5.94
C GLY D 257 -10.52 18.68 -7.15
N GLN D 258 -10.71 19.67 -8.03
CA GLN D 258 -11.52 19.45 -9.22
C GLN D 258 -10.71 19.13 -10.47
N GLU D 259 -11.03 18.01 -11.10
CA GLU D 259 -10.31 17.56 -12.29
C GLU D 259 -10.42 18.45 -13.53
N VAL D 260 -11.53 19.17 -13.64
CA VAL D 260 -11.75 20.03 -14.79
C VAL D 260 -11.08 21.40 -14.69
N PHE D 261 -11.00 21.94 -13.47
CA PHE D 261 -10.43 23.25 -13.19
C PHE D 261 -9.13 23.71 -13.86
N GLY D 262 -8.46 22.82 -14.57
CA GLY D 262 -7.23 23.21 -15.23
C GLY D 262 -7.45 23.99 -16.51
N LEU D 263 -8.60 23.76 -17.14
CA LEU D 263 -8.95 24.40 -18.40
C LEU D 263 -9.38 25.85 -18.29
N VAL D 264 -9.24 26.44 -17.10
CA VAL D 264 -9.64 27.82 -16.95
C VAL D 264 -8.75 28.57 -15.99
N PRO D 265 -7.75 29.28 -16.51
CA PRO D 265 -6.84 30.03 -15.64
C PRO D 265 -7.62 30.84 -14.59
N GLY D 266 -8.88 31.11 -14.89
CA GLY D 266 -9.70 31.84 -13.94
C GLY D 266 -9.93 30.94 -12.73
N LEU D 267 -10.37 29.73 -13.01
CA LEU D 267 -10.60 28.71 -12.00
C LEU D 267 -9.30 28.44 -11.22
N MET D 268 -8.33 27.86 -11.92
CA MET D 268 -7.05 27.57 -11.36
C MET D 268 -6.57 28.64 -10.36
N MET D 269 -6.73 29.91 -10.74
CA MET D 269 -6.34 31.03 -9.91
C MET D 269 -6.98 30.89 -8.52
N TYR D 270 -8.30 30.80 -8.51
CA TYR D 270 -9.06 30.66 -7.28
C TYR D 270 -8.52 29.48 -6.51
N ALA D 271 -8.48 28.31 -7.16
CA ALA D 271 -7.93 27.11 -6.54
C ALA D 271 -6.71 27.57 -5.74
N THR D 272 -5.64 27.78 -6.48
CA THR D 272 -4.39 28.24 -5.90
C THR D 272 -4.62 29.10 -4.68
N ILE D 273 -5.60 30.01 -4.76
CA ILE D 273 -5.89 30.87 -3.63
C ILE D 273 -6.31 29.99 -2.46
N TRP D 274 -7.49 29.39 -2.58
CA TRP D 274 -8.02 28.52 -1.56
C TRP D 274 -6.98 27.55 -1.05
N LEU D 275 -6.33 26.84 -1.96
CA LEU D 275 -5.29 25.89 -1.54
C LEU D 275 -4.36 26.62 -0.56
N ARG D 276 -3.92 27.80 -0.95
CA ARG D 276 -3.05 28.61 -0.10
C ARG D 276 -3.77 28.88 1.22
N GLU D 277 -5.08 29.16 1.14
CA GLU D 277 -5.88 29.45 2.33
C GLU D 277 -5.78 28.31 3.32
N HIS D 278 -6.12 27.11 2.86
CA HIS D 278 -6.06 25.90 3.67
C HIS D 278 -4.78 25.83 4.50
N ASN D 279 -3.67 25.55 3.81
CA ASN D 279 -2.37 25.47 4.45
C ASN D 279 -2.13 26.68 5.35
N ARG D 280 -2.65 27.83 4.95
CA ARG D 280 -2.49 29.04 5.76
C ARG D 280 -3.11 28.72 7.10
N VAL D 281 -4.34 28.21 7.05
CA VAL D 281 -5.08 27.86 8.26
C VAL D 281 -4.31 26.82 9.06
N CYS D 282 -3.83 25.79 8.36
CA CYS D 282 -3.06 24.74 9.00
C CYS D 282 -2.04 25.35 9.95
N ASP D 283 -1.25 26.31 9.46
CA ASP D 283 -0.25 26.93 10.32
C ASP D 283 -0.85 27.53 11.57
N ILE D 284 -1.92 28.31 11.39
CA ILE D 284 -2.59 28.93 12.53
C ILE D 284 -3.01 27.87 13.55
N LEU D 285 -3.52 26.74 13.08
CA LEU D 285 -3.92 25.68 13.97
C LEU D 285 -2.68 25.11 14.68
N LYS D 286 -1.71 24.61 13.91
CA LYS D 286 -0.46 24.06 14.47
C LYS D 286 0.14 25.00 15.51
N GLN D 287 -0.26 26.26 15.47
CA GLN D 287 0.21 27.23 16.44
C GLN D 287 -0.59 26.98 17.71
N GLU D 288 -1.91 26.94 17.53
CA GLU D 288 -2.84 26.70 18.63
C GLU D 288 -2.62 25.32 19.28
N HIS D 289 -2.47 24.30 18.45
CA HIS D 289 -2.29 22.95 18.93
C HIS D 289 -1.00 22.32 18.45
N PRO D 290 0.11 22.64 19.12
CA PRO D 290 1.40 22.07 18.72
C PRO D 290 1.35 20.56 18.95
N GLU D 291 0.28 20.14 19.60
CA GLU D 291 0.03 18.75 19.93
C GLU D 291 -0.99 18.07 19.04
N TRP D 292 -1.23 18.58 17.83
CA TRP D 292 -2.20 17.95 16.96
C TRP D 292 -1.54 17.13 15.86
N GLY D 293 -2.31 16.24 15.25
CA GLY D 293 -1.75 15.40 14.20
C GLY D 293 -2.05 15.89 12.79
N ASP D 294 -1.27 15.39 11.84
CA ASP D 294 -1.46 15.76 10.45
C ASP D 294 -2.94 15.59 10.12
N GLU D 295 -3.45 14.36 10.26
CA GLU D 295 -4.85 14.09 9.93
C GLU D 295 -5.87 14.86 10.74
N GLN D 296 -5.50 15.49 11.85
CA GLN D 296 -6.50 16.25 12.58
C GLN D 296 -6.50 17.67 12.06
N LEU D 297 -5.29 18.20 11.85
CA LEU D 297 -5.11 19.56 11.31
C LEU D 297 -5.82 19.61 9.98
N PHE D 298 -5.41 18.72 9.08
CA PHE D 298 -6.01 18.65 7.77
C PHE D 298 -7.52 18.66 7.83
N GLN D 299 -8.09 17.95 8.80
CA GLN D 299 -9.56 17.90 8.90
C GLN D 299 -10.16 19.14 9.53
N THR D 300 -9.48 19.69 10.53
CA THR D 300 -10.00 20.90 11.17
C THR D 300 -9.99 22.02 10.14
N SER D 301 -8.89 22.13 9.40
CA SER D 301 -8.77 23.15 8.35
C SER D 301 -10.01 23.06 7.45
N ARG D 302 -10.16 21.94 6.76
CA ARG D 302 -11.28 21.75 5.87
C ARG D 302 -12.59 22.18 6.49
N LEU D 303 -12.69 22.06 7.81
CA LEU D 303 -13.94 22.47 8.46
C LEU D 303 -14.01 23.99 8.51
N ILE D 304 -12.91 24.61 8.93
CA ILE D 304 -12.81 26.06 9.01
C ILE D 304 -13.03 26.67 7.61
N LEU D 305 -12.26 26.20 6.64
CA LEU D 305 -12.38 26.69 5.29
C LEU D 305 -13.85 26.57 4.82
N ILE D 306 -14.46 25.39 4.94
CA ILE D 306 -15.85 25.24 4.53
C ILE D 306 -16.65 26.36 5.21
N GLY D 307 -16.32 26.66 6.45
CA GLY D 307 -17.02 27.71 7.15
C GLY D 307 -16.86 29.00 6.38
N GLU D 308 -15.60 29.44 6.25
CA GLU D 308 -15.27 30.67 5.50
C GLU D 308 -16.12 30.72 4.23
N THR D 309 -15.93 29.73 3.36
CA THR D 309 -16.69 29.67 2.13
C THR D 309 -18.16 30.03 2.36
N ILE D 310 -18.88 29.21 3.10
CA ILE D 310 -20.31 29.48 3.40
C ILE D 310 -20.48 30.95 3.82
N LYS D 311 -19.48 31.51 4.49
CA LYS D 311 -19.53 32.91 4.92
C LYS D 311 -19.35 33.83 3.72
N ILE D 312 -18.17 33.77 3.11
CA ILE D 312 -17.83 34.58 1.96
C ILE D 312 -18.89 34.54 0.87
N VAL D 313 -19.59 33.42 0.75
CA VAL D 313 -20.63 33.35 -0.24
C VAL D 313 -21.81 34.19 0.25
N ILE D 314 -22.50 33.71 1.27
CA ILE D 314 -23.64 34.43 1.82
C ILE D 314 -23.43 35.94 2.04
N GLU D 315 -22.40 36.30 2.78
CA GLU D 315 -22.14 37.70 3.09
C GLU D 315 -21.56 38.60 1.98
N ASP D 316 -20.79 38.02 1.06
CA ASP D 316 -20.24 38.79 -0.05
C ASP D 316 -21.05 38.38 -1.24
N TYR D 317 -20.48 37.50 -2.06
CA TYR D 317 -21.16 36.97 -3.23
C TYR D 317 -22.66 37.26 -3.16
N VAL D 318 -23.43 36.37 -2.56
CA VAL D 318 -24.87 36.59 -2.45
C VAL D 318 -25.28 38.01 -2.10
N GLN D 319 -24.59 38.63 -1.16
CA GLN D 319 -24.93 39.99 -0.77
C GLN D 319 -25.00 40.86 -2.02
N HIS D 320 -23.86 41.01 -2.67
CA HIS D 320 -23.74 41.79 -3.89
C HIS D 320 -24.82 41.38 -4.88
N LEU D 321 -24.82 40.10 -5.25
CA LEU D 321 -25.82 39.58 -6.17
C LEU D 321 -27.23 40.11 -5.90
N SER D 322 -27.49 40.49 -4.66
CA SER D 322 -28.81 41.00 -4.28
C SER D 322 -28.94 42.51 -4.34
N GLY D 323 -27.79 43.18 -4.19
CA GLY D 323 -27.79 44.63 -4.21
C GLY D 323 -28.70 45.21 -3.15
N TYR D 324 -29.02 44.41 -2.13
CA TYR D 324 -29.89 44.91 -1.07
C TYR D 324 -29.03 45.86 -0.27
N HIS D 325 -29.68 46.72 0.51
CA HIS D 325 -28.94 47.65 1.32
C HIS D 325 -28.68 47.01 2.68
N PHE D 326 -29.55 46.06 3.03
CA PHE D 326 -29.42 45.34 4.29
C PHE D 326 -28.19 44.44 4.15
N LYS D 327 -27.31 44.46 5.14
CA LYS D 327 -26.12 43.63 5.08
C LYS D 327 -26.45 42.20 5.48
N LEU D 328 -26.45 41.31 4.50
CA LEU D 328 -26.72 39.91 4.74
C LEU D 328 -25.73 39.34 5.74
N LYS D 329 -26.25 38.61 6.72
CA LYS D 329 -25.43 38.01 7.77
C LYS D 329 -25.49 36.49 7.78
N PHE D 330 -24.37 35.85 8.02
CA PHE D 330 -24.34 34.39 8.08
C PHE D 330 -24.11 33.98 9.54
N ASP D 331 -25.18 33.53 10.18
CA ASP D 331 -25.13 33.13 11.57
C ASP D 331 -26.18 32.04 11.78
N PRO D 332 -25.73 30.77 11.84
CA PRO D 332 -26.64 29.62 12.01
C PRO D 332 -27.47 29.70 13.29
N GLU D 333 -26.94 30.44 14.26
CA GLU D 333 -27.60 30.64 15.53
C GLU D 333 -28.97 31.22 15.35
N LEU D 334 -29.32 31.49 14.11
CA LEU D 334 -30.60 32.08 13.79
C LEU D 334 -31.66 31.00 13.60
N LEU D 335 -31.21 29.80 13.24
CA LEU D 335 -32.13 28.70 12.99
C LEU D 335 -32.23 27.75 14.17
N PHE D 336 -31.52 28.09 15.24
CA PHE D 336 -31.49 27.26 16.43
C PHE D 336 -32.81 27.19 17.21
N ASN D 337 -33.90 27.57 16.56
CA ASN D 337 -35.21 27.51 17.16
C ASN D 337 -36.16 27.59 15.99
N GLN D 338 -35.63 27.23 14.83
CA GLN D 338 -36.36 27.24 13.59
C GLN D 338 -36.41 25.83 13.04
N GLN D 339 -37.60 25.38 12.69
CA GLN D 339 -37.79 24.03 12.16
C GLN D 339 -37.07 23.91 10.82
N PHE D 340 -35.75 23.81 10.89
CA PHE D 340 -34.94 23.72 9.70
C PHE D 340 -34.26 22.36 9.54
N GLN D 341 -34.35 21.81 8.34
CA GLN D 341 -33.74 20.52 8.05
C GLN D 341 -32.29 20.66 7.65
N TYR D 342 -31.38 20.49 8.61
CA TYR D 342 -29.96 20.60 8.34
C TYR D 342 -29.47 19.49 7.42
N GLN D 343 -29.92 19.55 6.17
CA GLN D 343 -29.54 18.55 5.17
C GLN D 343 -29.83 19.14 3.78
N ASN D 344 -29.27 18.55 2.73
CA ASN D 344 -29.49 19.08 1.40
C ASN D 344 -29.22 18.14 0.23
N ARG D 345 -30.10 18.24 -0.77
CA ARG D 345 -29.98 17.47 -2.01
C ARG D 345 -30.05 18.51 -3.11
N ILE D 346 -29.10 18.48 -4.06
CA ILE D 346 -29.05 19.45 -5.16
C ILE D 346 -30.03 19.18 -6.31
N ALA D 347 -30.85 20.19 -6.62
CA ALA D 347 -31.87 20.11 -7.68
C ALA D 347 -31.36 20.40 -9.08
N SER D 348 -31.97 19.76 -10.07
CA SER D 348 -31.59 20.00 -11.47
C SER D 348 -31.77 21.48 -11.81
N GLU D 349 -32.97 21.98 -11.53
CA GLU D 349 -33.33 23.36 -11.76
C GLU D 349 -32.19 24.27 -11.32
N PHE D 350 -31.93 24.28 -10.02
CA PHE D 350 -30.86 25.12 -9.48
C PHE D 350 -29.61 25.03 -10.37
N ASN D 351 -29.35 23.86 -10.93
CA ASN D 351 -28.19 23.70 -11.78
C ASN D 351 -28.33 24.51 -13.05
N THR D 352 -29.48 24.36 -13.70
CA THR D 352 -29.72 25.10 -14.93
C THR D 352 -29.66 26.60 -14.68
N LEU D 353 -30.49 27.11 -13.77
CA LEU D 353 -30.46 28.54 -13.45
C LEU D 353 -29.02 29.03 -13.36
N TYR D 354 -28.11 28.13 -13.01
CA TYR D 354 -26.71 28.48 -12.89
C TYR D 354 -26.10 28.95 -14.20
N HIS D 355 -26.44 28.28 -15.30
CA HIS D 355 -25.94 28.62 -16.63
C HIS D 355 -26.02 30.13 -16.90
N TRP D 356 -25.09 30.83 -16.24
CA TRP D 356 -24.96 32.26 -16.26
C TRP D 356 -23.92 32.76 -17.25
N HIS D 357 -23.89 32.16 -18.43
CA HIS D 357 -22.95 32.54 -19.48
C HIS D 357 -22.80 34.05 -19.72
N PRO D 358 -23.92 34.77 -19.87
CA PRO D 358 -23.88 36.22 -20.08
C PRO D 358 -22.79 36.92 -19.27
N LEU D 359 -22.46 36.39 -18.11
CA LEU D 359 -21.43 36.99 -17.26
C LEU D 359 -20.12 37.07 -18.01
N LEU D 360 -19.84 36.00 -18.72
CA LEU D 360 -18.63 35.85 -19.50
C LEU D 360 -18.35 37.02 -20.43
N PRO D 361 -17.13 37.60 -20.34
CA PRO D 361 -16.76 38.72 -21.21
C PRO D 361 -16.47 38.23 -22.63
N ASP D 362 -16.02 39.14 -23.49
CA ASP D 362 -15.71 38.78 -24.88
C ASP D 362 -14.23 38.52 -25.01
N THR D 363 -13.48 39.11 -24.10
CA THR D 363 -12.05 38.93 -24.05
C THR D 363 -11.72 38.92 -22.57
N PHE D 364 -10.49 38.54 -22.25
CA PHE D 364 -10.08 38.48 -20.87
C PHE D 364 -8.89 39.39 -20.74
N ASN D 365 -9.12 40.54 -20.14
CA ASN D 365 -8.08 41.52 -19.99
C ASN D 365 -7.32 41.39 -18.69
N ILE D 366 -6.13 40.83 -18.81
CA ILE D 366 -5.25 40.65 -17.68
C ILE D 366 -4.17 41.71 -17.83
N GLU D 367 -4.21 42.72 -16.98
CA GLU D 367 -3.22 43.79 -17.05
C GLU D 367 -3.36 44.43 -18.43
N ASP D 368 -2.25 44.56 -19.14
CA ASP D 368 -2.26 45.14 -20.47
C ASP D 368 -3.09 44.24 -21.37
N GLN D 369 -2.54 43.08 -21.67
CA GLN D 369 -3.17 42.09 -22.53
C GLN D 369 -4.69 41.98 -22.50
N GLU D 370 -5.19 41.29 -23.49
CA GLU D 370 -6.61 41.02 -23.65
C GLU D 370 -6.60 39.64 -24.31
N TYR D 371 -7.42 38.71 -23.82
CA TYR D 371 -7.41 37.38 -24.39
C TYR D 371 -8.75 36.96 -24.89
N SER D 372 -8.72 35.94 -25.75
CA SER D 372 -9.94 35.41 -26.32
C SER D 372 -10.18 34.08 -25.66
N PHE D 373 -11.41 33.60 -25.75
CA PHE D 373 -11.73 32.30 -25.16
C PHE D 373 -10.72 31.32 -25.74
N LYS D 374 -10.62 31.34 -27.07
CA LYS D 374 -9.68 30.50 -27.80
C LYS D 374 -8.29 30.59 -27.18
N GLN D 375 -7.97 31.76 -26.63
CA GLN D 375 -6.67 32.01 -26.00
C GLN D 375 -6.65 31.45 -24.59
N PHE D 376 -7.44 32.08 -23.70
CA PHE D 376 -7.57 31.71 -22.29
C PHE D 376 -7.61 30.21 -22.01
N LEU D 377 -8.57 29.53 -22.61
CA LEU D 377 -8.77 28.10 -22.43
C LEU D 377 -7.53 27.26 -22.30
N TYR D 378 -7.49 26.50 -21.21
CA TYR D 378 -6.39 25.60 -20.88
C TYR D 378 -5.01 26.25 -20.93
N ASN D 379 -4.97 27.57 -20.82
CA ASN D 379 -3.68 28.24 -20.86
C ASN D 379 -3.29 28.78 -19.52
N ASN D 380 -3.04 27.87 -18.58
CA ASN D 380 -2.65 28.30 -17.25
C ASN D 380 -1.30 28.98 -17.34
N SER D 381 -0.64 28.81 -18.49
CA SER D 381 0.66 29.44 -18.70
C SER D 381 0.41 30.92 -18.47
N ILE D 382 -0.79 31.34 -18.83
CA ILE D 382 -1.21 32.73 -18.65
C ILE D 382 -1.05 33.06 -17.18
N LEU D 383 -1.81 32.36 -16.35
CA LEU D 383 -1.78 32.54 -14.91
C LEU D 383 -0.36 32.69 -14.41
N LEU D 384 0.47 31.70 -14.74
CA LEU D 384 1.87 31.68 -14.33
C LEU D 384 2.60 32.93 -14.79
N GLU D 385 2.35 33.31 -16.03
CA GLU D 385 2.97 34.48 -16.65
C GLU D 385 2.78 35.80 -15.89
N HIS D 386 1.52 36.17 -15.67
CA HIS D 386 1.21 37.42 -14.97
C HIS D 386 1.30 37.37 -13.45
N GLY D 387 0.84 36.28 -12.86
CA GLY D 387 0.87 36.19 -11.41
C GLY D 387 -0.50 36.35 -10.83
N LEU D 388 -0.71 35.76 -9.66
CA LEU D 388 -2.00 35.82 -9.00
C LEU D 388 -2.42 37.25 -8.72
N THR D 389 -1.51 38.01 -8.13
CA THR D 389 -1.76 39.41 -7.77
C THR D 389 -2.35 40.22 -8.90
N GLN D 390 -1.71 40.18 -10.06
CA GLN D 390 -2.23 40.93 -11.20
C GLN D 390 -3.63 40.39 -11.45
N PHE D 391 -3.68 39.11 -11.83
CA PHE D 391 -4.93 38.43 -12.09
C PHE D 391 -6.05 38.99 -11.22
N VAL D 392 -5.76 39.07 -9.93
CA VAL D 392 -6.73 39.57 -8.98
C VAL D 392 -7.15 40.94 -9.46
N GLU D 393 -6.26 41.91 -9.23
CA GLU D 393 -6.49 43.29 -9.64
C GLU D 393 -7.25 43.37 -10.96
N SER D 394 -6.64 42.83 -12.01
CA SER D 394 -7.25 42.80 -13.31
C SER D 394 -8.68 42.35 -13.25
N PHE D 395 -8.90 41.10 -12.86
CA PHE D 395 -10.23 40.54 -12.76
C PHE D 395 -11.12 41.33 -11.81
N THR D 396 -10.51 42.03 -10.88
CA THR D 396 -11.28 42.81 -9.92
C THR D 396 -11.99 43.99 -10.59
N ARG D 397 -11.65 44.25 -11.85
CA ARG D 397 -12.29 45.37 -12.57
C ARG D 397 -13.02 44.97 -13.86
N GLN D 398 -12.43 44.08 -14.64
CA GLN D 398 -13.07 43.68 -15.89
C GLN D 398 -14.55 43.28 -15.75
N ILE D 399 -15.43 44.27 -15.73
CA ILE D 399 -16.87 44.01 -15.61
C ILE D 399 -17.34 42.79 -16.40
N ALA D 400 -18.36 42.13 -15.84
CA ALA D 400 -18.94 40.93 -16.43
C ALA D 400 -20.29 41.28 -17.03
N GLY D 401 -20.66 40.51 -18.06
CA GLY D 401 -21.92 40.75 -18.76
C GLY D 401 -23.17 40.49 -17.96
N ARG D 402 -24.15 41.39 -18.11
CA ARG D 402 -25.45 41.28 -17.44
C ARG D 402 -26.01 39.93 -17.89
N VAL D 403 -26.99 39.41 -17.18
CA VAL D 403 -27.51 38.11 -17.55
C VAL D 403 -28.99 37.99 -17.83
N ALA D 404 -29.81 38.81 -17.18
CA ALA D 404 -31.25 38.74 -17.39
C ALA D 404 -31.76 39.57 -18.56
N GLY D 405 -31.05 40.64 -18.89
CA GLY D 405 -31.43 41.52 -19.99
C GLY D 405 -31.93 40.89 -21.28
N GLY D 406 -31.13 40.00 -21.84
CA GLY D 406 -31.53 39.34 -23.08
C GLY D 406 -30.38 39.32 -24.04
N ARG D 407 -30.44 38.36 -24.98
CA ARG D 407 -29.43 38.18 -26.01
C ARG D 407 -28.03 38.68 -25.60
N ASN D 408 -27.44 38.06 -24.57
CA ASN D 408 -26.12 38.48 -24.11
C ASN D 408 -25.21 37.27 -23.86
N VAL D 409 -25.42 36.22 -24.64
CA VAL D 409 -24.61 35.00 -24.50
C VAL D 409 -23.46 34.90 -25.49
N PRO D 410 -22.23 34.98 -24.99
CA PRO D 410 -21.05 34.87 -25.86
C PRO D 410 -21.24 33.81 -26.93
N ILE D 411 -20.68 34.05 -28.10
CA ILE D 411 -20.84 33.11 -29.21
C ILE D 411 -19.96 31.88 -29.02
N ALA D 412 -18.85 32.06 -28.31
CA ALA D 412 -17.95 30.94 -28.05
C ALA D 412 -18.76 29.92 -27.22
N VAL D 413 -19.49 30.47 -26.25
CA VAL D 413 -20.35 29.72 -25.34
C VAL D 413 -21.57 29.14 -26.07
N GLN D 414 -21.70 29.48 -27.33
CA GLN D 414 -22.81 29.04 -28.15
C GLN D 414 -23.29 27.65 -27.76
N ALA D 415 -22.49 26.64 -28.14
CA ALA D 415 -22.77 25.24 -27.88
C ALA D 415 -23.43 25.00 -26.53
N VAL D 416 -22.75 25.46 -25.49
CA VAL D 416 -23.22 25.29 -24.12
C VAL D 416 -24.67 25.72 -23.95
N ALA D 417 -24.89 27.02 -23.94
CA ALA D 417 -26.22 27.58 -23.79
C ALA D 417 -27.28 26.80 -24.55
N LYS D 418 -26.94 26.32 -25.74
CA LYS D 418 -27.91 25.55 -26.52
C LYS D 418 -28.23 24.29 -25.72
N ALA D 419 -27.17 23.57 -25.34
CA ALA D 419 -27.34 22.38 -24.54
C ALA D 419 -28.27 22.76 -23.39
N SER D 420 -27.85 23.74 -22.60
CA SER D 420 -28.66 24.18 -21.48
C SER D 420 -30.14 24.11 -21.79
N ILE D 421 -30.50 24.34 -23.05
CA ILE D 421 -31.90 24.26 -23.46
C ILE D 421 -32.25 22.84 -23.82
N ASP D 422 -31.49 22.27 -24.76
CA ASP D 422 -31.70 20.89 -25.19
C ASP D 422 -31.96 19.99 -23.98
N GLN D 423 -31.02 20.05 -23.03
CA GLN D 423 -31.07 19.26 -21.80
C GLN D 423 -32.41 19.31 -21.10
N SER D 424 -32.69 20.44 -20.45
CA SER D 424 -33.94 20.62 -19.73
C SER D 424 -35.08 19.96 -20.48
N ARG D 425 -34.99 20.00 -21.81
CA ARG D 425 -36.01 19.39 -22.63
C ARG D 425 -35.96 17.88 -22.42
N GLU D 426 -34.78 17.29 -22.56
CA GLU D 426 -34.64 15.85 -22.35
C GLU D 426 -35.21 15.51 -20.98
N MET D 427 -34.72 16.20 -19.96
CA MET D 427 -35.17 15.99 -18.59
C MET D 427 -36.63 16.46 -18.45
N LYS D 428 -37.38 16.43 -19.55
CA LYS D 428 -38.77 16.86 -19.54
C LYS D 428 -39.08 17.93 -18.50
N TYR D 429 -38.24 18.96 -18.41
CA TYR D 429 -38.47 20.06 -17.47
C TYR D 429 -39.88 20.57 -17.69
N GLN D 430 -40.42 21.28 -16.71
CA GLN D 430 -41.78 21.79 -16.84
C GLN D 430 -41.81 23.19 -17.41
N SER D 431 -43.00 23.75 -17.54
CA SER D 431 -43.17 25.09 -18.08
C SER D 431 -42.60 26.13 -17.11
N LEU D 432 -42.13 27.25 -17.65
CA LEU D 432 -41.58 28.31 -16.81
C LEU D 432 -42.65 28.89 -15.88
N ASN D 433 -43.90 28.85 -16.33
CA ASN D 433 -45.00 29.36 -15.54
C ASN D 433 -45.23 28.37 -14.40
N GLU D 434 -44.95 27.11 -14.66
CA GLU D 434 -45.10 26.08 -13.64
C GLU D 434 -44.07 26.40 -12.56
N TYR D 435 -42.80 26.40 -12.94
CA TYR D 435 -41.73 26.70 -12.00
C TYR D 435 -41.92 28.07 -11.35
N ARG D 436 -42.73 28.91 -12.00
CA ARG D 436 -42.99 30.24 -11.45
C ARG D 436 -44.00 30.05 -10.36
N LYS D 437 -45.12 29.43 -10.74
CA LYS D 437 -46.22 29.13 -9.83
C LYS D 437 -45.64 28.43 -8.61
N ARG D 438 -44.83 27.41 -8.89
CA ARG D 438 -44.18 26.59 -7.88
C ARG D 438 -43.68 27.47 -6.74
N PHE D 439 -42.81 28.40 -7.07
CA PHE D 439 -42.28 29.28 -6.04
C PHE D 439 -43.16 30.47 -5.75
N SER D 440 -44.47 30.22 -5.76
CA SER D 440 -45.51 31.22 -5.51
C SER D 440 -45.29 32.54 -6.25
N LEU D 441 -45.10 32.41 -7.57
CA LEU D 441 -44.88 33.56 -8.42
C LEU D 441 -46.03 33.61 -9.39
N LYS D 442 -46.63 34.80 -9.57
CA LYS D 442 -47.73 34.96 -10.51
C LYS D 442 -47.11 34.63 -11.86
N PRO D 443 -47.74 33.75 -12.63
CA PRO D 443 -47.15 33.40 -13.94
C PRO D 443 -47.20 34.59 -14.91
N TYR D 444 -46.30 34.57 -15.90
CA TYR D 444 -46.25 35.63 -16.92
C TYR D 444 -47.35 35.42 -17.95
N THR D 445 -48.21 36.44 -18.05
CA THR D 445 -49.37 36.43 -18.94
C THR D 445 -49.06 36.73 -20.39
N SER D 446 -47.87 37.27 -20.65
CA SER D 446 -47.44 37.63 -22.01
C SER D 446 -45.92 37.70 -22.10
N PHE D 447 -45.37 37.34 -23.26
CA PHE D 447 -43.92 37.38 -23.40
C PHE D 447 -43.43 38.78 -23.14
N GLU D 448 -44.27 39.76 -23.47
CA GLU D 448 -43.93 41.16 -23.26
C GLU D 448 -43.77 41.46 -21.78
N GLU D 449 -44.49 40.71 -20.96
CA GLU D 449 -44.42 40.90 -19.52
C GLU D 449 -43.09 40.33 -19.02
N LEU D 450 -42.76 39.15 -19.53
CA LEU D 450 -41.54 38.48 -19.14
C LEU D 450 -40.31 39.29 -19.51
N THR D 451 -40.41 40.09 -20.57
CA THR D 451 -39.28 40.88 -21.05
C THR D 451 -39.41 42.37 -20.83
N GLY D 452 -40.63 42.86 -20.88
CA GLY D 452 -40.86 44.28 -20.75
C GLY D 452 -40.81 44.86 -22.16
N GLU D 453 -39.65 44.70 -22.81
CA GLU D 453 -39.45 45.18 -24.19
C GLU D 453 -40.39 44.39 -25.08
N LYS D 454 -40.70 44.94 -26.25
CA LYS D 454 -41.60 44.26 -27.17
C LYS D 454 -40.86 43.47 -28.24
N GLU D 455 -39.61 43.84 -28.50
CA GLU D 455 -38.82 43.17 -29.54
C GLU D 455 -38.82 41.66 -29.36
N MET D 456 -37.86 41.17 -28.57
CA MET D 456 -37.68 39.76 -28.26
C MET D 456 -39.03 39.11 -28.01
N ALA D 457 -39.78 39.71 -27.09
CA ALA D 457 -41.11 39.22 -26.75
C ALA D 457 -41.85 38.76 -28.01
N ALA D 458 -42.12 39.71 -28.90
CA ALA D 458 -42.80 39.42 -30.14
C ALA D 458 -42.04 38.30 -30.86
N GLU D 459 -40.73 38.42 -30.89
CA GLU D 459 -39.88 37.42 -31.55
C GLU D 459 -40.13 36.03 -30.98
N LEU D 460 -40.29 35.97 -29.66
CA LEU D 460 -40.52 34.69 -28.98
C LEU D 460 -41.94 34.19 -29.25
N LYS D 461 -42.92 35.08 -29.03
CA LYS D 461 -44.33 34.78 -29.22
C LYS D 461 -44.51 34.11 -30.57
N ALA D 462 -43.57 34.39 -31.45
CA ALA D 462 -43.57 33.81 -32.78
C ALA D 462 -43.31 32.33 -32.60
N LEU D 463 -42.24 32.07 -31.87
CA LEU D 463 -41.75 30.73 -31.58
C LEU D 463 -42.56 29.84 -30.62
N TYR D 464 -42.98 30.38 -29.49
CA TYR D 464 -43.71 29.59 -28.48
C TYR D 464 -45.23 29.67 -28.55
N SER D 465 -45.75 30.77 -29.07
CA SER D 465 -47.20 30.98 -29.16
C SER D 465 -47.78 31.19 -27.76
N ASP D 466 -47.99 30.11 -27.00
CA ASP D 466 -48.54 30.25 -25.65
C ASP D 466 -47.46 30.58 -24.64
N ILE D 467 -47.61 31.73 -23.98
CA ILE D 467 -46.66 32.19 -22.97
C ILE D 467 -46.33 31.02 -22.03
N ASP D 468 -47.38 30.28 -21.62
CA ASP D 468 -47.23 29.13 -20.75
C ASP D 468 -46.12 28.24 -21.28
N VAL D 469 -46.28 27.75 -22.50
CA VAL D 469 -45.27 26.88 -23.10
C VAL D 469 -43.84 27.44 -23.13
N MET D 470 -43.64 28.62 -22.54
CA MET D 470 -42.31 29.20 -22.51
C MET D 470 -41.40 28.38 -21.59
N GLU D 471 -40.22 28.04 -22.09
CA GLU D 471 -39.26 27.29 -21.30
C GLU D 471 -38.59 28.20 -20.25
N LEU D 472 -38.31 27.62 -19.08
CA LEU D 472 -37.69 28.31 -17.97
C LEU D 472 -36.32 28.88 -18.29
N TYR D 473 -35.32 28.00 -18.39
CA TYR D 473 -33.95 28.44 -18.70
C TYR D 473 -33.92 29.64 -19.64
N PRO D 474 -34.55 29.51 -20.83
CA PRO D 474 -34.56 30.61 -21.78
C PRO D 474 -35.13 31.83 -21.10
N ALA D 475 -36.40 31.71 -20.76
CA ALA D 475 -37.11 32.78 -20.10
C ALA D 475 -36.27 33.48 -19.04
N LEU D 476 -35.35 32.74 -18.45
CA LEU D 476 -34.53 33.31 -17.40
C LEU D 476 -33.51 34.31 -17.88
N LEU D 477 -32.80 33.96 -18.95
CA LEU D 477 -31.77 34.81 -19.55
C LEU D 477 -32.40 36.01 -20.28
N VAL D 478 -33.59 35.78 -20.80
CA VAL D 478 -34.32 36.80 -21.54
C VAL D 478 -35.20 37.60 -20.58
N GLU D 479 -35.51 37.00 -19.45
CA GLU D 479 -36.35 37.63 -18.44
C GLU D 479 -36.09 39.15 -18.39
N LYS D 480 -37.05 39.88 -17.85
CA LYS D 480 -36.92 41.33 -17.77
C LYS D 480 -36.27 41.80 -16.46
N PRO D 481 -34.97 42.05 -16.48
CA PRO D 481 -34.23 42.52 -15.30
C PRO D 481 -34.93 43.45 -14.32
N ARG D 482 -34.40 43.48 -13.12
CA ARG D 482 -34.94 44.33 -12.09
C ARG D 482 -34.21 45.64 -12.31
N PRO D 483 -34.80 46.74 -11.84
CA PRO D 483 -34.22 48.07 -11.98
C PRO D 483 -32.70 48.12 -11.81
N ASP D 484 -31.97 47.88 -12.90
CA ASP D 484 -30.50 47.91 -12.88
C ASP D 484 -29.89 46.65 -12.32
N ALA D 485 -30.74 45.69 -12.01
CA ALA D 485 -30.26 44.42 -11.46
C ALA D 485 -29.68 43.59 -12.58
N ILE D 486 -29.08 42.47 -12.22
CA ILE D 486 -28.48 41.59 -13.20
C ILE D 486 -29.39 40.42 -13.49
N PHE D 487 -30.32 40.18 -12.57
CA PHE D 487 -31.26 39.07 -12.72
C PHE D 487 -32.69 39.57 -12.70
N GLY D 488 -33.59 38.73 -13.20
CA GLY D 488 -35.00 39.09 -13.18
C GLY D 488 -35.52 38.63 -11.82
N GLU D 489 -36.84 38.50 -11.68
CA GLU D 489 -37.40 38.05 -10.41
C GLU D 489 -37.32 36.54 -10.38
N THR D 490 -37.81 35.91 -11.44
CA THR D 490 -37.76 34.46 -11.53
C THR D 490 -36.42 33.88 -11.03
N MET D 491 -35.33 34.14 -11.73
CA MET D 491 -34.04 33.57 -11.30
C MET D 491 -33.74 33.85 -9.82
N VAL D 492 -34.08 35.04 -9.34
CA VAL D 492 -33.79 35.31 -7.95
C VAL D 492 -34.63 34.42 -7.05
N GLU D 493 -35.96 34.46 -7.23
CA GLU D 493 -36.88 33.70 -6.39
C GLU D 493 -36.75 32.18 -6.46
N LEU D 494 -35.85 31.67 -7.29
CA LEU D 494 -35.68 30.24 -7.38
C LEU D 494 -34.39 29.87 -6.64
N GLY D 495 -33.31 30.54 -7.01
CA GLY D 495 -32.04 30.25 -6.39
C GLY D 495 -31.98 30.75 -4.95
N ALA D 496 -32.84 31.69 -4.58
CA ALA D 496 -32.80 32.19 -3.22
C ALA D 496 -33.03 31.02 -2.27
N PRO D 497 -34.13 30.27 -2.45
CA PRO D 497 -34.41 29.14 -1.58
C PRO D 497 -33.32 28.11 -1.81
N PHE D 498 -33.37 27.51 -2.98
CA PHE D 498 -32.41 26.50 -3.38
C PHE D 498 -31.04 26.74 -2.74
N SER D 499 -30.59 27.98 -2.79
CA SER D 499 -29.29 28.33 -2.25
C SER D 499 -29.18 28.27 -0.75
N LEU D 500 -29.90 29.17 -0.07
CA LEU D 500 -29.83 29.23 1.39
C LEU D 500 -30.09 27.91 2.08
N LYS D 501 -30.42 26.89 1.29
CA LYS D 501 -30.63 25.55 1.81
C LYS D 501 -29.20 25.03 1.90
N GLY D 502 -28.71 24.40 0.84
CA GLY D 502 -27.36 23.87 0.81
C GLY D 502 -26.33 24.79 1.45
N LEU D 503 -26.71 26.04 1.69
CA LEU D 503 -25.81 26.97 2.32
C LEU D 503 -25.93 26.75 3.83
N MET D 504 -27.16 26.87 4.33
CA MET D 504 -27.44 26.67 5.75
C MET D 504 -27.52 25.18 6.10
N GLY D 505 -28.29 24.44 5.33
CA GLY D 505 -28.46 23.02 5.54
C GLY D 505 -27.18 22.23 5.65
N ASN D 506 -26.05 22.91 5.56
CA ASN D 506 -24.79 22.22 5.69
C ASN D 506 -24.60 21.83 7.15
N PRO D 507 -24.03 20.63 7.37
CA PRO D 507 -23.78 20.12 8.71
C PRO D 507 -23.28 21.19 9.65
N ILE D 508 -22.07 21.65 9.42
CA ILE D 508 -21.43 22.66 10.26
C ILE D 508 -22.32 23.81 10.72
N CYS D 509 -23.48 23.94 10.11
CA CYS D 509 -24.38 25.03 10.50
C CYS D 509 -25.39 24.58 11.55
N SER D 510 -25.34 23.27 11.83
CA SER D 510 -26.22 22.64 12.79
C SER D 510 -25.72 22.87 14.22
N PRO D 511 -26.65 22.83 15.19
CA PRO D 511 -26.34 23.05 16.61
C PRO D 511 -25.14 22.29 17.15
N GLN D 512 -25.16 20.97 16.99
CA GLN D 512 -24.06 20.17 17.51
C GLN D 512 -22.83 20.24 16.62
N TYR D 513 -22.51 21.43 16.14
CA TYR D 513 -21.36 21.61 15.26
C TYR D 513 -20.89 23.05 15.37
N TRP D 514 -21.85 23.95 15.48
CA TRP D 514 -21.55 25.35 15.60
C TRP D 514 -20.90 25.72 16.94
N LYS D 515 -19.59 25.49 17.05
CA LYS D 515 -18.85 25.83 18.28
C LYS D 515 -17.33 25.74 18.09
N PRO D 516 -16.59 26.63 18.75
CA PRO D 516 -15.12 26.73 18.68
C PRO D 516 -14.44 25.37 18.53
N SER D 517 -14.81 24.48 19.45
CA SER D 517 -14.29 23.13 19.48
C SER D 517 -14.21 22.58 18.06
N THR D 518 -15.39 22.49 17.43
CA THR D 518 -15.51 21.98 16.08
C THR D 518 -14.43 22.45 15.17
N PHE D 519 -13.83 23.59 15.50
CA PHE D 519 -12.78 24.19 14.67
C PHE D 519 -11.44 24.46 15.36
N GLY D 520 -11.09 23.70 16.39
CA GLY D 520 -9.83 23.96 17.06
C GLY D 520 -10.01 25.16 17.97
N GLY D 521 -11.27 25.41 18.35
CA GLY D 521 -11.57 26.51 19.27
C GLY D 521 -11.66 27.91 18.68
N GLU D 522 -12.00 28.87 19.55
CA GLU D 522 -12.16 30.28 19.21
C GLU D 522 -11.31 30.82 18.08
N VAL D 523 -9.99 30.71 18.21
CA VAL D 523 -9.09 31.20 17.17
C VAL D 523 -9.58 30.74 15.80
N GLY D 524 -9.41 29.45 15.52
CA GLY D 524 -9.85 28.91 14.24
C GLY D 524 -11.33 29.14 13.97
N PHE D 525 -12.10 29.46 15.00
CA PHE D 525 -13.52 29.70 14.85
C PHE D 525 -13.66 31.09 14.25
N LYS D 526 -13.11 32.08 14.97
CA LYS D 526 -13.15 33.46 14.53
C LYS D 526 -12.90 33.50 13.04
N ILE D 527 -11.79 32.90 12.62
CA ILE D 527 -11.44 32.84 11.22
C ILE D 527 -12.69 32.83 10.34
N ILE D 528 -13.53 31.82 10.49
CA ILE D 528 -14.75 31.77 9.69
C ILE D 528 -15.62 33.00 9.89
N ASN D 529 -15.93 33.31 11.14
CA ASN D 529 -16.77 34.47 11.44
C ASN D 529 -16.22 35.82 10.96
N THR D 530 -14.96 35.83 10.57
CA THR D 530 -14.33 37.04 10.07
C THR D 530 -13.65 36.68 8.76
N ALA D 531 -14.46 36.34 7.78
CA ALA D 531 -13.95 35.95 6.49
C ALA D 531 -14.67 36.75 5.41
N SER D 532 -13.88 37.29 4.49
CA SER D 532 -14.40 38.08 3.38
C SER D 532 -13.58 37.74 2.15
N ILE D 533 -14.24 37.68 1.00
CA ILE D 533 -13.52 37.38 -0.22
C ILE D 533 -12.29 38.25 -0.16
N GLN D 534 -12.45 39.44 0.40
CA GLN D 534 -11.37 40.40 0.53
C GLN D 534 -10.17 39.77 1.22
N SER D 535 -10.29 39.55 2.52
CA SER D 535 -9.22 38.94 3.29
C SER D 535 -8.77 37.64 2.60
N LEU D 536 -9.72 36.83 2.16
CA LEU D 536 -9.39 35.57 1.53
C LEU D 536 -8.25 35.83 0.57
N ILE D 537 -8.39 36.92 -0.18
CA ILE D 537 -7.38 37.30 -1.16
C ILE D 537 -6.26 38.04 -0.46
N CYS D 538 -6.62 38.87 0.51
CA CYS D 538 -5.64 39.65 1.24
C CYS D 538 -4.53 38.74 1.78
N ASN D 539 -4.93 37.72 2.52
CA ASN D 539 -3.99 36.79 3.11
C ASN D 539 -3.29 35.93 2.09
N ASN D 540 -4.07 35.22 1.29
CA ASN D 540 -3.52 34.32 0.31
C ASN D 540 -2.72 34.94 -0.84
N VAL D 541 -3.03 36.18 -1.19
CA VAL D 541 -2.33 36.84 -2.30
C VAL D 541 -1.36 37.93 -1.87
N LYS D 542 -0.27 38.08 -2.62
CA LYS D 542 0.77 39.06 -2.34
C LYS D 542 0.25 40.49 -2.32
N GLY D 543 0.88 41.33 -1.52
CA GLY D 543 0.48 42.73 -1.44
C GLY D 543 -0.97 43.03 -1.07
N CYS D 544 -1.77 42.03 -0.73
CA CYS D 544 -3.16 42.26 -0.34
C CYS D 544 -3.90 43.14 -1.35
N PRO D 545 -3.85 42.77 -2.63
CA PRO D 545 -4.53 43.54 -3.68
C PRO D 545 -6.00 43.69 -3.36
N PHE D 546 -6.48 44.92 -3.24
CA PHE D 546 -7.89 45.14 -2.94
C PHE D 546 -8.77 44.34 -3.91
N THR D 547 -9.96 43.98 -3.46
CA THR D 547 -10.89 43.26 -4.33
C THR D 547 -12.30 43.39 -3.81
N SER D 548 -13.22 42.95 -4.65
CA SER D 548 -14.63 42.99 -4.35
C SER D 548 -15.24 42.24 -5.51
N PHE D 549 -16.52 41.91 -5.41
CA PHE D 549 -17.16 41.22 -6.51
C PHE D 549 -17.79 42.33 -7.32
N ASN D 550 -17.45 43.55 -6.91
CA ASN D 550 -17.94 44.76 -7.55
C ASN D 550 -16.81 45.55 -8.15
N VAL D 551 -16.96 45.95 -9.41
CA VAL D 551 -15.93 46.71 -10.07
C VAL D 551 -16.09 48.18 -9.69
N GLN D 552 -15.59 48.51 -8.48
CA GLN D 552 -15.65 49.86 -7.95
C GLN D 552 -17.01 50.52 -8.19
C1 NAG E . 35.05 -22.76 -39.34
C2 NAG E . 34.79 -23.28 -40.75
C3 NAG E . 36.07 -23.20 -41.58
C4 NAG E . 36.66 -21.78 -41.55
C5 NAG E . 36.75 -21.22 -40.10
C6 NAG E . 37.09 -19.74 -40.03
C7 NAG E . 33.03 -24.92 -40.49
C8 NAG E . 32.65 -26.40 -40.44
N2 NAG E . 34.32 -24.65 -40.69
O3 NAG E . 35.81 -23.56 -42.92
O4 NAG E . 37.99 -21.83 -42.12
O5 NAG E . 35.49 -21.40 -39.39
O6 NAG E . 37.00 -19.25 -38.69
O7 NAG E . 32.18 -24.04 -40.33
C1 NAG E . 38.32 -21.08 -43.25
C2 NAG E . 39.84 -21.21 -43.48
C3 NAG E . 40.27 -20.54 -44.81
C4 NAG E . 39.41 -21.06 -45.97
C5 NAG E . 37.91 -20.92 -45.64
C6 NAG E . 37.01 -21.53 -46.71
C7 NAG E . 40.45 -19.41 -41.96
C8 NAG E . 41.28 -19.01 -40.74
N2 NAG E . 40.58 -20.69 -42.34
O3 NAG E . 41.65 -20.83 -45.06
O4 NAG E . 39.70 -20.32 -47.15
O5 NAG E . 37.61 -21.61 -44.39
O6 NAG E . 37.31 -22.91 -46.90
O7 NAG E . 39.76 -18.59 -42.55
C1 NAG F . 2.79 -14.73 20.27
C2 NAG F . 1.48 -15.09 20.97
C3 NAG F . 1.44 -14.48 22.37
C4 NAG F . 2.68 -14.87 23.20
C5 NAG F . 3.99 -14.62 22.38
C6 NAG F . 5.23 -15.22 23.04
C7 NAG F . -0.14 -15.37 19.21
C8 NAG F . -1.33 -14.80 18.46
N2 NAG F . 0.35 -14.62 20.19
O3 NAG F . 0.26 -14.92 23.05
O4 NAG F . 2.70 -14.04 24.41
O5 NAG F . 3.90 -15.22 21.05
O6 NAG F . 6.37 -15.11 22.20
O7 NAG F . 0.33 -16.48 18.91
C1 NAG F . 2.66 -14.62 25.69
C2 NAG F . 2.89 -13.49 26.73
C3 NAG F . 2.73 -14.02 28.17
C4 NAG F . 1.39 -14.75 28.32
C5 NAG F . 1.21 -15.83 27.21
C6 NAG F . -0.17 -16.49 27.24
C7 NAG F . 5.31 -13.55 26.63
C8 NAG F . 6.59 -12.76 26.37
N2 NAG F . 4.18 -12.86 26.52
O3 NAG F . 2.80 -12.95 29.10
O4 NAG F . 1.31 -15.37 29.60
O5 NAG F . 1.37 -15.22 25.89
O6 NAG F . -1.21 -15.54 27.07
O7 NAG F . 5.36 -14.75 26.93
C1 NAG G . -12.10 19.38 36.48
C2 NAG G . -11.84 19.87 37.91
C3 NAG G . -10.43 19.47 38.35
C4 NAG G . -10.19 17.96 38.16
C5 NAG G . -10.62 17.49 36.75
C6 NAG G . -10.62 15.97 36.59
C7 NAG G . -13.18 21.87 38.07
C8 NAG G . -13.21 23.38 38.13
N2 NAG G . -11.98 21.32 37.96
O3 NAG G . -10.24 19.81 39.71
O4 NAG G . -8.77 17.71 38.33
O5 NAG G . -11.96 17.94 36.43
O6 NAG G . -11.15 15.61 35.33
O7 NAG G . -14.22 21.21 38.12
C1 NAG G . -8.31 16.85 39.32
C2 NAG G . -6.81 16.65 39.13
C3 NAG G . -6.19 15.82 40.28
C4 NAG G . -6.56 16.44 41.63
C5 NAG G . -8.10 16.66 41.74
C6 NAG G . -8.51 17.39 43.01
C7 NAG G . -7.03 14.85 37.50
C8 NAG G . -6.68 14.37 36.10
N2 NAG G . -6.54 16.05 37.83
O3 NAG G . -4.77 15.79 40.14
O4 NAG G . -6.14 15.59 42.68
O5 NAG G . -8.57 17.45 40.61
O6 NAG G . -7.90 18.67 43.09
O7 NAG G . -7.72 14.17 38.27
C1 NAG H . -60.02 21.50 -12.17
C2 NAG H . -61.37 22.14 -12.48
C3 NAG H . -61.93 21.62 -13.82
C4 NAG H . -60.90 21.78 -14.95
C5 NAG H . -59.51 21.22 -14.53
C6 NAG H . -58.39 21.55 -15.52
C7 NAG H . -62.35 22.63 -10.32
C8 NAG H . -63.35 22.25 -9.25
N2 NAG H . -62.31 21.86 -11.41
O3 NAG H . -63.12 22.32 -14.17
O4 NAG H . -61.37 21.03 -16.10
O5 NAG H . -59.09 21.77 -13.24
O6 NAG H . -57.12 21.18 -15.01
O7 NAG H . -61.60 23.59 -10.17
C1 NAG H . -61.62 21.68 -17.32
C2 NAG H . -61.92 20.60 -18.37
C3 NAG H . -62.35 21.22 -19.73
C4 NAG H . -63.50 22.22 -19.49
C5 NAG H . -63.14 23.24 -18.38
C6 NAG H . -64.29 24.16 -18.02
C7 NAG H . -59.60 20.19 -18.95
C8 NAG H . -58.49 19.15 -19.06
N2 NAG H . -60.78 19.73 -18.54
O3 NAG H . -62.78 20.20 -20.62
O4 NAG H . -63.78 22.91 -20.71
O5 NAG H . -62.75 22.55 -17.16
O6 NAG H . -65.39 23.43 -17.51
O7 NAG H . -59.39 21.36 -19.24
C1 NAG I . 44.40 -8.64 -8.61
C2 NAG I . 45.15 -8.65 -7.28
C3 NAG I . 46.29 -7.61 -7.26
C4 NAG I . 47.24 -7.88 -8.43
C5 NAG I . 46.42 -7.85 -9.73
C6 NAG I . 47.24 -8.22 -10.96
C7 NAG I . 44.10 -9.24 -5.22
C8 NAG I . 43.11 -8.87 -4.14
N2 NAG I . 44.21 -8.38 -6.20
O3 NAG I . 47.01 -7.70 -6.04
O4 NAG I . 48.28 -6.90 -8.44
O5 NAG I . 45.34 -8.82 -9.69
O6 NAG I . 47.02 -9.59 -11.30
O7 NAG I . 44.75 -10.29 -5.16
C1 NAG J . 33.89 30.45 -9.48
C2 NAG J . 34.47 31.40 -10.54
C3 NAG J . 34.41 32.87 -10.04
C4 NAG J . 33.00 33.23 -9.60
C5 NAG J . 32.48 32.21 -8.56
C6 NAG J . 31.02 32.42 -8.20
C7 NAG J . 36.15 30.27 -11.89
C8 NAG J . 37.63 29.99 -12.13
N2 NAG J . 35.85 31.05 -10.85
O3 NAG J . 34.82 33.74 -11.08
O4 NAG J . 32.98 34.53 -9.03
O5 NAG J . 32.56 30.87 -9.11
O6 NAG J . 30.18 31.91 -9.21
O7 NAG J . 35.28 29.79 -12.64
C1 BOG K . 10.64 -2.31 -37.73
O1 BOG K . 9.50 -3.15 -37.94
C2 BOG K . 11.81 -2.76 -38.61
O2 BOG K . 12.14 -4.11 -38.33
C3 BOG K . 13.03 -1.83 -38.38
O3 BOG K . 14.12 -2.21 -39.19
C4 BOG K . 12.63 -0.39 -38.71
O4 BOG K . 13.74 0.48 -38.51
C5 BOG K . 11.43 0.02 -37.82
O5 BOG K . 10.32 -0.91 -38.02
C6 BOG K . 10.98 1.45 -38.14
O6 BOG K . 10.60 2.14 -36.95
C1' BOG K . 8.43 -2.94 -36.99
C2' BOG K . 7.32 -3.91 -37.33
C3' BOG K . 6.24 -3.86 -36.25
C4' BOG K . 5.09 -4.81 -36.51
C5' BOG K . 4.06 -4.70 -35.39
C6' BOG K . 2.98 -5.75 -35.50
C7' BOG K . 1.97 -5.62 -34.37
C8' BOG K . 0.87 -6.67 -34.47
C1 PGX L . 16.91 0.86 -22.47
C2 PGX L . 17.47 2.15 -21.91
C3 PGX L . 18.74 2.67 -22.59
C4 PGX L . 19.97 2.65 -21.66
C5 PGX L . 20.69 1.31 -21.62
C6 PGX L . 22.01 1.09 -21.62
C7 PGX L . 23.16 2.10 -21.68
C8 PGX L . 24.14 2.04 -20.45
C9 PGX L . 25.69 1.94 -20.74
C10 PGX L . 26.31 2.15 -19.36
C11 PGX L . 25.68 3.53 -19.41
C12 PGX L . 24.14 3.25 -19.48
C13 PGX L . 23.55 3.15 -18.08
C14 PGX L . 22.28 2.82 -17.91
C15 PGX L . 21.59 2.69 -16.59
C16 PGX L . 21.84 1.29 -15.97
C17 PGX L . 22.66 1.26 -14.69
C18 PGX L . 22.85 -0.18 -14.17
C19 PGX L . 23.67 -0.18 -12.87
C20 PGX L . 23.87 -1.59 -12.33
O1 PGX L . 15.66 0.72 -22.57
O2 PGX L . 17.69 -0.05 -22.82
O3 PGX L . 26.18 3.09 -21.46
O4 PGX L . 26.18 4.05 -20.66
O5 PGX L . 20.17 2.85 -16.81
C1 NAG M . 34.53 -5.55 8.55
C2 NAG M . 35.56 -4.57 8.01
C3 NAG M . 36.70 -4.36 9.02
C4 NAG M . 36.12 -3.92 10.38
C5 NAG M . 35.09 -4.97 10.83
C6 NAG M . 34.36 -4.56 12.09
C7 NAG M . 36.03 -4.37 5.67
C8 NAG M . 36.63 -5.01 4.44
N2 NAG M . 36.11 -5.08 6.78
O3 NAG M . 37.58 -3.37 8.53
O4 NAG M . 37.16 -3.79 11.34
O5 NAG M . 34.05 -5.12 9.83
O6 NAG M . 33.11 -3.98 11.73
O7 NAG M . 35.49 -3.26 5.63
C1 NAG N . 59.65 -36.46 16.25
C2 NAG N . 59.90 -36.95 17.69
C3 NAG N . 61.26 -37.66 17.77
C4 NAG N . 61.37 -38.77 16.70
C5 NAG N . 61.03 -38.22 15.31
C6 NAG N . 60.93 -39.30 14.24
C7 NAG N . 58.74 -35.51 19.25
C8 NAG N . 58.83 -34.34 20.22
N2 NAG N . 59.87 -35.84 18.63
O3 NAG N . 61.43 -38.22 19.06
O4 NAG N . 62.69 -39.30 16.71
O5 NAG N . 59.74 -37.56 15.33
O6 NAG N . 59.70 -40.00 14.34
O7 NAG N . 57.67 -36.09 19.06
C1 BOG O . 11.25 -43.81 11.80
O1 BOG O . 10.18 -44.32 10.99
C2 BOG O . 10.70 -42.87 12.91
O2 BOG O . 9.96 -41.80 12.34
C3 BOG O . 11.87 -42.36 13.77
O3 BOG O . 11.38 -41.53 14.79
C4 BOG O . 12.62 -43.56 14.38
O4 BOG O . 13.69 -43.13 15.17
C5 BOG O . 13.14 -44.46 13.25
O5 BOG O . 12.02 -44.89 12.41
C6 BOG O . 13.87 -45.67 13.82
O6 BOG O . 15.06 -45.92 13.09
C1' BOG O . 10.62 -44.92 9.77
C2' BOG O . 9.41 -45.24 8.92
C3' BOG O . 9.84 -45.83 7.58
C4' BOG O . 8.67 -46.18 6.69
C5' BOG O . 9.17 -46.77 5.37
C6' BOG O . 8.03 -47.14 4.43
C7' BOG O . 8.56 -47.72 3.13
C8' BOG O . 7.43 -48.09 2.19
C1 PGX P . 25.02 -35.15 5.60
C2 PGX P . 26.51 -35.47 5.72
C3 PGX P . 27.15 -35.17 7.11
C4 PGX P . 28.20 -34.04 7.04
C5 PGX P . 27.60 -32.63 7.11
C6 PGX P . 28.06 -31.57 7.82
C7 PGX P . 29.28 -31.49 8.74
C8 PGX P . 30.36 -30.43 8.31
C9 PGX P . 30.89 -29.42 9.38
C10 PGX P . 32.03 -28.73 8.67
C11 PGX P . 32.70 -30.11 8.63
C12 PGX P . 31.72 -30.98 7.77
C13 PGX P . 32.07 -30.88 6.30
C14 PGX P . 31.31 -31.43 5.37
C15 PGX P . 31.54 -31.40 3.89
C16 PGX P . 30.97 -30.10 3.27
C17 PGX P . 32.00 -29.12 2.69
C18 PGX P . 31.34 -27.87 2.09
C19 PGX P . 32.42 -26.93 1.52
C20 PGX P . 31.82 -25.67 0.90
O1 PGX P . 24.29 -35.93 4.95
O2 PGX P . 24.57 -34.12 6.14
O3 PGX P . 31.59 -30.09 10.47
O4 PGX P . 32.67 -30.49 10.01
O5 PGX P . 30.87 -32.53 3.31
C1 NAG Q . -14.56 5.40 4.43
C2 NAG Q . -14.25 5.26 2.94
C3 NAG Q . -13.49 3.97 2.66
C4 NAG Q . -12.20 3.96 3.47
C5 NAG Q . -12.59 4.08 4.96
C6 NAG Q . -11.40 4.17 5.90
C7 NAG Q . -15.65 6.18 1.23
C8 NAG Q . -17.00 6.09 0.51
N2 NAG Q . -15.48 5.27 2.18
O3 NAG Q . -13.21 3.86 1.26
O4 NAG Q . -11.46 2.76 3.21
O5 NAG Q . -13.35 5.31 5.19
O6 NAG Q . -11.22 5.53 6.30
O7 NAG Q . -14.79 7.03 0.93
C1 NAG R . -32.75 -30.65 8.35
C2 NAG R . -32.13 -31.78 9.21
C3 NAG R . -32.65 -33.16 8.74
C4 NAG R . -34.20 -33.17 8.71
C5 NAG R . -34.72 -31.98 7.88
C6 NAG R . -36.24 -31.84 7.94
C7 NAG R . -29.96 -31.04 10.00
C8 NAG R . -28.45 -31.07 9.82
N2 NAG R . -30.68 -31.73 9.12
O3 NAG R . -32.18 -34.18 9.61
O4 NAG R . -34.65 -34.39 8.15
O5 NAG R . -34.18 -30.73 8.40
O6 NAG R . -36.63 -31.21 9.15
O7 NAG R . -30.46 -30.39 10.92
C1 BOG S . -39.66 3.93 41.65
O1 BOG S . -40.53 4.96 42.19
C2 BOG S . -38.32 3.90 42.44
O2 BOG S . -37.68 5.17 42.36
C3 BOG S . -37.41 2.78 41.87
O3 BOG S . -36.19 2.73 42.58
C4 BOG S . -38.14 1.44 41.98
O4 BOG S . -37.33 0.40 41.49
C5 BOG S . -39.49 1.51 41.21
O5 BOG S . -40.30 2.61 41.73
C6 BOG S . -40.26 0.20 41.33
O6 BOG S . -40.98 -0.06 40.14
C1' BOG S . -41.69 5.22 41.40
C2' BOG S . -42.44 6.39 42.01
C3' BOG S . -43.62 6.77 41.14
C4' BOG S . -44.41 7.93 41.71
C5' BOG S . -45.57 8.27 40.78
C6' BOG S . -46.39 9.46 41.26
C7' BOG S . -47.53 9.75 40.31
C8' BOG S . -48.35 10.93 40.79
C1 PGX T . -37.63 1.01 25.36
C2 PGX T . -37.84 -0.29 24.58
C3 PGX T . -36.67 -1.31 24.67
C4 PGX T . -35.96 -1.53 23.30
C5 PGX T . -34.90 -0.48 22.99
C6 PGX T . -33.67 -0.67 22.45
C7 PGX T . -33.01 -1.98 22.05
C8 PGX T . -32.62 -2.09 20.53
C9 PGX T . -31.18 -2.56 20.16
C10 PGX T . -31.24 -2.73 18.65
C11 PGX T . -32.27 -3.83 18.93
C12 PGX T . -33.44 -3.08 19.63
C13 PGX T . -34.43 -2.57 18.61
C14 PGX T . -35.44 -1.80 18.98
C15 PGX T . -36.47 -1.22 18.06
C16 PGX T . -35.97 0.09 17.42
C17 PGX T . -35.73 0.07 15.92
C18 PGX T . -35.24 1.42 15.40
C19 PGX T . -35.03 1.37 13.87
C20 PGX T . -34.54 2.70 13.32
O1 PGX T . -38.60 1.50 25.95
O2 PGX T . -36.49 1.53 25.38
O3 PGX T . -30.92 -3.91 20.60
O4 PGX T . -31.56 -4.67 19.86
O5 PGX T . -37.66 -0.95 18.83
C1 NAG U . -29.01 5.30 -9.52
C2 NAG U . -28.12 4.07 -9.33
C3 NAG U . -27.40 3.68 -10.62
C4 NAG U . -28.45 3.46 -11.73
C5 NAG U . -29.29 4.74 -11.89
C6 NAG U . -30.42 4.55 -12.88
C7 NAG U . -27.08 3.61 -7.21
C8 NAG U . -26.07 4.07 -6.18
N2 NAG U . -27.16 4.37 -8.30
O3 NAG U . -26.67 2.48 -10.43
O4 NAG U . -27.79 3.12 -12.95
O5 NAG U . -29.91 5.11 -10.64
O6 NAG U . -31.60 4.12 -12.21
O7 NAG U . -27.76 2.59 -7.05
C1 NAG V . -0.81 30.63 -23.91
C2 NAG V . -0.90 31.18 -25.35
C3 NAG V . 0.49 31.60 -25.80
C4 NAG V . 1.11 32.60 -24.80
C5 NAG V . 1.06 32.04 -23.36
C6 NAG V . 1.47 33.06 -22.32
C7 NAG V . -2.75 30.10 -26.51
C8 NAG V . -3.19 29.00 -27.47
N2 NAG V . -1.44 30.17 -26.24
O3 NAG V . 0.42 32.17 -27.10
O4 NAG V . 2.46 32.87 -25.17
O5 NAG V . -0.29 31.64 -23.04
O6 NAG V . 0.41 33.97 -22.07
O7 NAG V . -3.58 30.88 -26.03
C1 BOG W . -43.25 47.38 -6.23
O1 BOG W . -43.96 48.05 -5.18
C2 BOG W . -44.25 46.68 -7.20
O2 BOG W . -45.07 45.75 -6.50
C3 BOG W . -43.47 45.99 -8.34
O3 BOG W . -44.36 45.36 -9.24
C4 BOG W . -42.61 47.04 -9.07
O4 BOG W . -41.87 46.43 -10.12
C5 BOG W . -41.64 47.71 -8.06
O5 BOG W . -42.40 48.31 -6.98
C6 BOG W . -40.80 48.79 -8.76
O6 BOG W . -39.47 48.76 -8.28
C1' BOG W . -43.11 48.55 -4.13
C2' BOG W . -43.99 49.06 -3.00
C3' BOG W . -43.13 49.42 -1.80
C4' BOG W . -43.95 49.95 -0.63
C5' BOG W . -43.03 50.28 0.54
C6' BOG W . -43.80 50.82 1.73
C7' BOG W . -42.87 51.16 2.88
C8' BOG W . -43.64 51.69 4.07
C1 PGX X . -30.38 37.06 -4.30
C2 PGX X . -29.11 36.87 -5.12
C3 PGX X . -29.32 36.40 -6.58
C4 PGX X . -28.78 34.97 -6.82
C5 PGX X . -29.75 33.86 -6.45
C6 PGX X . -30.04 32.74 -7.14
C7 PGX X . -29.47 32.26 -8.47
C8 PGX X . -28.74 30.87 -8.39
C9 PGX X . -29.13 29.77 -9.44
C10 PGX X . -28.06 28.69 -9.23
C11 PGX X . -27.06 29.75 -9.68
C12 PGX X . -27.20 30.88 -8.60
C13 PGX X . -26.24 30.62 -7.44
C14 PGX X . -26.22 31.42 -6.38
C15 PGX X . -25.35 31.27 -5.17
C16 PGX X . -25.92 30.22 -4.19
C17 PGX X . -25.09 28.95 -4.00
C18 PGX X . -25.75 27.99 -3.00
C19 PGX X . -24.91 26.72 -2.82
C20 PGX X . -25.52 25.75 -1.82
O1 PGX X . -30.46 38.03 -3.53
O2 PGX X . -31.32 36.24 -4.42
O3 PGX X . -28.86 30.19 -10.81
O4 PGX X . -27.64 30.18 -10.95
O5 PGX X . -25.28 32.54 -4.49
#